data_8H8C
#
_entry.id   8H8C
#
_cell.length_a   1.00
_cell.length_b   1.00
_cell.length_c   1.00
_cell.angle_alpha   90.00
_cell.angle_beta   90.00
_cell.angle_gamma   90.00
#
_symmetry.space_group_name_H-M   'P 1'
#
loop_
_entity.id
_entity.type
_entity.pdbx_description
1 polymer 'Putative Rhs-family protein'
2 polymer 'C-terminal peptide from Putative Rhs-family protein'
#
loop_
_entity_poly.entity_id
_entity_poly.type
_entity_poly.pdbx_seq_one_letter_code
_entity_poly.pdbx_strand_id
1 'polypeptide(L)'
;MGSSHHHHHHSQDPENLYFQSMIPQFVIPLTNCLGQSYHFSSQPIPKGEHKKFDSEQSAKAFLDDFVPLRSSRVEELYHL
LGQFPPNVPDEELTPELYAPVFAKALVNGSLYVASFPKTKKNATISSEPTPVPKQVKAKSKQNKAHTSSKTQAKNSASAK
PLQTGSECHEKAGDPVSLVTGEEILTLNDVELPNGFVWSRTYRSSKASRNQGLGYGWRHAFQFELKEVTDEKHNVTSWEF
ISDSADEIEFEPVEHGSTSYQVYVGASCHFLNPNIRIVTLSSGDQYRFELVEDIWLLKQVRNGIFSTFQLRYSRNHRLIE
VAHNKRPVLECQYDKQGRLVELLNAKTEQVLTTYIYDEQDDLVGATNDLGLTERYEYQDQHLIAKRVRPTGFTHYFEWSG
EGSSAKCIRNFGDSGIYDYRFHYEGAKSSYSDSLDNEWTFIHDEQGHLLEKSSPTGRTWQWHYDHLGRKEKAVFPDNSTT
QYQYNQQGQLISKLHSSGAQIQYGYDSLGKLVKTVSPDGDLEKAYYNSLGQRVWDIDALGCVTEYEYDKHGQVVKRESED
GKKSRWWWDKQQRLVAHEVDGTLLRYSYGATDLVNGIAYPDGCVAQISYDDYGRRTSIRYFNDEDKVGYSEEYAYDEFSR
VAQIQTPEGVTSYQWGALAQQEAVIFPDGSHISYEYDQQRNLTKLVRSDGLAFEFWYDSEGLLSGTVGFDGLHSQFKYDS
MGRIIRKDVADRTVLYSYDDAGFLQHIKAGNGKNIVENHFNYTLGGRLTLASNRHQTLQYQYSSFGHLTKRIQGQFEIGE
EFNRVGQRVSQTLPDKTSFNFSYDTNGRLSEIRFSDDSLPKIEFQYDVMGRLSVTETESFRESKLYDGVGRLVEQQWSGR
EKKYIYNAQNRISSILDNTAGATHYQYDTLGYVTKVSEAGSTSTFESDSFGNPALADSKVMSDRIEAYAGVRYKYDQQGN
QVKREGDGTVQKRVFDALSQLVEVHGDSSISHYEYDALGRRTKKITQNGITEFLWEGERLLGERTADGFRWYLYQPETYI
PLAVLENGSIYLYECDQVGKPERLKDSAGNIVWSASYDVHGFASIDVEEVRNPLRFQGQYFDQETNLHYNLARYYDPKLG
RFIQQDPISIAGGINHYQYAVNPIQWIDPTGF
;
B,A
2 'polypeptide(L)'
;LCEEGLKRLQQMLAEYQAQSDVPQEVCDQILEAAKESSVGEDGVRSQVKIRKPNGKNNIRYEYDLDHIDCKKNEITFYRH
INYSDGSKRKIQYTVGIEGFVDIYDFVNVQKCDAQVYDTKTSKTVGGRKIINSEFAGKTVTTKGGDVRFDSDGFPDFTPY
SKKTVRVIGLTGDMANDVPLAMARAKITKYDKSKYVWHHHQDGKTMMLIPKSVHSVRNGGVAATGGRSVIQHNLLNPNNK
LNYSSPEELV
;
C,D
#
# COMPACT_ATOMS: atom_id res chain seq x y z
N GLU A 170 -1.08 41.63 -6.02
CA GLU A 170 -1.62 41.44 -7.36
C GLU A 170 -3.12 41.16 -7.30
N LYS A 171 -3.86 41.76 -8.24
CA LYS A 171 -5.32 41.62 -8.34
C LYS A 171 -5.98 42.06 -7.03
N ALA A 172 -5.84 43.35 -6.74
CA ALA A 172 -6.51 43.94 -5.59
C ALA A 172 -7.95 44.34 -5.94
N GLY A 173 -8.10 45.29 -6.84
CA GLY A 173 -9.39 45.63 -7.40
C GLY A 173 -9.41 45.47 -8.90
N ASP A 174 -8.25 45.63 -9.51
CA ASP A 174 -8.00 45.53 -10.93
C ASP A 174 -6.82 44.59 -11.18
N PRO A 175 -6.80 43.86 -12.30
CA PRO A 175 -5.67 42.95 -12.57
C PRO A 175 -4.31 43.63 -12.67
N VAL A 176 -4.26 44.95 -12.48
CA VAL A 176 -2.99 45.66 -12.44
C VAL A 176 -2.09 45.04 -11.37
N SER A 177 -0.84 44.81 -11.72
CA SER A 177 0.11 44.20 -10.80
C SER A 177 0.53 45.17 -9.71
N LEU A 178 0.93 44.61 -8.57
CA LEU A 178 1.37 45.39 -7.43
C LEU A 178 2.88 45.53 -7.33
N VAL A 179 3.63 44.77 -8.13
CA VAL A 179 5.09 44.87 -8.09
C VAL A 179 5.56 46.12 -8.82
N THR A 180 4.95 46.42 -9.96
CA THR A 180 5.30 47.60 -10.76
C THR A 180 4.02 48.37 -11.08
N GLY A 181 4.19 49.53 -11.70
CA GLY A 181 3.09 50.40 -12.04
C GLY A 181 2.39 50.10 -13.36
N GLU A 182 2.76 49.00 -14.02
CA GLU A 182 2.13 48.67 -15.30
C GLU A 182 0.68 48.26 -15.09
N GLU A 183 -0.20 48.76 -15.97
CA GLU A 183 -1.62 48.47 -15.90
C GLU A 183 -1.91 47.25 -16.79
N ILE A 184 -2.51 46.22 -16.19
CA ILE A 184 -2.82 44.98 -16.89
C ILE A 184 -4.28 44.66 -16.69
N LEU A 185 -4.96 44.28 -17.77
CA LEU A 185 -6.36 43.86 -17.72
C LEU A 185 -6.63 42.92 -18.87
N THR A 186 -7.32 41.82 -18.58
CA THR A 186 -7.63 40.80 -19.58
C THR A 186 -9.13 40.71 -19.78
N LEU A 187 -9.57 40.82 -21.03
CA LEU A 187 -10.98 40.77 -21.38
C LEU A 187 -11.22 39.65 -22.38
N ASN A 188 -12.32 38.93 -22.18
CA ASN A 188 -12.71 37.85 -23.09
C ASN A 188 -13.66 38.38 -24.16
N ASP A 189 -13.58 37.77 -25.34
CA ASP A 189 -14.38 38.17 -26.48
C ASP A 189 -15.43 37.13 -26.89
N VAL A 190 -15.04 35.86 -26.96
CA VAL A 190 -15.96 34.79 -27.33
C VAL A 190 -15.71 33.60 -26.41
N GLU A 191 -16.76 33.15 -25.74
CA GLU A 191 -16.68 32.01 -24.81
C GLU A 191 -17.58 30.90 -25.38
N LEU A 192 -16.97 30.07 -26.23
CA LEU A 192 -17.71 28.98 -26.84
C LEU A 192 -17.74 27.76 -25.91
N PRO A 193 -18.81 26.96 -25.97
CA PRO A 193 -18.88 25.77 -25.12
C PRO A 193 -17.87 24.69 -25.49
N ASN A 194 -17.25 24.77 -26.68
CA ASN A 194 -16.26 23.78 -27.06
C ASN A 194 -14.99 23.91 -26.22
N GLY A 195 -14.62 25.13 -25.86
CA GLY A 195 -13.44 25.37 -25.05
C GLY A 195 -12.47 26.36 -25.67
N PHE A 196 -12.97 27.15 -26.62
CA PHE A 196 -12.16 28.15 -27.29
C PHE A 196 -12.24 29.48 -26.53
N VAL A 197 -11.09 30.02 -26.15
CA VAL A 197 -11.00 31.26 -25.39
C VAL A 197 -10.17 32.25 -26.21
N TRP A 198 -10.70 33.47 -26.35
CA TRP A 198 -10.04 34.55 -27.08
C TRP A 198 -9.93 35.75 -26.13
N SER A 199 -8.82 35.80 -25.39
CA SER A 199 -8.60 36.84 -24.40
C SER A 199 -7.61 37.87 -24.92
N ARG A 200 -7.86 39.13 -24.59
CA ARG A 200 -7.00 40.24 -24.98
C ARG A 200 -6.54 40.99 -23.74
N THR A 201 -5.25 41.28 -23.67
CA THR A 201 -4.65 41.98 -22.55
C THR A 201 -4.24 43.39 -22.97
N TYR A 202 -3.98 44.24 -21.97
CA TYR A 202 -3.60 45.62 -22.23
C TYR A 202 -2.09 45.80 -22.25
N ARG A 203 -1.42 45.46 -21.15
CA ARG A 203 0.03 45.55 -21.02
C ARG A 203 0.50 46.98 -21.30
N SER A 204 0.11 47.87 -20.37
CA SER A 204 0.44 49.29 -20.50
C SER A 204 1.93 49.53 -20.68
N SER A 205 2.77 48.71 -20.06
CA SER A 205 4.21 48.84 -20.24
C SER A 205 4.60 48.42 -21.66
N LYS A 206 5.63 49.08 -22.18
CA LYS A 206 6.15 48.91 -23.54
C LYS A 206 5.05 48.71 -24.57
N ALA A 207 3.98 49.50 -24.44
CA ALA A 207 2.82 49.42 -25.33
C ALA A 207 2.96 50.29 -26.57
N SER A 208 4.17 50.73 -26.90
CA SER A 208 4.38 51.56 -28.07
C SER A 208 4.37 50.79 -29.38
N ARG A 209 4.22 49.46 -29.32
CA ARG A 209 4.22 48.65 -30.53
C ARG A 209 2.79 48.46 -31.04
N ASN A 210 2.69 48.20 -32.34
CA ASN A 210 1.42 47.99 -33.03
C ASN A 210 1.44 46.60 -33.65
N GLN A 211 0.59 45.70 -33.14
CA GLN A 211 0.51 44.33 -33.64
C GLN A 211 -0.74 44.07 -34.46
N GLY A 212 -1.48 45.12 -34.82
CA GLY A 212 -2.69 44.98 -35.61
C GLY A 212 -3.97 45.24 -34.86
N LEU A 213 -3.90 45.65 -33.59
CA LEU A 213 -5.09 45.94 -32.81
C LEU A 213 -5.04 47.28 -32.08
N GLY A 214 -3.89 47.95 -32.05
CA GLY A 214 -3.75 49.21 -31.35
C GLY A 214 -2.49 49.27 -30.51
N TYR A 215 -2.25 50.41 -29.88
CA TYR A 215 -1.06 50.59 -29.04
C TYR A 215 -1.24 49.79 -27.76
N GLY A 216 -0.63 48.61 -27.70
CA GLY A 216 -0.74 47.75 -26.53
C GLY A 216 -2.02 46.93 -26.53
N TRP A 217 -2.21 46.11 -27.57
CA TRP A 217 -3.38 45.25 -27.66
C TRP A 217 -3.00 44.00 -28.42
N ARG A 218 -3.14 42.85 -27.78
CA ARG A 218 -2.84 41.55 -28.38
C ARG A 218 -4.07 40.67 -28.32
N HIS A 219 -3.91 39.42 -28.77
CA HIS A 219 -5.02 38.46 -28.75
C HIS A 219 -4.59 37.07 -28.30
N ALA A 220 -3.46 36.96 -27.59
CA ALA A 220 -2.98 35.69 -27.05
C ALA A 220 -2.76 34.65 -28.16
N PHE A 221 -2.40 35.12 -29.35
CA PHE A 221 -2.17 34.21 -30.47
C PHE A 221 -0.92 34.61 -31.22
N GLN A 222 -0.17 35.55 -30.64
CA GLN A 222 1.06 36.01 -31.27
C GLN A 222 2.25 35.36 -30.60
N PHE A 223 2.95 34.49 -31.32
CA PHE A 223 4.11 33.81 -30.76
C PHE A 223 5.25 33.85 -31.75
N GLU A 224 5.80 35.03 -32.02
CA GLU A 224 6.84 35.15 -33.04
C GLU A 224 8.24 34.84 -32.53
N LEU A 225 9.19 34.64 -33.45
CA LEU A 225 10.58 34.39 -33.06
C LEU A 225 11.50 35.31 -33.83
N LYS A 226 12.35 36.04 -33.11
CA LYS A 226 13.27 36.96 -33.77
C LYS A 226 14.25 36.24 -34.67
N GLU A 227 14.83 35.15 -34.17
CA GLU A 227 15.81 34.41 -34.95
C GLU A 227 15.30 33.01 -35.23
N VAL A 228 16.18 32.02 -35.18
CA VAL A 228 15.75 30.64 -35.36
C VAL A 228 15.43 29.99 -34.02
N THR A 229 16.43 29.84 -33.17
CA THR A 229 16.21 29.26 -31.85
C THR A 229 17.13 29.82 -30.79
N ASP A 230 16.94 31.09 -30.43
CA ASP A 230 17.74 31.70 -29.38
C ASP A 230 16.86 32.21 -28.26
N GLU A 231 16.14 31.29 -27.61
CA GLU A 231 15.28 31.67 -26.49
C GLU A 231 14.37 32.86 -26.83
N LYS A 232 13.60 32.73 -27.90
CA LYS A 232 12.69 33.81 -28.31
C LYS A 232 11.28 33.32 -28.57
N HIS A 233 10.31 33.90 -27.88
CA HIS A 233 8.92 33.51 -28.08
C HIS A 233 8.01 34.66 -27.64
N ASN A 234 6.81 34.73 -28.21
CA ASN A 234 5.90 35.82 -27.87
C ASN A 234 4.55 35.31 -27.42
N VAL A 235 3.78 36.16 -26.74
CA VAL A 235 2.45 35.79 -26.29
C VAL A 235 1.77 37.02 -25.75
N THR A 236 0.45 36.98 -25.57
CA THR A 236 -0.26 38.15 -25.09
C THR A 236 0.30 38.63 -23.78
N SER A 237 0.81 37.71 -22.97
CA SER A 237 1.37 38.07 -21.67
C SER A 237 2.86 37.85 -21.66
N TRP A 238 3.53 38.18 -22.76
CA TRP A 238 4.98 38.01 -22.85
C TRP A 238 5.65 38.18 -21.49
N THR A 258 18.15 21.69 -27.43
CA THR A 258 17.78 21.50 -26.04
C THR A 258 17.74 22.84 -25.29
N SER A 259 18.87 23.20 -24.68
CA SER A 259 19.01 24.44 -23.93
C SER A 259 17.95 24.54 -22.82
N TYR A 260 17.98 23.54 -21.93
CA TYR A 260 17.02 23.49 -20.84
C TYR A 260 17.30 24.60 -19.83
N GLN A 261 16.24 25.26 -19.39
CA GLN A 261 16.34 26.34 -18.41
C GLN A 261 16.17 25.81 -17.00
N VAL A 262 16.48 26.67 -16.02
CA VAL A 262 16.38 26.30 -14.62
C VAL A 262 15.38 27.24 -13.94
N TYR A 263 15.26 28.46 -14.48
CA TYR A 263 14.36 29.45 -13.90
C TYR A 263 12.94 29.34 -14.42
N VAL A 264 12.76 28.94 -15.68
CA VAL A 264 11.43 28.82 -16.26
C VAL A 264 11.09 27.39 -16.66
N GLY A 265 12.06 26.48 -16.74
CA GLY A 265 11.76 25.10 -17.08
C GLY A 265 11.49 24.85 -18.54
N ALA A 266 11.87 25.76 -19.43
CA ALA A 266 11.63 25.60 -20.85
C ALA A 266 12.79 24.86 -21.50
N SER A 267 12.48 24.09 -22.55
CA SER A 267 13.49 23.32 -23.27
C SER A 267 13.03 23.19 -24.72
N CYS A 268 13.58 24.04 -25.58
CA CYS A 268 13.25 24.05 -27.01
C CYS A 268 14.38 23.36 -27.78
N HIS A 269 14.09 22.19 -28.33
CA HIS A 269 15.07 21.40 -29.07
C HIS A 269 14.81 21.52 -30.56
N PHE A 270 15.90 21.51 -31.33
CA PHE A 270 15.80 21.57 -32.79
C PHE A 270 15.52 20.19 -33.37
N LEU A 271 14.78 20.17 -34.47
CA LEU A 271 14.38 18.92 -35.11
C LEU A 271 14.90 18.82 -36.55
N ASN A 272 14.74 19.87 -37.34
CA ASN A 272 15.14 19.82 -38.75
C ASN A 272 15.67 21.19 -39.18
N PRO A 273 16.92 21.25 -39.66
CA PRO A 273 17.43 22.55 -40.16
C PRO A 273 16.73 23.05 -41.39
N ASN A 274 16.13 22.17 -42.19
CA ASN A 274 15.38 22.61 -43.37
C ASN A 274 14.19 23.46 -42.98
N ILE A 275 13.25 22.87 -42.24
CA ILE A 275 12.10 23.59 -41.70
C ILE A 275 12.19 23.54 -40.17
N ARG A 276 12.21 24.72 -39.55
CA ARG A 276 12.44 24.80 -38.12
C ARG A 276 11.25 24.25 -37.35
N ILE A 277 11.54 23.42 -36.34
CA ILE A 277 10.54 22.92 -35.40
C ILE A 277 11.10 23.21 -34.01
N VAL A 278 10.66 24.30 -33.40
CA VAL A 278 11.28 24.76 -32.16
C VAL A 278 10.81 23.94 -30.96
N THR A 279 9.52 23.59 -30.91
CA THR A 279 8.92 22.82 -29.82
C THR A 279 9.33 23.37 -28.46
N LEU A 280 8.86 24.60 -28.19
CA LEU A 280 9.16 25.30 -26.95
C LEU A 280 9.02 24.40 -25.72
N SER A 281 7.83 23.82 -25.53
CA SER A 281 7.55 22.90 -24.43
C SER A 281 7.84 23.57 -23.08
N SER A 282 7.06 24.60 -22.79
CA SER A 282 7.22 25.34 -21.54
C SER A 282 6.90 24.43 -20.34
N GLY A 283 7.22 24.96 -19.15
CA GLY A 283 7.06 24.17 -17.95
C GLY A 283 5.62 23.85 -17.60
N ASP A 284 4.69 24.74 -17.96
CA ASP A 284 3.28 24.55 -17.64
C ASP A 284 2.54 23.84 -18.78
N GLN A 285 3.09 22.68 -19.17
CA GLN A 285 2.58 21.82 -20.25
C GLN A 285 2.07 22.63 -21.43
N TYR A 286 2.94 23.49 -21.95
CA TYR A 286 2.68 24.27 -23.16
C TYR A 286 3.44 23.69 -24.33
N ARG A 287 3.09 24.16 -25.53
CA ARG A 287 3.73 23.68 -26.76
C ARG A 287 3.47 24.69 -27.86
N PHE A 288 4.53 25.07 -28.58
CA PHE A 288 4.45 25.98 -29.71
C PHE A 288 5.44 25.54 -30.78
N GLU A 289 4.98 25.50 -32.03
CA GLU A 289 5.82 25.12 -33.16
C GLU A 289 5.90 26.31 -34.12
N LEU A 290 7.07 26.95 -34.18
CA LEU A 290 7.28 28.04 -35.12
C LEU A 290 7.86 27.51 -36.42
N VAL A 291 7.43 28.11 -37.52
CA VAL A 291 7.86 27.72 -38.86
C VAL A 291 8.78 28.81 -39.41
N GLU A 292 9.93 28.42 -39.92
CA GLU A 292 10.89 29.35 -40.49
C GLU A 292 10.60 29.60 -41.96
N ASP A 293 10.91 30.82 -42.41
CA ASP A 293 10.76 31.27 -43.79
C ASP A 293 9.29 31.44 -44.16
N ILE A 294 8.39 31.06 -43.26
CA ILE A 294 6.96 31.25 -43.46
C ILE A 294 6.30 31.98 -42.30
N TRP A 295 6.86 31.93 -41.10
CA TRP A 295 6.35 32.63 -39.91
C TRP A 295 4.91 32.19 -39.60
N LEU A 296 4.77 30.89 -39.35
CA LEU A 296 3.50 30.29 -38.95
C LEU A 296 3.65 29.64 -37.58
N LEU A 297 2.55 29.62 -36.85
CA LEU A 297 2.50 29.06 -35.50
C LEU A 297 1.56 27.86 -35.51
N LYS A 298 2.13 26.66 -35.41
CA LYS A 298 1.40 25.40 -35.45
C LYS A 298 1.50 24.71 -34.10
N GLN A 299 0.54 23.82 -33.86
CA GLN A 299 0.55 22.90 -32.72
C GLN A 299 0.63 23.64 -31.39
N VAL A 300 -0.42 24.41 -31.11
CA VAL A 300 -0.57 25.09 -29.82
C VAL A 300 -1.33 24.13 -28.91
N ARG A 301 -0.61 23.32 -28.15
CA ARG A 301 -1.19 22.31 -27.28
C ARG A 301 -1.03 22.75 -25.83
N ASN A 302 -2.15 23.12 -25.20
CA ASN A 302 -2.17 23.52 -23.80
C ASN A 302 -2.48 22.37 -22.86
N GLY A 303 -2.39 21.12 -23.33
CA GLY A 303 -2.67 19.97 -22.50
C GLY A 303 -2.76 18.68 -23.29
N ILE A 304 -3.80 17.89 -23.04
CA ILE A 304 -4.00 16.63 -23.73
C ILE A 304 -5.15 16.71 -24.72
N PHE A 305 -6.25 17.35 -24.33
CA PHE A 305 -7.43 17.47 -25.18
C PHE A 305 -7.58 18.85 -25.80
N SER A 306 -6.70 19.79 -25.47
CA SER A 306 -6.79 21.17 -25.96
C SER A 306 -5.73 21.38 -27.04
N THR A 307 -6.17 21.54 -28.28
CA THR A 307 -5.30 21.82 -29.42
C THR A 307 -5.76 23.11 -30.10
N PHE A 308 -4.92 23.60 -31.01
CA PHE A 308 -5.22 24.81 -31.76
C PHE A 308 -4.54 24.74 -33.11
N GLN A 309 -5.25 25.17 -34.16
CA GLN A 309 -4.73 25.20 -35.52
C GLN A 309 -5.01 26.56 -36.13
N LEU A 310 -4.02 27.08 -36.87
CA LEU A 310 -4.12 28.38 -37.50
C LEU A 310 -3.96 28.25 -39.00
N ARG A 311 -4.42 29.28 -39.72
CA ARG A 311 -4.29 29.33 -41.17
C ARG A 311 -4.17 30.78 -41.59
N TYR A 312 -3.01 31.15 -42.13
CA TYR A 312 -2.66 32.50 -42.52
C TYR A 312 -2.93 32.72 -44.00
N SER A 313 -2.44 33.84 -44.53
CA SER A 313 -2.57 34.21 -45.93
C SER A 313 -1.17 34.32 -46.55
N ARG A 314 -1.12 34.83 -47.77
CA ARG A 314 0.17 35.08 -48.42
C ARG A 314 1.01 36.08 -47.65
N ASN A 315 0.36 36.96 -46.88
CA ASN A 315 1.05 37.91 -46.02
C ASN A 315 1.13 37.33 -44.60
N HIS A 316 1.56 38.15 -43.64
CA HIS A 316 1.67 37.73 -42.25
C HIS A 316 0.39 38.03 -41.48
N ARG A 317 -0.74 37.54 -42.00
CA ARG A 317 -2.04 37.76 -41.38
C ARG A 317 -2.81 36.44 -41.37
N LEU A 318 -3.25 36.03 -40.20
CA LEU A 318 -4.05 34.81 -40.08
C LEU A 318 -5.52 35.10 -40.37
N ILE A 319 -6.19 34.13 -40.99
CA ILE A 319 -7.60 34.29 -41.32
C ILE A 319 -8.45 33.23 -40.64
N GLU A 320 -7.88 32.03 -40.44
CA GLU A 320 -8.65 30.90 -39.92
C GLU A 320 -8.06 30.42 -38.61
N VAL A 321 -8.92 30.18 -37.62
CA VAL A 321 -8.53 29.64 -36.32
C VAL A 321 -9.47 28.48 -36.02
N ALA A 322 -8.97 27.26 -36.19
CA ALA A 322 -9.73 26.06 -35.88
C ALA A 322 -9.27 25.47 -34.55
N HIS A 323 -10.19 24.78 -33.86
CA HIS A 323 -9.86 24.25 -32.54
C HIS A 323 -9.10 22.93 -32.66
N ASN A 324 -9.75 21.89 -33.19
CA ASN A 324 -9.08 20.62 -33.43
C ASN A 324 -9.06 20.25 -34.90
N LYS A 325 -10.23 20.12 -35.53
CA LYS A 325 -10.32 19.83 -36.96
C LYS A 325 -11.44 20.59 -37.65
N ARG A 326 -12.18 21.45 -36.95
CA ARG A 326 -13.31 22.15 -37.51
C ARG A 326 -13.11 23.66 -37.47
N PRO A 327 -13.41 24.37 -38.56
CA PRO A 327 -13.27 25.83 -38.54
C PRO A 327 -14.27 26.48 -37.62
N VAL A 328 -13.80 27.08 -36.52
CA VAL A 328 -14.65 27.71 -35.52
C VAL A 328 -14.46 29.21 -35.45
N LEU A 329 -13.57 29.78 -36.26
CA LEU A 329 -13.32 31.22 -36.23
C LEU A 329 -12.68 31.64 -37.54
N GLU A 330 -13.19 32.72 -38.12
CA GLU A 330 -12.63 33.29 -39.35
C GLU A 330 -12.56 34.80 -39.20
N CYS A 331 -11.38 35.36 -39.42
CA CYS A 331 -11.13 36.79 -39.21
C CYS A 331 -11.00 37.50 -40.54
N GLN A 332 -11.38 38.77 -40.56
CA GLN A 332 -11.27 39.63 -41.73
C GLN A 332 -10.60 40.94 -41.35
N TYR A 333 -10.03 41.60 -42.35
CA TYR A 333 -9.33 42.86 -42.17
C TYR A 333 -10.05 43.97 -42.91
N ASP A 334 -9.47 45.17 -42.86
CA ASP A 334 -10.01 46.37 -43.50
C ASP A 334 -8.94 47.06 -44.32
N LYS A 335 -8.22 46.27 -45.13
CA LYS A 335 -7.13 46.73 -46.00
C LYS A 335 -6.14 47.66 -45.29
N GLN A 336 -6.00 47.49 -43.97
CA GLN A 336 -5.06 48.31 -43.20
C GLN A 336 -4.32 47.52 -42.15
N GLY A 337 -4.51 46.20 -42.06
CA GLY A 337 -3.83 45.41 -41.05
C GLY A 337 -4.50 45.42 -39.70
N ARG A 338 -5.83 45.52 -39.65
CA ARG A 338 -6.56 45.55 -38.39
C ARG A 338 -7.79 44.67 -38.51
N LEU A 339 -7.97 43.76 -37.54
CA LEU A 339 -9.11 42.87 -37.56
C LEU A 339 -10.38 43.63 -37.18
N VAL A 340 -11.41 43.50 -38.01
CA VAL A 340 -12.67 44.17 -37.77
C VAL A 340 -13.86 43.22 -37.71
N GLU A 341 -13.73 41.99 -38.20
CA GLU A 341 -14.83 41.03 -38.19
C GLU A 341 -14.29 39.65 -37.86
N LEU A 342 -14.99 38.95 -36.96
CA LEU A 342 -14.61 37.61 -36.54
C LEU A 342 -15.87 36.76 -36.47
N LEU A 343 -16.01 35.81 -37.38
CA LEU A 343 -17.14 34.89 -37.43
C LEU A 343 -16.71 33.51 -36.96
N ASN A 344 -17.64 32.57 -37.02
CA ASN A 344 -17.41 31.19 -36.60
C ASN A 344 -17.10 30.26 -37.77
N ALA A 345 -17.04 30.79 -38.99
CA ALA A 345 -16.74 30.01 -40.20
C ALA A 345 -17.74 28.88 -40.45
N LYS A 346 -18.94 29.00 -39.88
CA LYS A 346 -20.00 28.02 -40.07
C LYS A 346 -21.29 28.63 -40.59
N THR A 347 -21.64 29.84 -40.14
CA THR A 347 -22.84 30.53 -40.61
C THR A 347 -22.59 32.03 -40.53
N GLU A 348 -23.07 32.76 -41.52
CA GLU A 348 -22.81 34.19 -41.61
C GLU A 348 -23.55 34.94 -40.52
N GLN A 349 -22.81 35.38 -39.50
CA GLN A 349 -23.37 36.24 -38.46
C GLN A 349 -22.23 37.03 -37.82
N VAL A 350 -22.53 38.26 -37.43
CA VAL A 350 -21.54 39.12 -36.79
C VAL A 350 -21.39 38.72 -35.33
N LEU A 351 -20.16 38.48 -34.91
CA LEU A 351 -19.87 38.11 -33.53
C LEU A 351 -19.00 39.12 -32.81
N THR A 352 -17.94 39.62 -33.44
CA THR A 352 -17.03 40.58 -32.84
C THR A 352 -16.81 41.73 -33.82
N THR A 353 -17.07 42.96 -33.37
CA THR A 353 -16.93 44.15 -34.19
C THR A 353 -15.93 45.08 -33.51
N TYR A 354 -14.70 45.09 -34.01
CA TYR A 354 -13.65 45.97 -33.48
C TYR A 354 -13.71 47.30 -34.22
N ILE A 355 -14.27 48.31 -33.56
CA ILE A 355 -14.43 49.64 -34.16
C ILE A 355 -13.22 50.49 -33.81
N TYR A 356 -12.59 51.05 -34.84
CA TYR A 356 -11.42 51.91 -34.69
C TYR A 356 -11.80 53.36 -34.99
N ASP A 357 -10.78 54.23 -34.98
CA ASP A 357 -10.98 55.65 -35.26
C ASP A 357 -9.73 56.17 -35.95
N GLU A 358 -9.61 57.50 -36.01
CA GLU A 358 -8.52 58.16 -36.73
C GLU A 358 -7.29 58.39 -35.87
N GLN A 359 -7.25 57.84 -34.65
CA GLN A 359 -6.08 57.96 -33.79
C GLN A 359 -5.37 56.62 -33.61
N ASP A 360 -5.66 55.64 -34.47
CA ASP A 360 -5.07 54.31 -34.39
C ASP A 360 -5.31 53.68 -33.01
N ASP A 361 -6.59 53.51 -32.70
CA ASP A 361 -7.00 52.92 -31.44
C ASP A 361 -8.41 52.35 -31.60
N LEU A 362 -8.71 51.33 -30.82
CA LEU A 362 -10.03 50.71 -30.83
C LEU A 362 -10.88 51.29 -29.71
N VAL A 363 -12.16 51.51 -30.00
CA VAL A 363 -13.09 52.07 -29.03
C VAL A 363 -14.26 51.16 -28.71
N GLY A 364 -14.56 50.16 -29.54
CA GLY A 364 -15.67 49.26 -29.30
C GLY A 364 -15.22 47.81 -29.36
N ALA A 365 -15.98 46.95 -28.66
CA ALA A 365 -15.71 45.52 -28.63
C ALA A 365 -16.82 44.73 -29.31
N THR A 366 -18.06 44.90 -28.89
CA THR A 366 -19.23 44.24 -29.48
C THR A 366 -19.03 42.71 -29.50
N ASN A 367 -18.95 42.14 -28.31
CA ASN A 367 -18.74 40.70 -28.17
C ASN A 367 -19.99 39.94 -28.60
N ASP A 368 -19.92 38.61 -28.48
CA ASP A 368 -21.05 37.77 -28.89
C ASP A 368 -22.29 38.04 -28.05
N LEU A 369 -22.11 38.39 -26.77
CA LEU A 369 -23.25 38.68 -25.91
C LEU A 369 -23.91 40.00 -26.25
N GLY A 370 -23.25 40.87 -27.00
CA GLY A 370 -23.81 42.14 -27.37
C GLY A 370 -23.48 43.29 -26.44
N LEU A 371 -22.51 43.14 -25.56
CA LEU A 371 -22.12 44.18 -24.60
C LEU A 371 -20.91 44.92 -25.16
N THR A 372 -21.11 46.17 -25.55
CA THR A 372 -20.05 47.01 -26.10
C THR A 372 -19.56 47.97 -25.01
N GLU A 373 -18.24 48.12 -24.92
CA GLU A 373 -17.62 48.99 -23.93
C GLU A 373 -16.73 50.01 -24.63
N ARG A 374 -16.81 51.25 -24.17
CA ARG A 374 -16.00 52.33 -24.74
C ARG A 374 -14.71 52.50 -23.96
N TYR A 375 -13.77 53.22 -24.57
CA TYR A 375 -12.47 53.47 -23.96
C TYR A 375 -12.08 54.92 -24.19
N GLU A 376 -11.01 55.34 -23.53
CA GLU A 376 -10.50 56.70 -23.64
C GLU A 376 -9.02 56.69 -23.32
N TYR A 377 -8.19 57.18 -24.24
CA TYR A 377 -6.75 57.20 -24.09
C TYR A 377 -6.25 58.63 -23.95
N GLN A 378 -5.02 58.77 -23.46
CA GLN A 378 -4.39 60.05 -23.27
C GLN A 378 -3.51 60.38 -24.47
N ASP A 379 -2.73 61.46 -24.36
CA ASP A 379 -1.85 61.85 -25.46
C ASP A 379 -0.63 60.94 -25.56
N GLN A 380 -0.24 60.31 -24.45
CA GLN A 380 0.89 59.40 -24.43
C GLN A 380 0.49 57.94 -24.65
N HIS A 381 -0.67 57.72 -25.28
CA HIS A 381 -1.18 56.37 -25.59
C HIS A 381 -1.31 55.54 -24.31
N LEU A 382 -2.11 56.05 -23.38
CA LEU A 382 -2.39 55.38 -22.12
C LEU A 382 -3.85 55.59 -21.76
N ILE A 383 -4.51 54.51 -21.33
CA ILE A 383 -5.94 54.58 -21.02
C ILE A 383 -6.14 55.38 -19.74
N ALA A 384 -7.21 56.17 -19.70
CA ALA A 384 -7.55 56.97 -18.53
C ALA A 384 -9.00 56.83 -18.09
N LYS A 385 -9.86 56.20 -18.88
CA LYS A 385 -11.26 56.03 -18.52
C LYS A 385 -11.82 54.82 -19.25
N ARG A 386 -12.43 53.91 -18.50
CA ARG A 386 -13.01 52.69 -19.05
C ARG A 386 -14.49 52.65 -18.68
N VAL A 387 -15.34 52.61 -19.70
CA VAL A 387 -16.79 52.60 -19.52
C VAL A 387 -17.29 51.17 -19.64
N ARG A 388 -17.96 50.68 -18.61
CA ARG A 388 -18.52 49.34 -18.65
C ARG A 388 -19.84 49.34 -19.41
N PRO A 389 -20.22 48.19 -19.99
CA PRO A 389 -21.50 48.14 -20.70
C PRO A 389 -22.71 48.40 -19.82
N THR A 390 -22.63 48.08 -18.52
CA THR A 390 -23.75 48.29 -17.62
C THR A 390 -23.93 49.76 -17.26
N GLY A 391 -22.86 50.56 -17.30
CA GLY A 391 -22.94 51.96 -16.98
C GLY A 391 -21.87 52.43 -16.02
N PHE A 392 -21.15 51.48 -15.42
CA PHE A 392 -20.08 51.82 -14.48
C PHE A 392 -18.87 52.35 -15.24
N THR A 393 -18.16 53.30 -14.61
CA THR A 393 -17.01 53.94 -15.21
C THR A 393 -15.84 53.89 -14.24
N HIS A 394 -14.68 53.44 -14.72
CA HIS A 394 -13.45 53.39 -13.94
C HIS A 394 -12.51 54.46 -14.48
N TYR A 395 -12.14 55.40 -13.62
CA TYR A 395 -11.23 56.48 -13.99
C TYR A 395 -9.81 56.13 -13.59
N PHE A 396 -8.92 56.03 -14.56
CA PHE A 396 -7.53 55.69 -14.32
C PHE A 396 -6.67 56.94 -14.33
N GLU A 397 -5.65 56.95 -13.48
CA GLU A 397 -4.72 58.07 -13.38
C GLU A 397 -3.30 57.54 -13.28
N TRP A 398 -2.35 58.39 -13.66
CA TRP A 398 -0.94 58.03 -13.66
C TRP A 398 -0.14 59.10 -12.92
N SER A 399 1.02 58.69 -12.40
CA SER A 399 1.89 59.60 -11.66
C SER A 399 3.18 59.92 -12.39
N GLY A 400 3.74 58.98 -13.16
CA GLY A 400 4.96 59.20 -13.89
C GLY A 400 4.71 59.53 -15.36
N GLU A 401 5.81 59.82 -16.06
CA GLU A 401 5.77 60.17 -17.47
C GLU A 401 6.39 59.05 -18.30
N GLY A 402 5.99 58.98 -19.56
CA GLY A 402 6.52 57.98 -20.47
C GLY A 402 5.73 56.69 -20.48
N SER A 403 6.44 55.55 -20.51
CA SER A 403 5.81 54.24 -20.54
C SER A 403 6.15 53.42 -19.29
N SER A 404 6.59 54.07 -18.23
CA SER A 404 6.95 53.41 -16.98
C SER A 404 6.35 54.15 -15.79
N ALA A 405 5.12 54.63 -15.94
CA ALA A 405 4.45 55.37 -14.88
C ALA A 405 3.91 54.41 -13.83
N LYS A 406 3.33 54.97 -12.77
CA LYS A 406 2.76 54.22 -11.67
C LYS A 406 1.26 54.52 -11.61
N CYS A 407 0.44 53.54 -11.98
CA CYS A 407 -1.01 53.71 -11.99
C CYS A 407 -1.53 53.82 -10.56
N ILE A 408 -1.91 55.03 -10.16
CA ILE A 408 -2.45 55.30 -8.84
C ILE A 408 -3.78 56.02 -8.99
N ARG A 409 -4.52 56.08 -7.87
CA ARG A 409 -5.83 56.74 -7.81
C ARG A 409 -6.79 56.14 -8.84
N ASN A 410 -7.09 54.87 -8.65
CA ASN A 410 -8.03 54.13 -9.51
C ASN A 410 -9.34 54.00 -8.75
N PHE A 411 -10.23 54.97 -8.93
CA PHE A 411 -11.50 55.01 -8.23
C PHE A 411 -12.64 54.71 -9.19
N GLY A 412 -13.75 54.25 -8.62
CA GLY A 412 -14.94 53.93 -9.38
C GLY A 412 -15.74 55.16 -9.73
N ASP A 413 -17.03 54.94 -10.02
CA ASP A 413 -17.90 56.04 -10.41
C ASP A 413 -18.40 56.80 -9.19
N SER A 414 -19.19 56.14 -8.35
CA SER A 414 -19.71 56.76 -7.13
C SER A 414 -18.84 56.44 -5.93
N GLY A 415 -17.54 56.67 -6.05
CA GLY A 415 -16.62 56.40 -4.95
C GLY A 415 -16.71 55.00 -4.40
N ILE A 416 -16.90 54.01 -5.29
CA ILE A 416 -17.09 52.64 -4.84
C ILE A 416 -15.77 52.01 -4.39
N TYR A 417 -14.82 51.93 -5.31
CA TYR A 417 -13.51 51.33 -5.04
C TYR A 417 -12.47 52.44 -5.05
N ASP A 418 -12.29 53.09 -3.90
CA ASP A 418 -11.32 54.18 -3.76
C ASP A 418 -9.97 53.59 -3.40
N TYR A 419 -9.29 53.07 -4.42
CA TYR A 419 -7.98 52.45 -4.23
C TYR A 419 -6.89 53.50 -4.23
N ARG A 420 -5.90 53.32 -3.35
CA ARG A 420 -4.77 54.24 -3.24
C ARG A 420 -3.49 53.42 -3.20
N PHE A 421 -2.59 53.69 -4.13
CA PHE A 421 -1.32 52.97 -4.23
C PHE A 421 -0.17 53.91 -3.88
N HIS A 422 0.88 53.34 -3.28
CA HIS A 422 2.06 54.10 -2.88
C HIS A 422 3.27 53.19 -2.97
N TYR A 423 4.24 53.56 -3.81
CA TYR A 423 5.45 52.78 -4.00
C TYR A 423 6.63 53.49 -3.36
N GLU A 424 7.57 52.71 -2.85
CA GLU A 424 8.80 53.20 -2.23
C GLU A 424 10.00 52.42 -2.75
N GLY A 425 10.05 52.25 -4.07
CA GLY A 425 11.09 51.45 -4.70
C GLY A 425 10.73 49.99 -4.78
N ALA A 426 11.29 49.18 -3.90
CA ALA A 426 11.00 47.75 -3.88
C ALA A 426 9.74 47.40 -3.09
N LYS A 427 9.25 48.33 -2.27
CA LYS A 427 8.07 48.10 -1.46
C LYS A 427 6.86 48.81 -2.06
N SER A 428 5.69 48.22 -1.86
CA SER A 428 4.43 48.79 -2.33
C SER A 428 3.39 48.72 -1.23
N SER A 429 2.41 49.61 -1.32
CA SER A 429 1.31 49.65 -0.37
C SER A 429 0.03 50.01 -1.10
N TYR A 430 -1.05 49.32 -0.74
CA TYR A 430 -2.35 49.59 -1.35
C TYR A 430 -3.43 49.66 -0.28
N SER A 431 -4.31 50.65 -0.40
CA SER A 431 -5.37 50.89 0.56
C SER A 431 -6.71 50.93 -0.16
N ASP A 432 -7.73 50.35 0.46
CA ASP A 432 -9.06 50.29 -0.10
C ASP A 432 -9.86 51.52 0.29
N SER A 433 -11.16 51.50 0.03
CA SER A 433 -12.05 52.60 0.40
C SER A 433 -12.54 52.50 1.85
N LEU A 434 -12.01 51.55 2.62
CA LEU A 434 -12.40 51.37 4.01
C LEU A 434 -11.18 51.36 4.94
N ASP A 435 -10.10 52.02 4.51
CA ASP A 435 -8.87 52.13 5.29
C ASP A 435 -8.31 50.74 5.63
N ASN A 436 -7.96 50.01 4.58
CA ASN A 436 -7.34 48.70 4.69
C ASN A 436 -6.03 48.74 3.91
N GLU A 437 -4.94 49.06 4.60
CA GLU A 437 -3.64 49.31 3.96
C GLU A 437 -2.77 48.07 4.09
N TRP A 438 -2.58 47.37 2.98
CA TRP A 438 -1.67 46.23 2.90
C TRP A 438 -0.34 46.68 2.34
N THR A 439 0.74 46.06 2.83
CA THR A 439 2.10 46.43 2.42
C THR A 439 2.84 45.19 1.94
N PHE A 440 3.28 45.21 0.69
CA PHE A 440 4.06 44.14 0.11
C PHE A 440 5.52 44.58 -0.03
N ILE A 441 6.44 43.65 0.17
CA ILE A 441 7.87 43.92 0.08
C ILE A 441 8.45 42.97 -0.96
N HIS A 442 8.90 43.53 -2.08
CA HIS A 442 9.49 42.76 -3.16
C HIS A 442 11.01 42.88 -3.11
N ASP A 443 11.68 42.32 -4.10
CA ASP A 443 13.14 42.37 -4.19
C ASP A 443 13.60 42.81 -5.57
N GLU A 444 14.92 42.75 -5.82
CA GLU A 444 15.44 43.12 -7.12
C GLU A 444 15.07 42.14 -8.21
N GLN A 445 14.67 40.92 -7.85
CA GLN A 445 14.28 39.92 -8.84
C GLN A 445 12.79 39.95 -9.14
N GLY A 446 11.96 40.35 -8.18
CA GLY A 446 10.53 40.40 -8.39
C GLY A 446 9.78 39.29 -7.69
N HIS A 447 10.23 38.92 -6.50
CA HIS A 447 9.62 37.86 -5.70
C HIS A 447 8.84 38.47 -4.53
N LEU A 448 8.30 37.59 -3.69
CA LEU A 448 7.54 37.98 -2.52
C LEU A 448 8.31 37.58 -1.27
N LEU A 449 8.55 38.56 -0.39
CA LEU A 449 9.29 38.33 0.85
C LEU A 449 8.55 38.76 2.10
N GLU A 450 7.55 39.62 1.99
CA GLU A 450 6.81 40.09 3.16
C GLU A 450 5.48 40.66 2.71
N LYS A 451 4.41 40.29 3.42
CA LYS A 451 3.06 40.78 3.12
C LYS A 451 2.39 41.10 4.45
N SER A 452 2.38 42.38 4.83
CA SER A 452 1.83 42.83 6.10
C SER A 452 0.41 43.34 5.88
N SER A 453 -0.53 42.75 6.61
CA SER A 453 -1.93 43.14 6.61
C SER A 453 -2.16 44.32 7.55
N PRO A 454 -3.17 45.15 7.29
CA PRO A 454 -3.45 46.28 8.20
C PRO A 454 -3.78 45.84 9.62
N THR A 455 -4.28 44.61 9.81
CA THR A 455 -4.56 44.13 11.16
C THR A 455 -3.27 43.82 11.91
N GLY A 456 -2.29 43.24 11.23
CA GLY A 456 -1.02 42.92 11.86
C GLY A 456 -0.49 41.56 11.45
N ARG A 457 -1.18 40.88 10.56
CA ARG A 457 -0.72 39.58 10.07
C ARG A 457 0.47 39.75 9.14
N THR A 458 1.45 38.87 9.28
CA THR A 458 2.69 38.94 8.52
C THR A 458 3.04 37.58 7.94
N TRP A 459 3.54 37.58 6.71
CA TRP A 459 4.01 36.38 6.04
C TRP A 459 5.47 36.57 5.62
N GLN A 460 6.24 35.49 5.70
CA GLN A 460 7.66 35.52 5.37
C GLN A 460 7.99 34.33 4.48
N TRP A 461 8.47 34.62 3.27
CA TRP A 461 8.91 33.61 2.33
C TRP A 461 10.42 33.69 2.14
N HIS A 462 11.08 32.53 2.12
CA HIS A 462 12.53 32.46 2.00
C HIS A 462 12.89 31.66 0.77
N TYR A 463 13.92 32.10 0.06
CA TYR A 463 14.44 31.43 -1.13
C TYR A 463 15.88 30.99 -0.89
N ASP A 464 16.46 30.35 -1.90
CA ASP A 464 17.84 29.89 -1.87
C ASP A 464 18.59 30.36 -3.11
N HIS A 465 18.30 31.60 -3.54
CA HIS A 465 18.85 32.22 -4.74
C HIS A 465 18.91 31.25 -5.92
N LEU A 466 17.91 30.39 -6.04
CA LEU A 466 17.83 29.44 -7.14
C LEU A 466 16.49 29.50 -7.88
N GLY A 467 15.57 30.38 -7.47
CA GLY A 467 14.27 30.44 -8.09
C GLY A 467 13.23 29.51 -7.50
N ARG A 468 13.46 29.01 -6.28
CA ARG A 468 12.55 28.10 -5.62
C ARG A 468 12.46 28.45 -4.15
N LYS A 469 11.26 28.31 -3.58
CA LYS A 469 11.07 28.57 -2.16
C LYS A 469 11.66 27.45 -1.32
N GLU A 470 12.10 27.80 -0.12
CA GLU A 470 12.67 26.81 0.79
C GLU A 470 11.97 26.84 2.15
N LYS A 471 11.60 28.03 2.60
CA LYS A 471 10.97 28.20 3.91
C LYS A 471 9.76 29.11 3.77
N ALA A 472 8.65 28.71 4.40
CA ALA A 472 7.42 29.49 4.38
C ALA A 472 6.95 29.68 5.82
N VAL A 473 7.00 30.91 6.30
CA VAL A 473 6.63 31.23 7.67
C VAL A 473 5.20 31.73 7.72
N PHE A 474 4.47 31.32 8.74
CA PHE A 474 3.08 31.70 8.98
C PHE A 474 2.98 32.72 10.10
N PRO A 475 1.86 33.44 10.19
CA PRO A 475 1.72 34.43 11.28
C PRO A 475 1.81 33.80 12.66
N ASP A 476 1.49 32.52 12.81
CA ASP A 476 1.60 31.85 14.09
C ASP A 476 2.96 31.17 14.21
N ASN A 477 3.16 30.38 15.26
CA ASN A 477 4.43 29.71 15.51
C ASN A 477 4.46 28.37 14.76
N SER A 478 4.53 28.47 13.43
CA SER A 478 4.62 27.30 12.57
C SER A 478 5.30 27.71 11.28
N THR A 479 6.04 26.75 10.70
CA THR A 479 6.81 27.02 9.50
C THR A 479 6.85 25.75 8.65
N THR A 480 6.82 25.94 7.33
CA THR A 480 6.89 24.84 6.38
C THR A 480 8.23 24.86 5.65
N GLN A 481 8.87 23.70 5.58
CA GLN A 481 10.18 23.56 4.96
C GLN A 481 10.03 22.70 3.71
N TYR A 482 10.34 23.27 2.56
CA TYR A 482 10.35 22.56 1.29
C TYR A 482 11.73 21.93 1.06
N GLN A 483 11.75 20.87 0.28
CA GLN A 483 12.99 20.16 -0.02
C GLN A 483 12.88 19.62 -1.44
N TYR A 484 13.70 20.15 -2.34
CA TYR A 484 13.69 19.77 -3.74
C TYR A 484 14.73 18.69 -3.99
N ASN A 485 14.92 18.34 -5.25
CA ASN A 485 15.93 17.38 -5.66
C ASN A 485 16.40 17.78 -7.06
N GLN A 486 17.05 16.84 -7.76
CA GLN A 486 17.45 17.10 -9.14
C GLN A 486 16.24 17.48 -9.98
N GLN A 487 16.39 18.55 -10.76
CA GLN A 487 15.31 19.13 -11.57
C GLN A 487 14.14 19.59 -10.70
N GLY A 488 14.43 19.97 -9.46
CA GLY A 488 13.41 20.48 -8.56
C GLY A 488 12.34 19.47 -8.19
N GLN A 489 11.12 19.67 -8.70
CA GLN A 489 9.98 18.77 -8.60
C GLN A 489 9.32 18.77 -7.22
N LEU A 490 9.89 19.46 -6.23
CA LEU A 490 9.30 19.61 -4.90
C LEU A 490 9.03 18.23 -4.27
N ILE A 491 10.13 17.53 -3.98
CA ILE A 491 10.03 16.17 -3.49
C ILE A 491 9.56 16.10 -2.03
N SER A 492 9.60 17.22 -1.30
CA SER A 492 9.18 17.21 0.10
C SER A 492 8.62 18.56 0.49
N LYS A 493 7.57 18.55 1.30
CA LYS A 493 6.86 19.75 1.76
C LYS A 493 6.60 19.66 3.26
N LEU A 494 7.65 19.37 4.03
CA LEU A 494 7.48 18.97 5.42
C LEU A 494 6.98 20.14 6.26
N HIS A 495 5.86 19.95 6.96
CA HIS A 495 5.34 20.94 7.87
C HIS A 495 5.84 20.69 9.29
N SER A 496 6.08 21.77 10.03
CA SER A 496 6.55 21.65 11.40
C SER A 496 5.47 21.03 12.29
N SER A 497 5.90 20.13 13.17
CA SER A 497 5.00 19.41 14.06
C SER A 497 3.93 18.65 13.27
N GLY A 498 4.38 17.91 12.26
CA GLY A 498 3.47 17.16 11.42
C GLY A 498 4.18 16.18 10.52
N ALA A 499 3.64 15.96 9.32
CA ALA A 499 4.24 15.01 8.39
C ALA A 499 4.47 15.67 7.02
N GLN A 500 4.86 14.87 6.03
CA GLN A 500 5.13 15.36 4.69
C GLN A 500 4.18 14.69 3.70
N ILE A 501 4.22 15.17 2.45
CA ILE A 501 3.37 14.65 1.40
C ILE A 501 4.16 13.66 0.56
N GLN A 502 5.44 13.93 0.38
CA GLN A 502 6.37 13.02 -0.31
C GLN A 502 5.88 12.72 -1.74
N TYR A 503 5.87 13.77 -2.56
CA TYR A 503 5.49 13.62 -3.95
C TYR A 503 6.51 12.75 -4.69
N GLY A 504 6.15 12.35 -5.91
CA GLY A 504 7.02 11.49 -6.70
C GLY A 504 6.74 11.48 -8.18
N TYR A 505 7.80 11.50 -8.98
CA TYR A 505 7.70 11.43 -10.43
C TYR A 505 8.66 10.34 -10.93
N ASP A 506 8.37 9.81 -12.11
CA ASP A 506 9.19 8.71 -12.64
C ASP A 506 10.47 9.24 -13.26
N SER A 507 10.36 9.95 -14.38
CA SER A 507 11.50 10.72 -14.88
C SER A 507 11.14 12.15 -15.27
N LEU A 508 10.00 12.35 -15.91
CA LEU A 508 9.57 13.69 -16.31
C LEU A 508 8.08 13.91 -16.19
N GLY A 509 7.30 12.90 -15.79
CA GLY A 509 5.85 12.97 -15.86
C GLY A 509 5.19 13.78 -14.76
N LYS A 510 4.06 13.28 -14.28
CA LYS A 510 3.24 13.97 -13.29
C LYS A 510 3.19 13.14 -12.01
N LEU A 511 2.33 13.56 -11.08
CA LEU A 511 2.21 12.90 -9.79
C LEU A 511 1.81 11.43 -9.95
N VAL A 512 2.72 10.53 -9.57
CA VAL A 512 2.46 9.10 -9.60
C VAL A 512 2.54 8.46 -8.22
N LYS A 513 2.75 9.24 -7.18
CA LYS A 513 2.82 8.72 -5.81
C LYS A 513 2.59 9.86 -4.84
N THR A 514 1.76 9.62 -3.83
CA THR A 514 1.43 10.63 -2.82
C THR A 514 1.32 9.94 -1.47
N VAL A 515 2.25 10.25 -0.57
CA VAL A 515 2.27 9.65 0.76
C VAL A 515 1.58 10.64 1.70
N SER A 516 0.27 10.45 1.88
CA SER A 516 -0.49 11.30 2.78
C SER A 516 -0.01 11.10 4.22
N PRO A 517 -0.16 12.13 5.07
CA PRO A 517 0.26 11.99 6.47
C PRO A 517 -0.40 10.83 7.20
N ASP A 518 -1.55 10.35 6.73
CA ASP A 518 -2.17 9.19 7.35
C ASP A 518 -1.34 7.93 7.13
N GLY A 519 -0.79 7.77 5.94
CA GLY A 519 0.07 6.64 5.64
C GLY A 519 -0.46 5.71 4.56
N ASP A 520 -1.34 6.24 3.71
CA ASP A 520 -1.93 5.46 2.63
C ASP A 520 -1.30 5.86 1.30
N LEU A 521 -1.02 4.85 0.48
CA LEU A 521 -0.37 5.04 -0.81
C LEU A 521 -1.39 4.98 -1.94
N GLU A 522 -1.18 5.81 -2.96
CA GLU A 522 -2.04 5.85 -4.14
C GLU A 522 -1.15 6.11 -5.34
N LYS A 523 -0.81 5.05 -6.07
CA LYS A 523 0.10 5.15 -7.21
C LYS A 523 -0.65 5.44 -8.49
N ALA A 524 0.11 5.71 -9.55
CA ALA A 524 -0.45 6.00 -10.86
C ALA A 524 0.61 5.69 -11.91
N TYR A 525 0.16 5.61 -13.17
CA TYR A 525 1.04 5.29 -14.28
C TYR A 525 0.61 6.05 -15.52
N TYR A 526 1.60 6.60 -16.24
CA TYR A 526 1.35 7.34 -17.48
C TYR A 526 2.30 6.84 -18.55
N ASN A 527 1.81 6.77 -19.78
CA ASN A 527 2.62 6.36 -20.92
C ASN A 527 3.23 7.61 -21.57
N SER A 528 3.82 7.44 -22.75
CA SER A 528 4.53 8.52 -23.43
C SER A 528 3.61 9.41 -24.26
N LEU A 529 2.30 9.20 -24.21
CA LEU A 529 1.35 9.99 -24.99
C LEU A 529 0.16 10.34 -24.10
N GLY A 530 0.44 10.74 -22.86
CA GLY A 530 -0.64 11.02 -21.93
C GLY A 530 -1.39 9.74 -21.61
N GLN A 531 -2.72 9.80 -21.74
CA GLN A 531 -3.58 8.61 -21.66
C GLN A 531 -3.35 7.86 -20.34
N ARG A 532 -3.75 8.52 -19.26
CA ARG A 532 -3.60 7.99 -17.91
C ARG A 532 -4.00 6.51 -17.85
N VAL A 533 -3.22 5.74 -17.11
CA VAL A 533 -3.38 4.29 -17.03
C VAL A 533 -3.74 3.93 -15.60
N TRP A 534 -3.86 2.63 -15.32
CA TRP A 534 -4.27 2.11 -14.02
C TRP A 534 -3.65 2.89 -12.87
N ASP A 535 -4.48 3.18 -11.87
CA ASP A 535 -4.04 3.89 -10.67
C ASP A 535 -4.77 3.32 -9.46
N ILE A 536 -4.03 3.08 -8.39
CA ILE A 536 -4.57 2.48 -7.18
C ILE A 536 -5.14 3.58 -6.30
N ASP A 537 -6.32 3.34 -5.73
CA ASP A 537 -6.97 4.28 -4.85
C ASP A 537 -6.37 4.14 -3.45
N ALA A 538 -7.01 4.76 -2.44
CA ALA A 538 -6.47 4.76 -1.09
C ALA A 538 -6.39 3.34 -0.52
N LEU A 539 -7.54 2.70 -0.33
CA LEU A 539 -7.55 1.43 0.39
C LEU A 539 -7.20 0.25 -0.50
N GLY A 540 -8.05 -0.06 -1.47
CA GLY A 540 -7.79 -1.20 -2.33
C GLY A 540 -8.29 -1.06 -3.76
N CYS A 541 -8.90 0.07 -4.09
CA CYS A 541 -9.56 0.22 -5.38
C CYS A 541 -8.58 0.58 -6.48
N VAL A 542 -8.83 0.05 -7.68
CA VAL A 542 -8.04 0.36 -8.85
C VAL A 542 -8.98 0.73 -9.99
N THR A 543 -8.52 1.64 -10.85
CA THR A 543 -9.30 2.13 -11.98
C THR A 543 -8.52 1.93 -13.26
N GLU A 544 -9.13 1.24 -14.22
CA GLU A 544 -8.49 0.92 -15.49
C GLU A 544 -9.16 1.72 -16.60
N TYR A 545 -8.37 2.49 -17.34
CA TYR A 545 -8.86 3.29 -18.45
C TYR A 545 -8.55 2.61 -19.77
N GLU A 546 -9.39 2.90 -20.77
CA GLU A 546 -9.20 2.36 -22.11
C GLU A 546 -9.67 3.38 -23.13
N TYR A 547 -8.79 3.73 -24.06
CA TYR A 547 -9.06 4.73 -25.08
C TYR A 547 -9.14 4.07 -26.45
N ASP A 548 -9.64 4.83 -27.41
CA ASP A 548 -9.74 4.38 -28.80
C ASP A 548 -8.48 4.81 -29.56
N LYS A 549 -8.52 4.69 -30.89
CA LYS A 549 -7.39 5.14 -31.70
C LYS A 549 -7.17 6.65 -31.57
N HIS A 550 -8.22 7.39 -31.25
CA HIS A 550 -8.10 8.84 -31.04
C HIS A 550 -7.66 9.10 -29.60
N GLY A 551 -7.73 10.37 -29.19
CA GLY A 551 -7.31 10.74 -27.85
C GLY A 551 -8.45 11.01 -26.89
N GLN A 552 -9.56 10.29 -27.06
CA GLN A 552 -10.72 10.43 -26.19
C GLN A 552 -10.90 9.18 -25.34
N VAL A 553 -11.40 9.38 -24.12
CA VAL A 553 -11.65 8.27 -23.21
C VAL A 553 -12.85 7.46 -23.71
N VAL A 554 -12.75 6.14 -23.58
CA VAL A 554 -13.82 5.26 -24.04
C VAL A 554 -14.42 4.51 -22.87
N LYS A 555 -13.58 3.80 -22.10
CA LYS A 555 -14.05 2.98 -21.00
C LYS A 555 -13.25 3.28 -19.74
N ARG A 556 -13.93 3.25 -18.59
CA ARG A 556 -13.29 3.48 -17.29
C ARG A 556 -13.89 2.46 -16.32
N GLU A 557 -13.19 1.36 -16.09
CA GLU A 557 -13.67 0.28 -15.26
C GLU A 557 -13.09 0.41 -13.85
N SER A 558 -13.91 0.06 -12.85
CA SER A 558 -13.51 0.10 -11.45
C SER A 558 -13.79 -1.26 -10.81
N GLU A 559 -13.39 -1.39 -9.55
CA GLU A 559 -13.58 -2.65 -8.84
C GLU A 559 -15.03 -2.78 -8.38
N ASP A 560 -15.62 -3.94 -8.65
CA ASP A 560 -17.01 -4.24 -8.27
C ASP A 560 -17.98 -3.21 -8.86
N GLY A 561 -18.02 -3.16 -10.19
CA GLY A 561 -18.90 -2.25 -10.88
C GLY A 561 -18.29 -0.88 -11.09
N LYS A 562 -19.14 0.16 -11.14
CA LYS A 562 -18.72 1.53 -11.36
C LYS A 562 -17.92 1.66 -12.66
N LYS A 563 -18.58 1.33 -13.76
CA LYS A 563 -17.99 1.35 -15.09
C LYS A 563 -18.74 2.34 -15.96
N SER A 564 -18.02 3.30 -16.53
CA SER A 564 -18.60 4.32 -17.39
C SER A 564 -18.04 4.14 -18.80
N ARG A 565 -18.92 4.21 -19.80
CA ARG A 565 -18.54 4.05 -21.19
C ARG A 565 -19.10 5.20 -22.01
N TRP A 566 -18.26 5.74 -22.89
CA TRP A 566 -18.64 6.83 -23.78
C TRP A 566 -18.68 6.35 -25.22
N TRP A 567 -19.50 7.04 -26.03
CA TRP A 567 -19.64 6.73 -27.45
C TRP A 567 -19.46 8.02 -28.24
N TRP A 568 -18.46 8.03 -29.12
CA TRP A 568 -18.15 9.18 -29.95
C TRP A 568 -18.43 8.88 -31.41
N ASP A 569 -18.98 9.87 -32.13
CA ASP A 569 -19.27 9.73 -33.54
C ASP A 569 -18.06 10.19 -34.36
N LYS A 570 -18.26 10.38 -35.66
CA LYS A 570 -17.18 10.84 -36.51
C LYS A 570 -16.68 12.23 -36.10
N GLN A 571 -17.55 13.04 -35.51
CA GLN A 571 -17.17 14.35 -35.02
C GLN A 571 -16.67 14.23 -33.58
N GLN A 572 -16.48 15.37 -32.91
CA GLN A 572 -15.99 15.42 -31.54
C GLN A 572 -17.11 15.66 -30.54
N ARG A 573 -18.31 15.15 -30.82
CA ARG A 573 -19.46 15.34 -29.96
C ARG A 573 -19.83 14.03 -29.27
N LEU A 574 -20.19 14.12 -27.99
CA LEU A 574 -20.57 12.94 -27.24
C LEU A 574 -21.96 12.47 -27.68
N VAL A 575 -22.09 11.18 -27.91
CA VAL A 575 -23.35 10.60 -28.38
C VAL A 575 -24.06 9.91 -27.21
N ALA A 576 -23.42 8.92 -26.62
CA ALA A 576 -23.99 8.16 -25.52
C ALA A 576 -23.00 8.09 -24.37
N HIS A 577 -23.55 8.05 -23.15
CA HIS A 577 -22.75 7.96 -21.94
C HIS A 577 -23.46 7.07 -20.94
N GLU A 578 -22.74 6.09 -20.40
CA GLU A 578 -23.28 5.13 -19.44
C GLU A 578 -22.44 5.18 -18.17
N VAL A 579 -23.09 5.40 -17.04
CA VAL A 579 -22.41 5.44 -15.75
C VAL A 579 -22.70 4.20 -14.90
N ASP A 580 -23.95 3.73 -14.86
CA ASP A 580 -24.29 2.53 -14.11
C ASP A 580 -25.28 1.65 -14.87
N GLY A 581 -25.40 1.82 -16.17
CA GLY A 581 -26.34 1.05 -16.97
C GLY A 581 -27.54 1.82 -17.49
N THR A 582 -27.52 3.15 -17.43
CA THR A 582 -28.65 3.94 -17.90
C THR A 582 -28.57 4.21 -19.39
N LEU A 583 -27.37 4.46 -19.92
CA LEU A 583 -27.15 4.73 -21.34
C LEU A 583 -27.97 5.93 -21.81
N LEU A 584 -27.66 7.09 -21.22
CA LEU A 584 -28.33 8.32 -21.61
C LEU A 584 -27.84 8.78 -22.97
N ARG A 585 -28.76 8.89 -23.93
CA ARG A 585 -28.42 9.27 -25.29
C ARG A 585 -28.60 10.77 -25.47
N TYR A 586 -27.75 11.37 -26.30
CA TYR A 586 -27.81 12.79 -26.59
C TYR A 586 -28.24 13.03 -28.03
N SER A 587 -28.75 14.23 -28.29
CA SER A 587 -29.15 14.62 -29.63
C SER A 587 -28.75 16.05 -29.89
N TYR A 588 -28.22 16.31 -31.08
CA TYR A 588 -27.78 17.64 -31.49
C TYR A 588 -28.61 18.12 -32.67
N GLY A 589 -28.96 19.40 -32.65
CA GLY A 589 -29.76 19.97 -33.71
C GLY A 589 -28.91 20.57 -34.83
N ALA A 590 -28.02 19.74 -35.39
CA ALA A 590 -27.13 20.16 -36.48
C ALA A 590 -26.27 21.36 -36.09
N THR A 591 -25.97 21.50 -34.80
CA THR A 591 -25.16 22.59 -34.30
C THR A 591 -24.28 22.04 -33.17
N ASP A 592 -23.62 22.93 -32.44
CA ASP A 592 -22.77 22.56 -31.32
C ASP A 592 -23.49 22.61 -29.98
N LEU A 593 -24.82 22.58 -30.00
CA LEU A 593 -25.62 22.61 -28.78
C LEU A 593 -26.49 21.38 -28.69
N VAL A 594 -26.74 20.93 -27.46
CA VAL A 594 -27.56 19.76 -27.23
C VAL A 594 -29.03 20.15 -27.34
N ASN A 595 -29.79 19.34 -28.08
CA ASN A 595 -31.21 19.61 -28.32
C ASN A 595 -32.11 18.51 -27.78
N GLY A 596 -31.60 17.60 -26.96
CA GLY A 596 -32.41 16.54 -26.42
C GLY A 596 -31.63 15.44 -25.72
N ILE A 597 -32.20 14.89 -24.65
CA ILE A 597 -31.59 13.81 -23.90
C ILE A 597 -32.62 12.71 -23.72
N ALA A 598 -32.27 11.50 -24.15
CA ALA A 598 -33.15 10.34 -24.07
C ALA A 598 -32.68 9.43 -22.94
N TYR A 599 -33.60 9.06 -22.05
CA TYR A 599 -33.48 8.21 -20.87
C TYR A 599 -33.99 6.80 -21.16
N PRO A 600 -33.49 5.78 -20.45
CA PRO A 600 -33.94 4.42 -20.72
C PRO A 600 -35.38 4.16 -20.31
N ASP A 601 -35.90 4.91 -19.34
CA ASP A 601 -37.27 4.67 -18.88
C ASP A 601 -38.32 5.17 -19.87
N GLY A 602 -37.98 6.15 -20.69
CA GLY A 602 -38.92 6.69 -21.66
C GLY A 602 -39.03 8.20 -21.60
N CYS A 603 -38.38 8.81 -20.62
CA CYS A 603 -38.42 10.26 -20.47
C CYS A 603 -37.54 10.92 -21.52
N VAL A 604 -38.10 11.91 -22.22
CA VAL A 604 -37.41 12.63 -23.27
C VAL A 604 -37.36 14.11 -22.90
N ALA A 605 -36.18 14.70 -23.01
CA ALA A 605 -35.97 16.12 -22.72
C ALA A 605 -35.85 16.91 -24.01
N GLN A 606 -36.11 18.21 -23.90
CA GLN A 606 -36.04 19.10 -25.06
C GLN A 606 -35.60 20.48 -24.59
N ILE A 607 -34.48 20.94 -25.11
CA ILE A 607 -33.95 22.26 -24.78
C ILE A 607 -34.29 23.22 -25.91
N SER A 608 -34.47 24.49 -25.56
CA SER A 608 -34.84 25.54 -26.51
C SER A 608 -33.89 26.72 -26.30
N TYR A 609 -33.00 26.93 -27.27
CA TYR A 609 -32.02 27.99 -27.26
C TYR A 609 -32.54 29.18 -28.07
N ASP A 610 -31.64 30.14 -28.34
CA ASP A 610 -31.96 31.30 -29.17
C ASP A 610 -30.74 31.54 -30.06
N ASP A 611 -30.69 32.74 -30.67
CA ASP A 611 -29.56 33.08 -31.53
C ASP A 611 -28.24 33.00 -30.76
N TYR A 612 -28.24 33.47 -29.52
CA TYR A 612 -27.05 33.38 -28.66
C TYR A 612 -27.10 32.07 -27.89
N GLY A 613 -26.27 31.95 -26.85
CA GLY A 613 -26.29 30.78 -26.01
C GLY A 613 -27.34 30.91 -24.93
N ARG A 614 -26.93 30.83 -23.65
CA ARG A 614 -27.78 31.07 -22.49
C ARG A 614 -29.17 30.43 -22.65
N ARG A 615 -29.20 29.10 -22.66
CA ARG A 615 -30.40 28.32 -22.95
C ARG A 615 -31.66 28.93 -22.33
N THR A 616 -32.72 28.99 -23.13
CA THR A 616 -33.93 29.70 -22.74
C THR A 616 -34.95 28.81 -22.06
N SER A 617 -35.26 27.65 -22.65
CA SER A 617 -36.31 26.80 -22.10
C SER A 617 -35.83 25.36 -22.02
N ILE A 618 -36.44 24.61 -21.11
CA ILE A 618 -36.17 23.17 -20.96
C ILE A 618 -37.48 22.50 -20.60
N ARG A 619 -37.83 21.44 -21.34
CA ARG A 619 -39.09 20.73 -21.15
C ARG A 619 -38.84 19.24 -21.08
N TYR A 620 -39.71 18.53 -20.37
CA TYR A 620 -39.64 17.09 -20.23
C TYR A 620 -40.86 16.45 -20.85
N PHE A 621 -40.69 15.21 -21.35
CA PHE A 621 -41.77 14.49 -22.00
C PHE A 621 -41.75 13.05 -21.48
N ASN A 622 -42.55 12.19 -22.13
CA ASN A 622 -42.64 10.79 -21.75
C ASN A 622 -43.11 10.00 -22.97
N ASP A 623 -43.33 8.70 -22.77
CA ASP A 623 -43.78 7.85 -23.86
C ASP A 623 -45.20 8.20 -24.30
N GLU A 624 -46.04 8.62 -23.36
CA GLU A 624 -47.41 9.01 -23.67
C GLU A 624 -47.49 10.50 -23.97
N ASP A 625 -48.61 10.89 -24.59
CA ASP A 625 -48.82 12.28 -24.98
C ASP A 625 -49.20 13.09 -23.75
N LYS A 626 -48.20 13.68 -23.11
CA LYS A 626 -48.40 14.52 -21.94
C LYS A 626 -47.19 15.43 -21.78
N VAL A 627 -47.18 16.20 -20.69
CA VAL A 627 -46.09 17.13 -20.41
C VAL A 627 -46.01 17.31 -18.90
N GLY A 628 -44.80 17.61 -18.41
CA GLY A 628 -44.59 17.81 -16.99
C GLY A 628 -43.26 18.48 -16.68
N TYR A 629 -43.27 19.37 -15.69
CA TYR A 629 -42.07 20.08 -15.24
C TYR A 629 -41.40 20.85 -16.38
N SER A 630 -42.14 21.82 -16.91
CA SER A 630 -41.67 22.67 -17.98
C SER A 630 -41.23 24.01 -17.40
N GLU A 631 -39.95 24.33 -17.56
CA GLU A 631 -39.38 25.57 -17.04
C GLU A 631 -39.36 26.64 -18.13
N GLU A 632 -39.04 27.86 -17.72
CA GLU A 632 -39.01 28.99 -18.64
C GLU A 632 -38.14 30.09 -18.03
N TYR A 633 -37.11 30.52 -18.75
CA TYR A 633 -36.22 31.57 -18.31
C TYR A 633 -36.35 32.78 -19.23
N ALA A 634 -35.90 33.93 -18.74
CA ALA A 634 -35.99 35.17 -19.49
C ALA A 634 -34.84 36.09 -19.09
N TYR A 635 -34.33 36.82 -20.08
CA TYR A 635 -33.23 37.75 -19.87
C TYR A 635 -33.67 39.17 -20.21
N ASP A 636 -32.97 40.14 -19.64
CA ASP A 636 -33.26 41.55 -19.87
C ASP A 636 -32.43 42.03 -21.07
N GLU A 637 -32.36 43.36 -21.25
CA GLU A 637 -31.55 43.91 -22.33
C GLU A 637 -30.08 43.58 -22.16
N PHE A 638 -29.63 43.28 -20.94
CA PHE A 638 -28.27 42.84 -20.69
C PHE A 638 -28.21 41.32 -20.75
N SER A 639 -27.10 40.75 -20.30
CA SER A 639 -26.89 39.30 -20.31
C SER A 639 -27.16 38.66 -18.96
N ARG A 640 -28.14 39.18 -18.21
CA ARG A 640 -28.50 38.66 -16.90
C ARG A 640 -29.95 38.18 -16.92
N VAL A 641 -30.26 37.28 -16.00
CA VAL A 641 -31.62 36.75 -15.89
C VAL A 641 -32.53 37.79 -15.24
N ALA A 642 -33.82 37.73 -15.58
CA ALA A 642 -34.81 38.64 -15.02
C ALA A 642 -35.93 37.92 -14.28
N GLN A 643 -36.42 36.81 -14.82
CA GLN A 643 -37.48 36.06 -14.17
C GLN A 643 -37.30 34.58 -14.44
N ILE A 644 -37.73 33.76 -13.48
CA ILE A 644 -37.70 32.31 -13.58
C ILE A 644 -39.12 31.81 -13.39
N GLN A 645 -39.65 31.13 -14.41
CA GLN A 645 -41.02 30.61 -14.39
C GLN A 645 -40.97 29.12 -14.04
N THR A 646 -41.26 28.82 -12.79
CA THR A 646 -41.30 27.51 -12.16
C THR A 646 -42.74 26.99 -12.12
N PRO A 647 -42.96 25.66 -12.22
CA PRO A 647 -44.31 25.13 -12.03
C PRO A 647 -44.94 25.54 -10.71
N GLU A 648 -44.10 25.88 -9.72
CA GLU A 648 -44.62 26.39 -8.46
C GLU A 648 -45.07 27.84 -8.59
N GLY A 649 -44.20 28.71 -9.08
CA GLY A 649 -44.53 30.10 -9.26
C GLY A 649 -43.56 30.79 -10.19
N VAL A 650 -43.57 32.12 -10.16
CA VAL A 650 -42.72 32.93 -11.02
C VAL A 650 -41.91 33.87 -10.12
N THR A 651 -40.60 33.65 -10.07
CA THR A 651 -39.71 34.50 -9.27
C THR A 651 -39.10 35.58 -10.15
N SER A 652 -38.91 36.77 -9.59
CA SER A 652 -38.35 37.89 -10.32
C SER A 652 -37.12 38.43 -9.60
N TYR A 653 -36.20 38.99 -10.38
CA TYR A 653 -34.99 39.60 -9.85
C TYR A 653 -34.82 41.01 -10.40
N GLN A 654 -34.24 41.88 -9.58
CA GLN A 654 -34.00 43.27 -9.96
C GLN A 654 -32.59 43.64 -9.54
N TRP A 655 -31.76 44.00 -10.51
CA TRP A 655 -30.37 44.34 -10.27
C TRP A 655 -30.19 45.85 -10.20
N GLY A 656 -29.03 46.27 -9.73
CA GLY A 656 -28.71 47.67 -9.61
C GLY A 656 -27.60 48.11 -10.56
N ALA A 657 -27.66 47.61 -11.79
CA ALA A 657 -26.66 47.88 -12.83
C ALA A 657 -25.26 47.44 -12.42
N LEU A 658 -25.16 46.50 -11.48
CA LEU A 658 -23.86 45.98 -11.05
C LEU A 658 -23.86 44.48 -10.83
N ALA A 659 -24.96 43.78 -11.12
CA ALA A 659 -25.08 42.33 -10.91
C ALA A 659 -24.76 41.95 -9.46
N GLN A 660 -25.61 42.46 -8.56
CA GLN A 660 -25.41 42.24 -7.13
C GLN A 660 -26.67 41.76 -6.43
N GLN A 661 -27.72 41.39 -7.17
CA GLN A 661 -28.97 40.88 -6.61
C GLN A 661 -29.58 41.87 -5.62
N GLU A 662 -29.98 43.01 -6.16
CA GLU A 662 -30.52 44.08 -5.33
C GLU A 662 -31.86 43.67 -4.70
N ALA A 663 -32.80 43.20 -5.52
CA ALA A 663 -34.12 42.84 -5.02
C ALA A 663 -34.56 41.52 -5.62
N VAL A 664 -35.29 40.74 -4.82
CA VAL A 664 -35.86 39.47 -5.26
C VAL A 664 -37.33 39.46 -4.90
N ILE A 665 -38.18 39.16 -5.88
CA ILE A 665 -39.63 39.16 -5.72
C ILE A 665 -40.12 37.72 -5.82
N PHE A 666 -40.83 37.27 -4.80
CA PHE A 666 -41.37 35.92 -4.75
C PHE A 666 -42.67 35.84 -5.55
N PRO A 667 -43.09 34.63 -5.94
CA PRO A 667 -44.34 34.50 -6.70
C PRO A 667 -45.57 34.95 -5.93
N ASP A 668 -45.53 34.92 -4.59
CA ASP A 668 -46.70 35.34 -3.81
C ASP A 668 -46.96 36.83 -3.97
N GLY A 669 -45.92 37.65 -3.89
CA GLY A 669 -46.08 39.09 -4.02
C GLY A 669 -45.14 39.87 -3.12
N SER A 670 -44.54 39.19 -2.14
CA SER A 670 -43.59 39.83 -1.26
C SER A 670 -42.25 40.02 -1.97
N HIS A 671 -41.40 40.84 -1.36
CA HIS A 671 -40.09 41.15 -1.93
C HIS A 671 -39.06 41.27 -0.82
N ILE A 672 -37.80 41.02 -1.18
CA ILE A 672 -36.68 41.15 -0.25
C ILE A 672 -35.60 41.98 -0.96
N SER A 673 -35.21 43.07 -0.34
CA SER A 673 -34.20 43.97 -0.89
C SER A 673 -32.83 43.67 -0.27
N TYR A 674 -31.79 44.18 -0.93
CA TYR A 674 -30.42 44.00 -0.48
C TYR A 674 -29.69 45.33 -0.55
N GLU A 675 -29.06 45.71 0.56
CA GLU A 675 -28.30 46.94 0.65
C GLU A 675 -26.81 46.62 0.75
N TYR A 676 -25.99 47.33 -0.01
CA TYR A 676 -24.55 47.10 -0.05
C TYR A 676 -23.82 48.40 0.25
N ASP A 677 -22.82 48.32 1.12
CA ASP A 677 -21.97 49.46 1.44
C ASP A 677 -20.77 49.48 0.50
N GLN A 678 -19.76 50.26 0.84
CA GLN A 678 -18.53 50.29 0.05
C GLN A 678 -17.91 48.90 -0.04
N GLN A 679 -17.13 48.68 -1.10
CA GLN A 679 -16.51 47.40 -1.43
C GLN A 679 -17.51 46.30 -1.73
N ARG A 680 -18.79 46.66 -1.91
CA ARG A 680 -19.85 45.71 -2.30
C ARG A 680 -19.96 44.57 -1.29
N ASN A 681 -20.33 44.92 -0.06
CA ASN A 681 -20.55 43.97 1.00
C ASN A 681 -21.99 44.08 1.50
N LEU A 682 -22.63 42.95 1.69
CA LEU A 682 -24.03 42.95 2.15
C LEU A 682 -24.10 43.43 3.59
N THR A 683 -24.97 44.41 3.83
CA THR A 683 -25.13 45.00 5.16
C THR A 683 -26.52 44.79 5.74
N LYS A 684 -27.57 45.11 4.99
CA LYS A 684 -28.94 45.01 5.48
C LYS A 684 -29.71 43.96 4.70
N LEU A 685 -30.73 43.41 5.35
CA LEU A 685 -31.60 42.37 4.80
C LEU A 685 -33.05 42.71 5.04
N VAL A 686 -33.45 43.94 4.69
CA VAL A 686 -34.81 44.39 4.91
C VAL A 686 -35.78 43.50 4.16
N ARG A 687 -36.79 43.01 4.87
CA ARG A 687 -37.82 42.15 4.30
C ARG A 687 -39.09 42.97 4.05
N SER A 688 -40.16 42.28 3.66
CA SER A 688 -41.44 42.91 3.39
C SER A 688 -42.36 42.93 4.60
N ASP A 689 -41.81 42.77 5.81
CA ASP A 689 -42.61 42.77 7.02
C ASP A 689 -42.17 43.81 8.05
N GLY A 690 -41.11 44.57 7.77
CA GLY A 690 -40.64 45.58 8.71
C GLY A 690 -39.34 45.21 9.38
N LEU A 691 -39.17 43.93 9.70
CA LEU A 691 -37.93 43.48 10.34
C LEU A 691 -36.77 43.54 9.35
N ALA A 692 -35.55 43.45 9.89
CA ALA A 692 -34.36 43.55 9.07
C ALA A 692 -33.20 42.87 9.78
N PHE A 693 -32.35 42.21 9.00
CA PHE A 693 -31.13 41.60 9.50
C PHE A 693 -29.94 42.45 9.13
N GLU A 694 -28.98 42.55 10.05
CA GLU A 694 -27.80 43.39 9.87
C GLU A 694 -26.54 42.55 9.98
N PHE A 695 -25.50 42.99 9.27
CA PHE A 695 -24.20 42.33 9.29
C PHE A 695 -23.12 43.37 9.57
N TRP A 696 -22.01 42.92 10.16
CA TRP A 696 -20.89 43.78 10.48
C TRP A 696 -19.59 43.08 10.11
N TYR A 697 -18.69 43.82 9.47
CA TYR A 697 -17.40 43.30 9.05
C TYR A 697 -16.27 44.11 9.68
N ASP A 698 -15.17 43.42 9.96
CA ASP A 698 -14.01 44.04 10.56
C ASP A 698 -13.05 44.51 9.45
N SER A 699 -11.83 44.88 9.84
CA SER A 699 -10.85 45.37 8.88
C SER A 699 -10.34 44.28 7.93
N GLU A 700 -10.60 43.01 8.23
CA GLU A 700 -10.17 41.91 7.38
C GLU A 700 -11.26 41.43 6.44
N GLY A 701 -12.43 42.06 6.45
CA GLY A 701 -13.52 41.63 5.60
C GLY A 701 -14.23 40.38 6.05
N LEU A 702 -14.16 40.05 7.33
CA LEU A 702 -14.80 38.86 7.87
C LEU A 702 -16.04 39.25 8.66
N LEU A 703 -17.09 38.43 8.56
CA LEU A 703 -18.34 38.70 9.25
C LEU A 703 -18.13 38.60 10.76
N SER A 704 -18.29 39.72 11.47
CA SER A 704 -18.12 39.76 12.92
C SER A 704 -19.26 40.61 13.48
N GLY A 705 -20.36 39.95 13.84
CA GLY A 705 -21.50 40.65 14.39
C GLY A 705 -22.75 40.53 13.54
N THR A 706 -23.82 39.98 14.10
CA THR A 706 -25.07 39.81 13.39
C THR A 706 -26.22 40.25 14.30
N VAL A 707 -27.15 41.02 13.75
CA VAL A 707 -28.31 41.52 14.48
C VAL A 707 -29.53 40.72 14.01
N GLY A 708 -30.12 39.96 14.93
CA GLY A 708 -31.28 39.17 14.60
C GLY A 708 -32.53 40.00 14.42
N PHE A 709 -33.59 39.33 14.00
CA PHE A 709 -34.87 40.01 13.78
C PHE A 709 -35.48 40.47 15.11
N ASP A 710 -35.39 39.62 16.14
CA ASP A 710 -35.94 39.97 17.45
C ASP A 710 -35.09 40.98 18.21
N GLY A 711 -33.83 41.14 17.83
CA GLY A 711 -32.96 42.10 18.49
C GLY A 711 -31.74 41.48 19.12
N LEU A 712 -31.31 40.33 18.60
CA LEU A 712 -30.13 39.66 19.12
C LEU A 712 -28.86 40.38 18.66
N HIS A 713 -27.73 39.90 19.17
CA HIS A 713 -26.44 40.50 18.84
C HIS A 713 -25.34 39.48 19.06
N SER A 714 -24.31 39.56 18.22
CA SER A 714 -23.17 38.67 18.29
C SER A 714 -21.89 39.47 18.06
N GLN A 715 -20.75 38.84 18.36
CA GLN A 715 -19.45 39.48 18.19
C GLN A 715 -18.59 38.77 17.15
N PHE A 716 -18.43 37.44 17.27
CA PHE A 716 -17.66 36.64 16.32
C PHE A 716 -16.21 37.14 16.23
N LYS A 717 -15.51 37.05 17.35
CA LYS A 717 -14.11 37.45 17.42
C LYS A 717 -13.21 36.34 16.91
N TYR A 718 -12.38 36.65 15.92
CA TYR A 718 -11.46 35.70 15.32
C TYR A 718 -10.06 35.91 15.87
N ASP A 719 -9.20 34.91 15.61
CA ASP A 719 -7.81 34.96 16.04
C ASP A 719 -6.95 35.56 14.94
N SER A 720 -5.63 35.47 15.10
CA SER A 720 -4.69 36.02 14.11
C SER A 720 -4.49 35.12 12.90
N MET A 721 -5.24 34.01 12.80
CA MET A 721 -5.12 33.10 11.68
C MET A 721 -6.37 33.03 10.82
N GLY A 722 -7.54 33.32 11.37
CA GLY A 722 -8.79 33.26 10.65
C GLY A 722 -9.83 32.30 11.19
N ARG A 723 -9.69 31.84 12.43
CA ARG A 723 -10.65 30.94 13.05
C ARG A 723 -11.29 31.61 14.25
N ILE A 724 -12.57 31.33 14.45
CA ILE A 724 -13.32 31.93 15.56
C ILE A 724 -12.87 31.28 16.87
N ILE A 725 -12.55 32.12 17.85
CA ILE A 725 -12.17 31.63 19.17
C ILE A 725 -13.17 32.02 20.25
N ARG A 726 -13.98 33.06 20.05
CA ARG A 726 -14.98 33.47 21.03
C ARG A 726 -16.24 33.89 20.27
N LYS A 727 -17.30 33.09 20.38
CA LYS A 727 -18.55 33.43 19.71
C LYS A 727 -19.21 34.65 20.34
N ASP A 728 -19.23 34.70 21.68
CA ASP A 728 -19.75 35.84 22.43
C ASP A 728 -21.22 36.12 22.07
N VAL A 729 -22.06 35.12 22.35
CA VAL A 729 -23.50 35.27 22.17
C VAL A 729 -24.02 36.21 23.25
N ALA A 730 -25.25 36.70 23.11
CA ALA A 730 -25.79 37.68 24.03
C ALA A 730 -25.81 37.18 25.47
N ASP A 731 -25.86 35.85 25.66
CA ASP A 731 -25.92 35.30 27.02
C ASP A 731 -25.02 34.11 27.25
N ARG A 732 -24.27 33.65 26.24
CA ARG A 732 -23.40 32.48 26.40
C ARG A 732 -22.15 32.65 25.56
N THR A 733 -21.10 31.93 25.96
CA THR A 733 -19.84 31.91 25.24
C THR A 733 -19.45 30.47 24.93
N VAL A 734 -18.47 30.31 24.03
CA VAL A 734 -17.98 29.00 23.64
C VAL A 734 -16.50 28.82 23.96
N LEU A 735 -15.68 29.83 23.70
CA LEU A 735 -14.25 29.83 24.02
C LEU A 735 -13.54 28.66 23.35
N TYR A 736 -13.52 28.72 22.02
CA TYR A 736 -12.83 27.71 21.24
C TYR A 736 -11.33 27.73 21.53
N SER A 737 -10.67 26.59 21.26
CA SER A 737 -9.24 26.47 21.47
C SER A 737 -8.71 25.32 20.61
N TYR A 738 -7.69 25.60 19.81
CA TYR A 738 -7.11 24.62 18.91
C TYR A 738 -5.80 24.08 19.49
N ASP A 739 -5.12 23.25 18.71
CA ASP A 739 -3.88 22.61 19.11
C ASP A 739 -2.79 22.88 18.07
N ASP A 740 -2.66 24.15 17.67
CA ASP A 740 -1.66 24.64 16.72
C ASP A 740 -1.54 23.76 15.47
N ALA A 741 -2.64 23.10 15.10
CA ALA A 741 -2.66 22.26 13.91
C ALA A 741 -3.92 22.45 13.08
N GLY A 742 -4.78 23.40 13.43
CA GLY A 742 -6.00 23.65 12.67
C GLY A 742 -7.19 22.81 13.08
N PHE A 743 -7.03 21.91 14.04
CA PHE A 743 -8.11 21.04 14.49
C PHE A 743 -8.58 21.45 15.88
N LEU A 744 -9.88 21.27 16.12
CA LEU A 744 -10.46 21.62 17.41
C LEU A 744 -10.28 20.47 18.40
N GLN A 745 -9.95 20.82 19.65
CA GLN A 745 -9.73 19.81 20.67
C GLN A 745 -10.32 20.16 22.02
N HIS A 746 -11.03 21.28 22.16
CA HIS A 746 -11.60 21.67 23.44
C HIS A 746 -12.72 22.67 23.20
N ILE A 747 -13.87 22.42 23.82
CA ILE A 747 -15.03 23.31 23.73
C ILE A 747 -15.49 23.56 25.17
N LYS A 748 -15.03 24.66 25.77
CA LYS A 748 -15.40 25.01 27.14
C LYS A 748 -16.49 26.09 27.07
N ALA A 749 -17.72 25.63 26.84
CA ALA A 749 -18.86 26.53 26.76
C ALA A 749 -19.52 26.67 28.13
N GLY A 750 -20.01 27.88 28.40
CA GLY A 750 -20.66 28.16 29.66
C GLY A 750 -21.25 29.54 29.76
N ASN A 751 -22.39 29.66 30.43
CA ASN A 751 -23.06 30.93 30.65
C ASN A 751 -23.03 31.31 32.13
N GLY A 752 -21.96 30.94 32.83
CA GLY A 752 -21.87 31.15 34.26
C GLY A 752 -21.94 29.86 35.04
N LYS A 753 -22.79 28.94 34.58
CA LYS A 753 -22.95 27.63 35.19
C LYS A 753 -23.08 26.59 34.08
N ASN A 754 -23.15 25.31 34.49
CA ASN A 754 -23.32 24.19 33.58
C ASN A 754 -22.21 24.15 32.53
N ILE A 755 -20.98 23.95 33.02
CA ILE A 755 -19.83 23.84 32.13
C ILE A 755 -19.90 22.53 31.36
N VAL A 756 -19.62 22.59 30.06
CA VAL A 756 -19.73 21.39 29.21
C VAL A 756 -18.48 20.53 29.33
N GLU A 757 -17.30 21.15 29.21
CA GLU A 757 -16.01 20.46 29.32
C GLU A 757 -15.90 19.35 28.27
N ASN A 758 -15.88 19.76 27.01
CA ASN A 758 -15.65 18.84 25.91
C ASN A 758 -14.16 18.74 25.61
N HIS A 759 -13.78 17.67 24.92
CA HIS A 759 -12.39 17.43 24.58
C HIS A 759 -12.30 16.49 23.40
N PHE A 760 -11.30 16.72 22.55
CA PHE A 760 -11.06 15.90 21.37
C PHE A 760 -9.58 15.56 21.28
N ASN A 761 -9.27 14.55 20.48
CA ASN A 761 -7.91 14.06 20.29
C ASN A 761 -7.60 13.89 18.81
N TYR A 762 -7.90 14.91 18.02
CA TYR A 762 -7.65 14.87 16.58
C TYR A 762 -6.16 14.68 16.30
N THR A 763 -5.84 13.74 15.42
CA THR A 763 -4.47 13.45 15.05
C THR A 763 -4.07 14.31 13.86
N LEU A 764 -2.92 14.00 13.26
CA LEU A 764 -2.39 14.75 12.12
C LEU A 764 -3.14 14.33 10.87
N GLY A 765 -4.26 15.00 10.60
CA GLY A 765 -5.06 14.71 9.43
C GLY A 765 -6.40 14.08 9.75
N GLY A 766 -6.97 14.45 10.89
CA GLY A 766 -8.24 13.89 11.31
C GLY A 766 -8.08 12.65 12.16
N ARG A 767 -9.09 11.77 12.13
CA ARG A 767 -9.07 10.51 12.88
C ARG A 767 -8.83 10.77 14.37
N LEU A 768 -9.80 11.43 14.99
CA LEU A 768 -9.71 11.78 16.40
C LEU A 768 -9.59 10.53 17.27
N THR A 769 -10.41 9.52 17.00
CA THR A 769 -10.40 8.24 17.70
C THR A 769 -10.58 8.39 19.22
N LEU A 770 -11.07 9.55 19.68
CA LEU A 770 -11.28 9.77 21.10
C LEU A 770 -12.18 10.98 21.29
N ALA A 771 -13.25 10.80 22.07
CA ALA A 771 -14.16 11.88 22.41
C ALA A 771 -14.60 11.65 23.85
N SER A 772 -14.02 12.40 24.78
CA SER A 772 -14.25 12.21 26.21
C SER A 772 -15.15 13.31 26.75
N ASN A 773 -16.02 12.93 27.68
CA ASN A 773 -16.92 13.86 28.33
C ASN A 773 -17.18 13.37 29.75
N ARG A 774 -18.03 14.10 30.48
CA ARG A 774 -18.36 13.73 31.85
C ARG A 774 -19.43 12.64 31.93
N HIS A 775 -20.01 12.25 30.80
CA HIS A 775 -21.06 11.23 30.79
C HIS A 775 -20.66 9.99 29.99
N GLN A 776 -20.20 10.15 28.76
CA GLN A 776 -19.82 9.04 27.91
C GLN A 776 -18.50 9.34 27.21
N THR A 777 -17.74 8.28 26.96
CA THR A 777 -16.44 8.38 26.30
C THR A 777 -16.43 7.45 25.10
N LEU A 778 -16.30 8.03 23.90
CA LEU A 778 -16.27 7.27 22.66
C LEU A 778 -14.84 7.09 22.20
N GLN A 779 -14.54 5.88 21.70
CA GLN A 779 -13.21 5.54 21.22
C GLN A 779 -13.31 4.82 19.88
N TYR A 780 -12.30 4.99 19.05
CA TYR A 780 -12.24 4.36 17.75
C TYR A 780 -10.84 3.81 17.51
N GLN A 781 -10.78 2.71 16.74
CA GLN A 781 -9.52 2.07 16.40
C GLN A 781 -9.51 1.79 14.90
N TYR A 782 -8.61 2.45 14.18
CA TYR A 782 -8.50 2.27 12.75
C TYR A 782 -7.50 1.17 12.40
N SER A 783 -7.58 0.70 11.16
CA SER A 783 -6.70 -0.35 10.67
C SER A 783 -5.45 0.28 10.04
N SER A 784 -4.64 -0.53 9.38
CA SER A 784 -3.44 -0.02 8.74
C SER A 784 -3.76 0.74 7.46
N PHE A 785 -4.90 0.43 6.82
CA PHE A 785 -5.30 1.11 5.60
C PHE A 785 -6.19 2.32 5.87
N GLY A 786 -6.94 2.31 6.97
CA GLY A 786 -7.83 3.41 7.29
C GLY A 786 -9.26 2.98 7.46
N HIS A 787 -9.48 1.69 7.77
CA HIS A 787 -10.81 1.16 7.98
C HIS A 787 -11.23 1.35 9.43
N LEU A 788 -12.49 1.73 9.63
CA LEU A 788 -13.05 1.92 10.97
C LEU A 788 -13.66 0.60 11.43
N THR A 789 -12.97 -0.09 12.33
CA THR A 789 -13.41 -1.39 12.82
C THR A 789 -13.67 -1.38 14.32
N LYS A 790 -13.89 -0.20 14.91
CA LYS A 790 -14.12 -0.10 16.34
C LYS A 790 -14.98 1.13 16.61
N ARG A 791 -16.10 0.93 17.30
CA ARG A 791 -17.03 2.00 17.67
C ARG A 791 -17.42 1.87 19.13
N ILE A 792 -16.42 1.71 19.99
CA ILE A 792 -16.65 1.50 21.41
C ILE A 792 -17.26 2.77 22.00
N GLN A 793 -18.53 2.69 22.38
CA GLN A 793 -19.25 3.80 23.01
C GLN A 793 -19.48 3.44 24.47
N GLY A 794 -18.68 4.03 25.36
CA GLY A 794 -18.78 3.74 26.78
C GLY A 794 -18.33 2.35 27.13
N GLN A 795 -19.27 1.48 27.49
CA GLN A 795 -18.97 0.11 27.86
C GLN A 795 -19.33 -0.90 26.79
N PHE A 796 -20.02 -0.48 25.73
CA PHE A 796 -20.41 -1.38 24.66
C PHE A 796 -19.37 -1.38 23.53
N GLU A 797 -19.40 -2.43 22.72
CA GLU A 797 -18.44 -2.61 21.65
C GLU A 797 -19.17 -3.03 20.38
N ILE A 798 -18.90 -2.31 19.28
CA ILE A 798 -19.45 -2.61 17.97
C ILE A 798 -18.30 -2.79 16.99
N GLY A 799 -18.49 -3.68 16.02
CA GLY A 799 -17.44 -3.93 15.06
C GLY A 799 -17.94 -4.21 13.66
N GLU A 800 -17.09 -3.95 12.66
CA GLU A 800 -17.43 -4.23 11.27
C GLU A 800 -16.16 -4.64 10.52
N GLU A 801 -16.33 -5.54 9.56
CA GLU A 801 -15.24 -6.04 8.74
C GLU A 801 -15.35 -5.48 7.34
N PHE A 802 -14.21 -5.41 6.66
CA PHE A 802 -14.13 -4.85 5.31
C PHE A 802 -13.51 -5.87 4.36
N ASN A 803 -13.85 -5.72 3.08
CA ASN A 803 -13.36 -6.61 2.04
C ASN A 803 -12.08 -6.03 1.45
N ARG A 804 -11.62 -6.61 0.33
CA ARG A 804 -10.41 -6.14 -0.33
C ARG A 804 -10.63 -4.87 -1.12
N VAL A 805 -11.88 -4.51 -1.41
CA VAL A 805 -12.20 -3.33 -2.20
C VAL A 805 -12.87 -2.25 -1.36
N GLY A 806 -12.84 -2.39 -0.03
CA GLY A 806 -13.41 -1.39 0.85
C GLY A 806 -14.84 -1.61 1.26
N GLN A 807 -15.51 -2.61 0.70
CA GLN A 807 -16.90 -2.88 1.06
C GLN A 807 -17.00 -3.45 2.46
N ARG A 808 -18.00 -3.01 3.21
CA ARG A 808 -18.20 -3.43 4.59
C ARG A 808 -19.14 -4.63 4.62
N VAL A 809 -18.66 -5.74 5.21
CA VAL A 809 -19.44 -6.96 5.34
C VAL A 809 -19.25 -7.54 6.72
N SER A 810 -20.21 -8.35 7.15
CA SER A 810 -20.16 -9.08 8.41
C SER A 810 -20.00 -8.13 9.60
N GLN A 811 -21.02 -7.29 9.79
CA GLN A 811 -21.02 -6.38 10.94
C GLN A 811 -21.41 -7.14 12.21
N THR A 812 -20.52 -7.13 13.20
CA THR A 812 -20.72 -7.82 14.46
C THR A 812 -21.18 -6.79 15.50
N LEU A 813 -22.39 -6.97 16.00
CA LEU A 813 -23.00 -6.13 17.02
C LEU A 813 -22.80 -6.73 18.39
N PRO A 814 -22.93 -5.93 19.46
CA PRO A 814 -22.81 -6.49 20.82
C PRO A 814 -23.91 -7.48 21.15
N ASP A 815 -23.82 -8.09 22.33
CA ASP A 815 -24.79 -9.10 22.78
C ASP A 815 -24.81 -10.31 21.86
N LYS A 816 -23.65 -10.66 21.29
CA LYS A 816 -23.48 -11.84 20.45
C LYS A 816 -24.43 -11.82 19.26
N THR A 817 -24.24 -10.82 18.40
CA THR A 817 -25.04 -10.66 17.19
C THR A 817 -24.14 -10.24 16.05
N SER A 818 -24.34 -10.85 14.89
CA SER A 818 -23.54 -10.55 13.71
C SER A 818 -24.38 -10.73 12.46
N PHE A 819 -24.29 -9.77 11.55
CA PHE A 819 -25.00 -9.81 10.29
C PHE A 819 -24.07 -10.23 9.16
N ASN A 820 -24.57 -10.20 7.93
CA ASN A 820 -23.77 -10.51 6.76
C ASN A 820 -24.33 -9.74 5.57
N PHE A 821 -23.46 -9.04 4.86
CA PHE A 821 -23.85 -8.25 3.70
C PHE A 821 -23.31 -8.90 2.42
N SER A 822 -24.12 -8.87 1.37
CA SER A 822 -23.71 -9.43 0.08
C SER A 822 -24.10 -8.43 -1.01
N TYR A 823 -23.12 -7.97 -1.77
CA TYR A 823 -23.32 -6.98 -2.81
C TYR A 823 -23.47 -7.66 -4.16
N ASP A 824 -23.90 -6.87 -5.16
CA ASP A 824 -24.07 -7.35 -6.51
C ASP A 824 -23.31 -6.47 -7.50
N THR A 825 -23.58 -6.65 -8.79
CA THR A 825 -22.95 -5.82 -9.81
C THR A 825 -23.30 -4.35 -9.59
N ASN A 826 -22.40 -3.47 -10.03
CA ASN A 826 -22.50 -2.01 -9.94
C ASN A 826 -22.37 -1.52 -8.50
N GLY A 827 -21.98 -2.37 -7.56
CA GLY A 827 -21.73 -1.95 -6.20
C GLY A 827 -22.95 -1.45 -5.45
N ARG A 828 -23.88 -2.36 -5.17
CA ARG A 828 -25.08 -2.02 -4.41
C ARG A 828 -25.38 -3.14 -3.43
N LEU A 829 -26.01 -2.79 -2.32
CA LEU A 829 -26.41 -3.79 -1.33
C LEU A 829 -27.53 -4.65 -1.88
N SER A 830 -27.36 -5.96 -1.81
CA SER A 830 -28.31 -6.90 -2.40
C SER A 830 -28.89 -7.88 -1.41
N GLU A 831 -28.10 -8.41 -0.48
CA GLU A 831 -28.58 -9.42 0.45
C GLU A 831 -28.10 -9.09 1.86
N ILE A 832 -29.01 -9.21 2.82
CA ILE A 832 -28.70 -8.99 4.23
C ILE A 832 -29.10 -10.26 4.97
N ARG A 833 -28.12 -11.09 5.30
CA ARG A 833 -28.35 -12.34 6.02
C ARG A 833 -28.01 -12.17 7.49
N PHE A 834 -28.59 -13.05 8.31
CA PHE A 834 -28.39 -13.04 9.75
C PHE A 834 -27.67 -14.31 10.19
N SER A 835 -27.23 -14.30 11.44
CA SER A 835 -26.49 -15.44 12.00
C SER A 835 -27.41 -16.51 12.57
N ASP A 836 -28.54 -16.12 13.15
CA ASP A 836 -29.46 -17.09 13.71
C ASP A 836 -30.13 -17.91 12.60
N ASP A 837 -30.41 -19.18 12.92
CA ASP A 837 -31.02 -20.07 11.94
C ASP A 837 -32.51 -19.78 11.74
N SER A 838 -33.13 -19.04 12.65
CA SER A 838 -34.55 -18.71 12.57
C SER A 838 -34.80 -17.31 12.03
N LEU A 839 -33.87 -16.78 11.24
CA LEU A 839 -34.01 -15.45 10.65
C LEU A 839 -33.77 -15.53 9.16
N PRO A 840 -34.79 -15.33 8.33
CA PRO A 840 -34.59 -15.40 6.87
C PRO A 840 -33.84 -14.17 6.36
N LYS A 841 -33.19 -14.36 5.21
CA LYS A 841 -32.43 -13.29 4.59
C LYS A 841 -33.34 -12.35 3.81
N ILE A 842 -32.97 -11.08 3.78
CA ILE A 842 -33.74 -10.04 3.10
C ILE A 842 -33.09 -9.74 1.76
N GLU A 843 -33.92 -9.61 0.72
CA GLU A 843 -33.43 -9.36 -0.63
C GLU A 843 -34.10 -8.12 -1.20
N PHE A 844 -33.36 -7.40 -2.04
CA PHE A 844 -33.84 -6.22 -2.72
C PHE A 844 -33.51 -6.31 -4.20
N GLN A 845 -34.19 -5.49 -5.00
CA GLN A 845 -33.93 -5.41 -6.42
C GLN A 845 -34.01 -3.95 -6.87
N TYR A 846 -33.23 -3.62 -7.89
CA TYR A 846 -33.16 -2.27 -8.42
C TYR A 846 -33.72 -2.24 -9.84
N ASP A 847 -34.14 -1.05 -10.27
CA ASP A 847 -34.68 -0.84 -11.61
C ASP A 847 -33.55 -0.44 -12.56
N VAL A 848 -33.93 0.01 -13.77
CA VAL A 848 -32.93 0.43 -14.74
C VAL A 848 -32.35 1.79 -14.37
N MET A 849 -33.16 2.65 -13.73
CA MET A 849 -32.67 3.98 -13.36
C MET A 849 -31.71 3.94 -12.18
N GLY A 850 -31.71 2.86 -11.40
CA GLY A 850 -30.82 2.74 -10.27
C GLY A 850 -31.46 3.12 -8.95
N ARG A 851 -32.68 2.66 -8.73
CA ARG A 851 -33.42 2.94 -7.50
C ARG A 851 -34.06 1.66 -6.99
N LEU A 852 -34.28 1.60 -5.69
CA LEU A 852 -34.92 0.44 -5.08
C LEU A 852 -36.35 0.33 -5.55
N SER A 853 -36.72 -0.82 -6.13
CA SER A 853 -38.05 -1.03 -6.66
C SER A 853 -38.85 -2.04 -5.84
N VAL A 854 -38.32 -3.25 -5.65
CA VAL A 854 -39.01 -4.27 -4.88
C VAL A 854 -38.07 -4.83 -3.82
N THR A 855 -38.66 -5.32 -2.74
CA THR A 855 -37.89 -5.89 -1.63
C THR A 855 -38.75 -6.90 -0.88
N GLU A 856 -38.14 -8.06 -0.58
CA GLU A 856 -38.85 -9.11 0.14
C GLU A 856 -37.83 -10.04 0.78
N THR A 857 -38.24 -10.66 1.89
CA THR A 857 -37.39 -11.63 2.57
C THR A 857 -37.96 -13.05 2.53
N GLU A 858 -39.15 -13.29 3.09
CA GLU A 858 -39.81 -14.58 2.90
C GLU A 858 -41.29 -14.49 2.54
N SER A 859 -42.05 -13.52 3.08
CA SER A 859 -43.46 -13.40 2.77
C SER A 859 -43.95 -11.96 2.68
N PHE A 860 -43.08 -10.97 2.82
CA PHE A 860 -43.47 -9.57 2.83
C PHE A 860 -42.80 -8.88 1.66
N ARG A 861 -43.58 -8.55 0.63
CA ARG A 861 -43.07 -7.98 -0.60
C ARG A 861 -43.54 -6.54 -0.72
N GLU A 862 -42.59 -5.61 -0.78
CA GLU A 862 -42.88 -4.20 -1.00
C GLU A 862 -42.45 -3.85 -2.41
N SER A 863 -43.30 -3.12 -3.13
CA SER A 863 -43.04 -2.70 -4.49
C SER A 863 -43.42 -1.24 -4.67
N LYS A 864 -42.57 -0.49 -5.36
CA LYS A 864 -42.80 0.93 -5.63
C LYS A 864 -42.78 1.17 -7.13
N LEU A 865 -43.66 2.05 -7.60
CA LEU A 865 -43.75 2.39 -9.02
C LEU A 865 -43.57 3.89 -9.19
N TYR A 866 -42.75 4.27 -10.16
CA TYR A 866 -42.48 5.67 -10.46
C TYR A 866 -43.05 6.03 -11.84
N ASP A 867 -43.34 7.32 -12.02
CA ASP A 867 -43.88 7.79 -13.28
C ASP A 867 -42.79 8.17 -14.28
N GLY A 868 -41.63 8.59 -13.81
CA GLY A 868 -40.54 8.98 -14.68
C GLY A 868 -39.84 10.24 -14.22
N VAL A 869 -40.59 11.12 -13.57
CA VAL A 869 -40.01 12.37 -13.05
C VAL A 869 -39.23 12.17 -11.76
N GLY A 870 -39.41 11.03 -11.10
CA GLY A 870 -38.72 10.78 -9.84
C GLY A 870 -39.58 11.04 -8.62
N ARG A 871 -40.83 10.55 -8.66
CA ARG A 871 -41.76 10.73 -7.56
C ARG A 871 -42.59 9.47 -7.40
N LEU A 872 -42.73 9.00 -6.17
CA LEU A 872 -43.52 7.80 -5.91
C LEU A 872 -45.01 8.10 -6.10
N VAL A 873 -45.68 7.24 -6.86
CA VAL A 873 -47.09 7.45 -7.16
C VAL A 873 -47.92 6.23 -6.74
N GLU A 874 -47.28 5.07 -6.69
CA GLU A 874 -47.99 3.82 -6.39
C GLU A 874 -47.09 2.91 -5.56
N GLN A 875 -47.66 2.33 -4.50
CA GLN A 875 -46.92 1.45 -3.60
C GLN A 875 -47.78 0.26 -3.23
N GLN A 876 -47.26 -0.94 -3.44
CA GLN A 876 -47.94 -2.18 -3.13
C GLN A 876 -47.20 -2.93 -2.03
N TRP A 877 -47.98 -3.58 -1.14
CA TRP A 877 -47.42 -4.33 -0.03
C TRP A 877 -47.85 -5.79 -0.06
N SER A 878 -48.34 -6.28 -1.20
CA SER A 878 -48.86 -7.64 -1.33
C SER A 878 -49.99 -7.88 -0.33
N GLY A 879 -51.03 -7.06 -0.45
CA GLY A 879 -52.15 -7.10 0.48
C GLY A 879 -52.68 -5.73 0.79
N ARG A 880 -51.87 -4.70 0.52
CA ARG A 880 -52.26 -3.32 0.73
C ARG A 880 -51.81 -2.50 -0.48
N GLU A 881 -52.49 -1.38 -0.70
CA GLU A 881 -52.20 -0.53 -1.85
C GLU A 881 -52.26 0.93 -1.41
N LYS A 882 -51.41 1.75 -2.04
CA LYS A 882 -51.40 3.19 -1.80
C LYS A 882 -51.16 3.90 -3.12
N LYS A 883 -52.00 4.88 -3.42
CA LYS A 883 -51.90 5.65 -4.66
C LYS A 883 -51.90 7.14 -4.33
N TYR A 884 -51.18 7.92 -5.14
CA TYR A 884 -51.07 9.36 -4.94
C TYR A 884 -51.35 10.06 -6.25
N ILE A 885 -52.24 11.06 -6.20
CA ILE A 885 -52.59 11.88 -7.35
C ILE A 885 -52.17 13.31 -7.06
N TYR A 886 -51.31 13.87 -7.92
CA TYR A 886 -50.79 15.21 -7.75
C TYR A 886 -51.69 16.23 -8.43
N ASN A 887 -51.51 17.49 -8.05
CA ASN A 887 -52.24 18.59 -8.65
C ASN A 887 -51.44 19.17 -9.81
N ALA A 888 -51.86 20.33 -10.31
CA ALA A 888 -51.16 20.99 -11.41
C ALA A 888 -49.94 21.77 -10.95
N GLN A 889 -49.71 21.90 -9.65
CA GLN A 889 -48.59 22.64 -9.11
C GLN A 889 -47.49 21.72 -8.55
N ASN A 890 -47.47 20.46 -8.99
CA ASN A 890 -46.49 19.46 -8.55
C ASN A 890 -46.51 19.32 -7.02
N ARG A 891 -47.70 19.02 -6.50
CA ARG A 891 -47.91 18.83 -5.08
C ARG A 891 -48.91 17.71 -4.87
N ILE A 892 -48.73 16.97 -3.77
CA ILE A 892 -49.63 15.86 -3.46
C ILE A 892 -51.02 16.40 -3.18
N SER A 893 -51.98 16.03 -4.01
CA SER A 893 -53.36 16.51 -3.89
C SER A 893 -54.29 15.50 -3.25
N SER A 894 -54.20 14.22 -3.63
CA SER A 894 -55.08 13.20 -3.08
C SER A 894 -54.28 11.93 -2.82
N ILE A 895 -54.59 11.27 -1.71
CA ILE A 895 -53.97 10.01 -1.33
C ILE A 895 -55.06 8.98 -1.11
N LEU A 896 -54.95 7.84 -1.79
CA LEU A 896 -55.93 6.76 -1.73
C LEU A 896 -55.27 5.53 -1.11
N ASP A 897 -55.72 5.16 0.08
CA ASP A 897 -55.29 3.95 0.76
C ASP A 897 -56.42 2.94 0.70
N ASN A 898 -56.09 1.70 0.32
CA ASN A 898 -57.11 0.67 0.09
C ASN A 898 -57.89 0.33 1.35
N THR A 899 -57.36 0.63 2.53
CA THR A 899 -58.06 0.35 3.78
C THR A 899 -59.05 1.48 4.08
N ALA A 900 -59.98 1.66 3.14
CA ALA A 900 -61.04 2.66 3.22
C ALA A 900 -60.49 4.05 3.54
N GLY A 901 -59.66 4.55 2.65
CA GLY A 901 -59.10 5.88 2.85
C GLY A 901 -58.95 6.69 1.58
N ALA A 902 -59.50 7.90 1.56
CA ALA A 902 -59.36 8.83 0.44
C ALA A 902 -59.23 10.23 1.01
N THR A 903 -57.99 10.67 1.22
CA THR A 903 -57.73 11.97 1.84
C THR A 903 -57.31 12.99 0.79
N HIS A 904 -57.73 14.24 1.01
CA HIS A 904 -57.49 15.33 0.07
C HIS A 904 -56.83 16.50 0.78
N TYR A 905 -55.97 17.20 0.05
CA TYR A 905 -55.27 18.37 0.54
C TYR A 905 -55.28 19.46 -0.52
N GLN A 906 -55.39 20.71 -0.06
CA GLN A 906 -55.32 21.88 -0.94
C GLN A 906 -54.47 22.94 -0.25
N TYR A 907 -53.37 23.31 -0.90
CA TYR A 907 -52.42 24.27 -0.38
C TYR A 907 -52.71 25.66 -0.93
N ASP A 908 -51.78 26.58 -0.73
CA ASP A 908 -51.89 27.96 -1.19
C ASP A 908 -50.80 28.23 -2.23
N THR A 909 -50.67 29.50 -2.61
CA THR A 909 -49.72 29.87 -3.65
C THR A 909 -48.27 29.57 -3.24
N LEU A 910 -47.98 29.55 -1.94
CA LEU A 910 -46.64 29.27 -1.45
C LEU A 910 -46.45 27.82 -1.02
N GLY A 911 -47.52 27.03 -0.96
CA GLY A 911 -47.42 25.63 -0.60
C GLY A 911 -47.79 25.29 0.82
N TYR A 912 -48.11 26.29 1.65
CA TYR A 912 -48.49 26.01 3.02
C TYR A 912 -49.84 25.30 3.08
N VAL A 913 -50.05 24.56 4.17
CA VAL A 913 -51.28 23.79 4.33
C VAL A 913 -52.44 24.74 4.54
N THR A 914 -53.47 24.61 3.71
CA THR A 914 -54.66 25.45 3.80
C THR A 914 -55.92 24.66 4.13
N LYS A 915 -56.16 23.55 3.43
CA LYS A 915 -57.32 22.72 3.70
C LYS A 915 -56.92 21.24 3.62
N VAL A 916 -57.40 20.45 4.56
CA VAL A 916 -57.09 19.03 4.61
C VAL A 916 -58.32 18.28 5.09
N SER A 917 -58.68 17.21 4.38
CA SER A 917 -59.83 16.40 4.74
C SER A 917 -59.46 14.92 4.60
N GLU A 918 -59.33 14.22 5.72
CA GLU A 918 -59.05 12.79 5.71
C GLU A 918 -60.22 12.03 5.08
N ALA A 919 -61.37 12.03 5.76
CA ALA A 919 -62.59 11.45 5.21
C ALA A 919 -63.69 12.49 5.09
N GLY A 920 -64.03 13.17 6.18
CA GLY A 920 -65.03 14.21 6.17
C GLY A 920 -64.72 15.33 7.14
N SER A 921 -63.54 15.29 7.74
CA SER A 921 -63.12 16.27 8.74
C SER A 921 -62.26 17.32 8.04
N THR A 922 -62.90 18.38 7.58
CA THR A 922 -62.21 19.45 6.88
C THR A 922 -61.58 20.41 7.89
N SER A 923 -60.28 20.62 7.77
CA SER A 923 -59.56 21.56 8.63
C SER A 923 -59.18 22.80 7.84
N THR A 924 -58.96 23.90 8.55
CA THR A 924 -58.63 25.18 7.95
C THR A 924 -57.41 25.77 8.64
N PHE A 925 -56.42 26.19 7.85
CA PHE A 925 -55.22 26.83 8.36
C PHE A 925 -54.92 28.07 7.53
N GLU A 926 -54.12 28.96 8.10
CA GLU A 926 -53.75 30.20 7.43
C GLU A 926 -52.43 30.68 8.00
N SER A 927 -51.55 31.15 7.10
CA SER A 927 -50.24 31.66 7.49
C SER A 927 -50.03 33.03 6.87
N ASP A 928 -49.00 33.73 7.36
CA ASP A 928 -48.63 35.05 6.88
C ASP A 928 -47.54 35.01 5.82
N SER A 929 -47.49 33.93 5.04
CA SER A 929 -46.51 33.73 3.96
C SER A 929 -45.07 33.73 4.46
N PHE A 930 -44.87 33.58 5.78
CA PHE A 930 -43.52 33.53 6.33
C PHE A 930 -43.39 32.48 7.43
N GLY A 931 -44.33 31.56 7.54
CA GLY A 931 -44.26 30.53 8.55
C GLY A 931 -44.77 30.92 9.92
N ASN A 932 -45.85 31.71 9.97
CA ASN A 932 -46.43 32.15 11.22
C ASN A 932 -47.95 32.10 11.08
N PRO A 933 -48.66 31.56 12.07
CA PRO A 933 -50.13 31.49 11.98
C PRO A 933 -50.75 32.88 11.91
N ALA A 934 -51.79 33.01 11.09
CA ALA A 934 -52.46 34.28 10.87
C ALA A 934 -53.92 34.25 11.32
N LEU A 935 -54.33 33.22 12.06
CA LEU A 935 -55.68 33.15 12.56
C LEU A 935 -55.86 34.08 13.76
N ALA A 936 -57.11 34.27 14.16
CA ALA A 936 -57.43 35.17 15.27
C ALA A 936 -57.37 34.45 16.61
N ASP A 937 -56.24 33.78 16.88
CA ASP A 937 -56.00 33.14 18.15
C ASP A 937 -54.60 33.32 18.69
N SER A 938 -53.65 33.79 17.88
CA SER A 938 -52.26 33.93 18.29
C SER A 938 -51.87 35.40 18.31
N LYS A 939 -50.66 35.66 18.81
CA LYS A 939 -50.12 37.01 18.89
C LYS A 939 -48.60 36.91 18.79
N VAL A 940 -48.06 37.26 17.62
CA VAL A 940 -46.62 37.22 17.38
C VAL A 940 -46.03 38.58 17.73
N MET A 941 -44.99 38.58 18.56
CA MET A 941 -44.35 39.83 18.94
C MET A 941 -43.43 40.34 17.83
N SER A 942 -42.33 39.62 17.58
CA SER A 942 -41.44 39.95 16.47
C SER A 942 -41.42 38.84 15.43
N ASP A 943 -41.10 37.60 15.81
CA ASP A 943 -41.14 36.49 14.87
C ASP A 943 -41.61 35.19 15.50
N ARG A 944 -42.02 35.19 16.76
CA ARG A 944 -42.39 33.97 17.47
C ARG A 944 -43.79 34.14 18.08
N ILE A 945 -44.53 33.04 18.11
CA ILE A 945 -45.90 33.06 18.65
C ILE A 945 -45.84 33.07 20.17
N GLU A 946 -46.89 33.64 20.78
CA GLU A 946 -47.01 33.69 22.23
C GLU A 946 -48.21 32.92 22.76
N ALA A 947 -49.12 32.50 21.89
CA ALA A 947 -50.30 31.75 22.30
C ALA A 947 -50.82 30.96 21.11
N TYR A 948 -51.36 29.77 21.38
CA TYR A 948 -51.88 28.91 20.32
C TYR A 948 -52.95 28.02 20.92
N ALA A 949 -54.21 28.28 20.57
CA ALA A 949 -55.36 27.49 21.02
C ALA A 949 -55.41 27.41 22.55
N GLY A 950 -55.33 28.57 23.18
CA GLY A 950 -55.39 28.69 24.63
C GLY A 950 -54.06 28.50 25.33
N VAL A 951 -53.21 27.60 24.82
CA VAL A 951 -51.91 27.36 25.42
C VAL A 951 -51.03 28.60 25.22
N ARG A 952 -50.35 29.01 26.29
CA ARG A 952 -49.50 30.19 26.29
C ARG A 952 -48.06 29.79 26.54
N TYR A 953 -47.16 30.21 25.66
CA TYR A 953 -45.74 29.94 25.78
C TYR A 953 -45.00 31.16 26.32
N LYS A 954 -43.83 30.92 26.89
CA LYS A 954 -43.01 31.99 27.46
C LYS A 954 -41.58 31.78 27.01
N TYR A 955 -41.05 32.72 26.23
CA TYR A 955 -39.69 32.67 25.73
C TYR A 955 -38.77 33.53 26.58
N ASP A 956 -37.51 33.12 26.65
CA ASP A 956 -36.50 33.83 27.41
C ASP A 956 -35.69 34.75 26.49
N GLN A 957 -34.63 35.34 27.03
CA GLN A 957 -33.80 36.25 26.25
C GLN A 957 -33.01 35.53 25.17
N GLN A 958 -32.74 34.22 25.33
CA GLN A 958 -31.98 33.49 24.34
C GLN A 958 -32.79 33.31 23.06
N GLY A 959 -34.00 32.79 23.17
CA GLY A 959 -34.83 32.57 22.00
C GLY A 959 -35.65 31.31 22.08
N ASN A 960 -35.38 30.48 23.09
CA ASN A 960 -36.09 29.24 23.31
C ASN A 960 -37.11 29.40 24.44
N GLN A 961 -38.21 28.65 24.33
CA GLN A 961 -39.27 28.73 25.32
C GLN A 961 -38.94 27.85 26.52
N VAL A 962 -39.33 28.32 27.70
CA VAL A 962 -39.09 27.59 28.94
C VAL A 962 -40.37 27.26 29.70
N LYS A 963 -41.45 28.01 29.50
CA LYS A 963 -42.71 27.76 30.18
C LYS A 963 -43.82 27.60 29.16
N ARG A 964 -44.75 26.68 29.44
CA ARG A 964 -45.86 26.40 28.54
C ARG A 964 -47.07 26.05 29.38
N GLU A 965 -48.03 26.97 29.48
CA GLU A 965 -49.23 26.78 30.28
C GLU A 965 -50.39 26.40 29.35
N GLY A 966 -50.88 25.18 29.49
CA GLY A 966 -52.00 24.72 28.70
C GLY A 966 -53.31 24.74 29.44
N ASP A 967 -53.85 23.56 29.75
CA ASP A 967 -55.09 23.42 30.50
C ASP A 967 -54.71 22.93 31.90
N GLY A 968 -54.39 23.87 32.78
CA GLY A 968 -53.98 23.52 34.13
C GLY A 968 -52.67 22.79 34.24
N THR A 969 -51.86 22.80 33.19
CA THR A 969 -50.57 22.12 33.18
C THR A 969 -49.44 23.13 33.01
N VAL A 970 -48.38 22.95 33.79
CA VAL A 970 -47.20 23.82 33.74
C VAL A 970 -45.98 22.93 33.53
N GLN A 971 -45.15 23.31 32.56
CA GLN A 971 -43.94 22.57 32.23
C GLN A 971 -42.78 23.54 32.19
N LYS A 972 -41.89 23.47 33.18
CA LYS A 972 -40.71 24.32 33.25
C LYS A 972 -39.49 23.53 32.78
N ARG A 973 -38.81 24.04 31.77
CA ARG A 973 -37.64 23.39 31.19
C ARG A 973 -36.41 24.26 31.40
N VAL A 974 -35.28 23.62 31.70
CA VAL A 974 -34.01 24.32 31.89
C VAL A 974 -33.04 23.84 30.82
N PHE A 975 -32.23 24.77 30.31
CA PHE A 975 -31.31 24.49 29.22
C PHE A 975 -29.87 24.76 29.65
N ASP A 976 -28.94 24.14 28.92
CA ASP A 976 -27.52 24.32 29.16
C ASP A 976 -27.00 25.46 28.28
N ALA A 977 -25.67 25.59 28.22
CA ALA A 977 -25.04 26.61 27.40
C ALA A 977 -24.94 26.23 25.94
N LEU A 978 -25.29 25.00 25.57
CA LEU A 978 -25.26 24.55 24.18
C LEU A 978 -26.65 24.49 23.55
N SER A 979 -27.62 25.21 24.13
CA SER A 979 -29.00 25.24 23.64
C SER A 979 -29.58 23.83 23.56
N GLN A 980 -29.57 23.14 24.70
CA GLN A 980 -30.08 21.78 24.82
C GLN A 980 -30.81 21.62 26.14
N LEU A 981 -31.93 20.93 26.10
CA LEU A 981 -32.74 20.71 27.29
C LEU A 981 -32.12 19.60 28.13
N VAL A 982 -32.05 19.81 29.44
CA VAL A 982 -31.41 18.86 30.34
C VAL A 982 -32.42 18.37 31.37
N GLU A 983 -33.43 19.20 31.68
CA GLU A 983 -34.41 18.83 32.71
C GLU A 983 -35.70 19.59 32.45
N VAL A 984 -36.79 18.85 32.23
CA VAL A 984 -38.12 19.40 32.10
C VAL A 984 -38.98 18.81 33.21
N HIS A 985 -39.58 19.68 34.02
CA HIS A 985 -40.40 19.23 35.14
C HIS A 985 -41.70 20.01 35.22
N GLY A 986 -42.46 19.80 36.29
CA GLY A 986 -43.73 20.47 36.47
C GLY A 986 -44.91 19.54 36.53
N ASP A 987 -44.91 18.51 35.68
CA ASP A 987 -45.99 17.52 35.65
C ASP A 987 -45.70 16.34 36.55
N SER A 988 -45.34 16.62 37.81
CA SER A 988 -45.06 15.60 38.82
C SER A 988 -44.08 14.55 38.31
N SER A 989 -43.01 15.03 37.67
CA SER A 989 -42.01 14.12 37.10
C SER A 989 -40.69 14.86 36.98
N ILE A 990 -39.60 14.10 37.13
CA ILE A 990 -38.25 14.61 37.01
C ILE A 990 -37.49 13.72 36.03
N SER A 991 -36.89 14.33 35.01
CA SER A 991 -36.17 13.60 33.98
C SER A 991 -34.78 14.20 33.81
N HIS A 992 -33.80 13.35 33.57
CA HIS A 992 -32.41 13.76 33.37
C HIS A 992 -31.93 13.23 32.03
N TYR A 993 -31.50 14.12 31.16
CA TYR A 993 -30.99 13.76 29.85
C TYR A 993 -29.48 13.97 29.82
N GLU A 994 -28.74 12.88 29.69
CA GLU A 994 -27.28 12.90 29.65
C GLU A 994 -26.83 12.67 28.22
N TYR A 995 -26.17 13.67 27.65
CA TYR A 995 -25.70 13.63 26.27
C TYR A 995 -24.24 13.19 26.24
N ASP A 996 -23.62 13.29 25.06
CA ASP A 996 -22.22 12.95 24.86
C ASP A 996 -21.44 14.19 24.42
N ALA A 997 -20.18 13.98 24.04
CA ALA A 997 -19.35 15.09 23.60
C ALA A 997 -19.75 15.62 22.23
N LEU A 998 -20.53 14.85 21.46
CA LEU A 998 -20.96 15.29 20.14
C LEU A 998 -22.28 16.06 20.17
N GLY A 999 -23.26 15.56 20.91
CA GLY A 999 -24.54 16.24 21.00
C GLY A 999 -25.74 15.31 20.91
N ARG A 1000 -25.48 14.01 20.85
CA ARG A 1000 -26.54 13.01 20.77
C ARG A 1000 -26.99 12.59 22.16
N ARG A 1001 -28.21 12.07 22.23
CA ARG A 1001 -28.77 11.64 23.50
C ARG A 1001 -28.26 10.24 23.85
N THR A 1002 -27.78 10.08 25.08
CA THR A 1002 -27.20 8.83 25.53
C THR A 1002 -27.95 8.20 26.68
N LYS A 1003 -28.33 8.97 27.70
CA LYS A 1003 -28.98 8.41 28.89
C LYS A 1003 -30.23 9.21 29.22
N LYS A 1004 -31.29 8.50 29.58
CA LYS A 1004 -32.57 9.12 29.96
C LYS A 1004 -32.99 8.55 31.32
N ILE A 1005 -32.68 9.27 32.38
CA ILE A 1005 -33.07 8.89 33.74
C ILE A 1005 -34.48 9.44 33.97
N THR A 1006 -35.47 8.56 33.89
CA THR A 1006 -36.87 8.93 34.07
C THR A 1006 -37.46 8.13 35.23
N GLN A 1007 -38.77 8.32 35.44
CA GLN A 1007 -39.45 7.63 36.53
C GLN A 1007 -39.73 6.18 36.20
N ASN A 1008 -39.95 5.86 34.92
CA ASN A 1008 -40.25 4.48 34.54
C ASN A 1008 -39.03 3.58 34.72
N GLY A 1009 -37.93 3.90 34.04
CA GLY A 1009 -36.73 3.11 34.14
C GLY A 1009 -35.52 3.79 33.54
N ILE A 1010 -34.63 3.01 32.94
CA ILE A 1010 -33.42 3.53 32.31
C ILE A 1010 -33.34 2.96 30.90
N THR A 1011 -33.23 3.84 29.91
CA THR A 1011 -33.16 3.45 28.51
C THR A 1011 -31.84 3.92 27.92
N GLU A 1012 -31.11 3.00 27.28
CA GLU A 1012 -29.83 3.29 26.66
C GLU A 1012 -29.96 3.18 25.16
N PHE A 1013 -29.27 4.07 24.44
CA PHE A 1013 -29.29 4.12 22.99
C PHE A 1013 -27.88 3.95 22.45
N LEU A 1014 -27.76 3.23 21.34
CA LEU A 1014 -26.49 3.07 20.62
C LEU A 1014 -26.71 3.50 19.18
N TRP A 1015 -25.94 4.48 18.73
CA TRP A 1015 -26.09 5.06 17.41
C TRP A 1015 -25.13 4.39 16.43
N GLU A 1016 -25.23 4.79 15.16
CA GLU A 1016 -24.36 4.31 14.09
C GLU A 1016 -23.82 5.52 13.32
N GLY A 1017 -23.30 6.50 14.06
CA GLY A 1017 -22.81 7.72 13.46
C GLY A 1017 -23.89 8.77 13.32
N GLU A 1018 -24.93 8.47 12.56
CA GLU A 1018 -26.05 9.39 12.39
C GLU A 1018 -27.37 8.71 12.70
N ARG A 1019 -27.48 7.42 12.37
CA ARG A 1019 -28.69 6.65 12.61
C ARG A 1019 -28.70 6.07 14.02
N LEU A 1020 -29.86 5.55 14.41
CA LEU A 1020 -30.03 4.87 15.69
C LEU A 1020 -29.89 3.37 15.45
N LEU A 1021 -28.77 2.80 15.92
CA LEU A 1021 -28.51 1.39 15.67
C LEU A 1021 -29.36 0.49 16.55
N GLY A 1022 -29.39 0.75 17.85
CA GLY A 1022 -30.15 -0.10 18.76
C GLY A 1022 -30.46 0.60 20.05
N GLU A 1023 -31.25 -0.09 20.89
CA GLU A 1023 -31.65 0.45 22.17
C GLU A 1023 -31.83 -0.69 23.16
N ARG A 1024 -31.86 -0.32 24.44
CA ARG A 1024 -32.02 -1.26 25.54
C ARG A 1024 -32.85 -0.60 26.63
N THR A 1025 -34.01 -1.19 26.93
CA THR A 1025 -34.93 -0.67 27.93
C THR A 1025 -34.99 -1.56 29.16
N ALA A 1026 -33.83 -2.08 29.57
CA ALA A 1026 -33.70 -2.99 30.72
C ALA A 1026 -34.50 -4.28 30.52
N ASP A 1027 -34.85 -4.60 29.28
CA ASP A 1027 -35.56 -5.83 28.95
C ASP A 1027 -34.94 -6.61 27.81
N GLY A 1028 -34.23 -5.96 26.89
CA GLY A 1028 -33.61 -6.65 25.77
C GLY A 1028 -33.02 -5.70 24.76
N PHE A 1029 -31.96 -6.12 24.08
CA PHE A 1029 -31.29 -5.30 23.08
C PHE A 1029 -32.08 -5.39 21.78
N ARG A 1030 -32.79 -4.31 21.44
CA ARG A 1030 -33.60 -4.25 20.24
C ARG A 1030 -32.91 -3.35 19.22
N TRP A 1031 -32.57 -3.91 18.07
CA TRP A 1031 -31.85 -3.19 17.03
C TRP A 1031 -32.79 -2.82 15.88
N TYR A 1032 -32.39 -1.81 15.12
CA TYR A 1032 -33.17 -1.32 13.98
C TYR A 1032 -32.32 -1.39 12.71
N LEU A 1033 -32.97 -1.73 11.60
CA LEU A 1033 -32.33 -1.77 10.30
C LEU A 1033 -33.13 -0.91 9.33
N TYR A 1034 -32.47 0.10 8.77
CA TYR A 1034 -33.10 1.04 7.85
C TYR A 1034 -32.74 0.67 6.41
N GLN A 1035 -33.11 1.54 5.47
CA GLN A 1035 -32.76 1.33 4.08
C GLN A 1035 -31.25 1.46 3.89
N PRO A 1036 -30.72 0.86 2.82
CA PRO A 1036 -29.26 0.90 2.62
C PRO A 1036 -28.70 2.29 2.44
N GLU A 1037 -29.51 3.26 1.98
CA GLU A 1037 -29.01 4.61 1.72
C GLU A 1037 -29.81 5.73 2.35
N THR A 1038 -31.04 5.48 2.78
CA THR A 1038 -31.89 6.53 3.36
C THR A 1038 -32.21 6.20 4.81
N TYR A 1039 -32.90 7.13 5.46
CA TYR A 1039 -33.28 7.00 6.86
C TYR A 1039 -34.61 6.28 7.05
N ILE A 1040 -35.22 5.79 5.98
CA ILE A 1040 -36.52 5.13 6.10
C ILE A 1040 -36.34 3.80 6.84
N PRO A 1041 -37.10 3.54 7.90
CA PRO A 1041 -36.92 2.29 8.65
C PRO A 1041 -37.50 1.10 7.88
N LEU A 1042 -36.83 -0.04 8.02
CA LEU A 1042 -37.23 -1.27 7.36
C LEU A 1042 -37.66 -2.34 8.34
N ALA A 1043 -36.81 -2.69 9.31
CA ALA A 1043 -37.13 -3.78 10.22
C ALA A 1043 -36.56 -3.49 11.59
N VAL A 1044 -37.03 -4.25 12.58
CA VAL A 1044 -36.55 -4.19 13.95
C VAL A 1044 -36.38 -5.61 14.46
N LEU A 1045 -35.23 -5.89 15.06
CA LEU A 1045 -34.88 -7.20 15.56
C LEU A 1045 -34.86 -7.15 17.08
N GLU A 1046 -35.65 -8.02 17.71
CA GLU A 1046 -35.70 -8.08 19.17
C GLU A 1046 -36.26 -9.43 19.59
N ASN A 1047 -35.75 -9.95 20.71
CA ASN A 1047 -36.19 -11.23 21.28
C ASN A 1047 -36.11 -12.36 20.27
N GLY A 1048 -35.05 -12.35 19.45
CA GLY A 1048 -34.88 -13.37 18.44
C GLY A 1048 -35.95 -13.37 17.38
N SER A 1049 -36.61 -12.23 17.16
CA SER A 1049 -37.68 -12.11 16.19
C SER A 1049 -37.52 -10.83 15.39
N ILE A 1050 -38.13 -10.80 14.21
CA ILE A 1050 -38.05 -9.67 13.30
C ILE A 1050 -39.45 -9.10 13.09
N TYR A 1051 -39.55 -7.78 13.06
CA TYR A 1051 -40.79 -7.08 12.77
C TYR A 1051 -40.54 -6.06 11.68
N LEU A 1052 -41.32 -6.13 10.60
CA LEU A 1052 -41.08 -5.31 9.42
C LEU A 1052 -42.09 -4.16 9.35
N TYR A 1053 -41.60 -3.01 8.91
CA TYR A 1053 -42.40 -1.79 8.88
C TYR A 1053 -43.10 -1.64 7.53
N GLU A 1054 -44.04 -0.69 7.49
CA GLU A 1054 -44.81 -0.36 6.28
C GLU A 1054 -44.82 1.17 6.19
N CYS A 1055 -43.82 1.73 5.51
CA CYS A 1055 -43.66 3.17 5.43
C CYS A 1055 -44.26 3.70 4.12
N ASP A 1056 -44.82 4.90 4.20
CA ASP A 1056 -45.42 5.56 3.05
C ASP A 1056 -44.33 6.28 2.24
N GLN A 1057 -44.76 7.13 1.31
CA GLN A 1057 -43.81 7.86 0.47
C GLN A 1057 -42.98 8.87 1.26
N VAL A 1058 -43.43 9.25 2.45
CA VAL A 1058 -42.67 10.20 3.26
C VAL A 1058 -41.52 9.50 3.97
N GLY A 1059 -41.80 8.36 4.59
CA GLY A 1059 -40.78 7.62 5.30
C GLY A 1059 -41.09 7.45 6.78
N LYS A 1060 -42.35 7.71 7.16
CA LYS A 1060 -42.76 7.58 8.55
C LYS A 1060 -43.41 6.22 8.76
N PRO A 1061 -43.01 5.47 9.79
CA PRO A 1061 -43.63 4.15 10.03
C PRO A 1061 -45.05 4.32 10.57
N GLU A 1062 -46.01 3.77 9.83
CA GLU A 1062 -47.41 3.78 10.23
C GLU A 1062 -47.96 2.41 10.58
N ARG A 1063 -47.33 1.34 10.11
CA ARG A 1063 -47.75 -0.02 10.41
C ARG A 1063 -46.53 -0.89 10.60
N LEU A 1064 -46.66 -1.90 11.46
CA LEU A 1064 -45.58 -2.81 11.78
C LEU A 1064 -46.16 -4.21 11.91
N LYS A 1065 -45.70 -5.13 11.06
CA LYS A 1065 -46.20 -6.50 11.04
C LYS A 1065 -45.08 -7.46 11.37
N ASP A 1066 -45.44 -8.73 11.53
CA ASP A 1066 -44.52 -9.80 11.88
C ASP A 1066 -44.29 -10.73 10.67
N SER A 1067 -43.50 -11.77 10.91
CA SER A 1067 -43.19 -12.72 9.83
C SER A 1067 -44.39 -13.57 9.44
N ALA A 1068 -45.39 -13.70 10.32
CA ALA A 1068 -46.56 -14.50 9.99
C ALA A 1068 -47.45 -13.79 8.99
N GLY A 1069 -47.81 -12.53 9.27
CA GLY A 1069 -48.64 -11.76 8.36
C GLY A 1069 -49.70 -10.94 9.05
N ASN A 1070 -49.88 -11.16 10.36
CA ASN A 1070 -50.88 -10.42 11.12
C ASN A 1070 -50.34 -9.06 11.52
N ILE A 1071 -51.23 -8.06 11.54
CA ILE A 1071 -50.85 -6.71 11.92
C ILE A 1071 -50.56 -6.67 13.41
N VAL A 1072 -49.42 -6.09 13.78
CA VAL A 1072 -48.98 -6.00 15.16
C VAL A 1072 -49.16 -4.59 15.71
N TRP A 1073 -48.72 -3.58 14.98
CA TRP A 1073 -48.79 -2.19 15.42
C TRP A 1073 -49.34 -1.33 14.29
N SER A 1074 -50.18 -0.37 14.65
CA SER A 1074 -50.79 0.53 13.66
C SER A 1074 -51.03 1.89 14.29
N ALA A 1075 -50.89 2.94 13.50
CA ALA A 1075 -51.12 4.30 13.95
C ALA A 1075 -51.56 5.14 12.75
N SER A 1076 -51.83 6.42 13.01
CA SER A 1076 -52.26 7.33 11.96
C SER A 1076 -51.82 8.75 12.31
N TYR A 1077 -51.71 9.58 11.27
CA TYR A 1077 -51.34 10.98 11.40
C TYR A 1077 -52.27 11.82 10.53
N ASP A 1078 -52.75 12.93 11.08
CA ASP A 1078 -53.75 13.73 10.38
C ASP A 1078 -53.12 14.86 9.57
N VAL A 1079 -52.46 15.80 10.24
CA VAL A 1079 -51.87 16.94 9.54
C VAL A 1079 -50.42 17.14 9.95
N HIS A 1080 -50.06 16.67 11.15
CA HIS A 1080 -48.73 16.88 11.69
C HIS A 1080 -48.09 15.64 12.31
N GLY A 1081 -48.88 14.65 12.72
CA GLY A 1081 -48.33 13.47 13.35
C GLY A 1081 -48.58 13.42 14.84
N PHE A 1082 -49.45 12.51 15.27
CA PHE A 1082 -49.80 12.36 16.67
C PHE A 1082 -49.99 10.88 16.97
N ALA A 1083 -49.73 10.50 18.23
CA ALA A 1083 -49.87 9.13 18.66
C ALA A 1083 -51.33 8.72 18.63
N SER A 1084 -51.70 7.88 17.67
CA SER A 1084 -53.06 7.38 17.50
C SER A 1084 -53.03 5.86 17.39
N ILE A 1085 -52.26 5.21 18.27
CA ILE A 1085 -52.11 3.77 18.23
C ILE A 1085 -53.40 3.10 18.68
N ASP A 1086 -53.89 2.16 17.86
CA ASP A 1086 -55.09 1.40 18.20
C ASP A 1086 -54.78 0.00 18.73
N VAL A 1087 -53.63 -0.57 18.38
CA VAL A 1087 -53.19 -1.85 18.91
C VAL A 1087 -51.72 -1.71 19.30
N GLU A 1088 -51.42 -1.97 20.57
CA GLU A 1088 -50.07 -1.81 21.11
C GLU A 1088 -49.60 -3.14 21.67
N GLU A 1089 -48.74 -3.83 20.92
CA GLU A 1089 -48.15 -5.09 21.36
C GLU A 1089 -46.65 -5.00 21.59
N VAL A 1090 -45.98 -4.00 21.02
CA VAL A 1090 -44.55 -3.81 21.19
C VAL A 1090 -44.25 -2.32 21.13
N ARG A 1091 -43.33 -1.88 21.97
CA ARG A 1091 -42.97 -0.46 22.02
C ARG A 1091 -42.38 -0.01 20.69
N ASN A 1092 -43.05 0.94 20.04
CA ASN A 1092 -42.65 1.47 18.74
C ASN A 1092 -42.36 2.96 18.87
N PRO A 1093 -41.14 3.34 19.25
CA PRO A 1093 -40.80 4.75 19.41
C PRO A 1093 -40.35 5.45 18.13
N LEU A 1094 -40.29 4.75 17.00
CA LEU A 1094 -39.84 5.36 15.76
C LEU A 1094 -40.86 6.37 15.24
N ARG A 1095 -40.37 7.37 14.53
CA ARG A 1095 -41.20 8.48 14.07
C ARG A 1095 -40.78 8.83 12.65
N PHE A 1096 -41.18 10.03 12.20
CA PHE A 1096 -41.03 10.47 10.82
C PHE A 1096 -39.66 10.15 10.22
N GLN A 1097 -38.61 10.72 10.79
CA GLN A 1097 -37.26 10.51 10.24
C GLN A 1097 -36.26 10.65 11.38
N GLY A 1098 -35.81 9.52 11.92
CA GLY A 1098 -34.82 9.53 12.98
C GLY A 1098 -35.27 10.19 14.26
N GLN A 1099 -36.58 10.34 14.46
CA GLN A 1099 -37.10 10.99 15.65
C GLN A 1099 -37.48 9.94 16.71
N TYR A 1100 -37.62 10.40 17.95
CA TYR A 1100 -37.91 9.53 19.07
C TYR A 1100 -39.02 10.18 19.90
N PHE A 1101 -40.18 9.53 19.96
CA PHE A 1101 -41.31 10.07 20.71
C PHE A 1101 -41.07 9.92 22.20
N ASP A 1102 -41.30 10.99 22.95
CA ASP A 1102 -41.17 10.99 24.40
C ASP A 1102 -42.53 10.78 25.05
N GLN A 1103 -42.56 9.95 26.09
CA GLN A 1103 -43.80 9.64 26.78
C GLN A 1103 -44.11 10.62 27.91
N GLU A 1104 -43.09 11.16 28.56
CA GLU A 1104 -43.28 12.10 29.66
C GLU A 1104 -43.23 13.56 29.22
N THR A 1105 -42.91 13.82 27.95
CA THR A 1105 -42.80 15.19 27.44
C THR A 1105 -43.63 15.43 26.19
N ASN A 1106 -43.94 14.39 25.41
CA ASN A 1106 -44.75 14.51 24.19
C ASN A 1106 -44.08 15.43 23.17
N LEU A 1107 -42.79 15.19 22.95
CA LEU A 1107 -42.02 15.92 21.94
C LEU A 1107 -41.22 14.91 21.12
N HIS A 1108 -40.58 15.39 20.07
CA HIS A 1108 -39.74 14.58 19.20
C HIS A 1108 -38.31 15.11 19.23
N TYR A 1109 -37.36 14.19 19.07
CA TYR A 1109 -35.93 14.51 19.12
C TYR A 1109 -35.27 13.90 17.90
N ASN A 1110 -34.98 14.71 16.88
CA ASN A 1110 -34.43 14.17 15.64
C ASN A 1110 -32.95 13.86 15.79
N LEU A 1111 -32.12 14.88 15.96
CA LEU A 1111 -30.72 14.66 16.30
C LEU A 1111 -30.24 15.54 17.45
N ALA A 1112 -30.63 16.81 17.48
CA ALA A 1112 -30.18 17.71 18.53
C ALA A 1112 -31.23 18.72 18.99
N ARG A 1113 -32.46 18.65 18.47
CA ARG A 1113 -33.48 19.65 18.79
C ARG A 1113 -34.75 18.95 19.24
N TYR A 1114 -35.69 19.74 19.74
CA TYR A 1114 -36.97 19.25 20.23
C TYR A 1114 -38.10 19.85 19.41
N TYR A 1115 -38.87 18.99 18.75
CA TYR A 1115 -39.96 19.39 17.89
C TYR A 1115 -41.30 19.08 18.56
N ASP A 1116 -42.25 20.01 18.42
CA ASP A 1116 -43.57 19.85 19.01
C ASP A 1116 -44.52 19.28 17.97
N PRO A 1117 -45.10 18.11 18.19
CA PRO A 1117 -46.00 17.54 17.16
C PRO A 1117 -47.32 18.28 17.03
N LYS A 1118 -47.86 18.80 18.13
CA LYS A 1118 -49.16 19.47 18.12
C LYS A 1118 -49.02 20.98 17.96
N LEU A 1119 -47.89 21.45 17.45
CA LEU A 1119 -47.68 22.88 17.22
C LEU A 1119 -47.26 23.20 15.80
N GLY A 1120 -46.45 22.34 15.18
CA GLY A 1120 -45.98 22.54 13.82
C GLY A 1120 -44.56 23.04 13.71
N ARG A 1121 -44.08 23.78 14.70
CA ARG A 1121 -42.74 24.35 14.71
C ARG A 1121 -41.94 23.76 15.86
N PHE A 1122 -40.70 24.22 15.99
CA PHE A 1122 -39.80 23.76 17.04
C PHE A 1122 -39.99 24.60 18.29
N ILE A 1123 -39.12 24.41 19.28
CA ILE A 1123 -39.15 25.17 20.53
C ILE A 1123 -37.89 25.99 20.75
N GLN A 1124 -36.92 25.92 19.84
CA GLN A 1124 -35.68 26.66 19.98
C GLN A 1124 -35.16 27.02 18.60
N GLN A 1125 -34.19 27.95 18.58
CA GLN A 1125 -33.62 28.41 17.33
C GLN A 1125 -32.47 27.51 16.90
N ASP A 1126 -32.36 27.30 15.59
CA ASP A 1126 -31.28 26.48 15.06
C ASP A 1126 -29.95 27.21 15.19
N PRO A 1127 -28.84 26.47 15.25
CA PRO A 1127 -27.52 27.13 15.36
C PRO A 1127 -27.20 28.03 14.18
N ILE A 1128 -27.67 27.69 12.98
CA ILE A 1128 -27.45 28.53 11.81
C ILE A 1128 -28.40 29.72 11.90
N SER A 1129 -27.82 30.93 11.98
CA SER A 1129 -28.64 32.13 12.17
C SER A 1129 -29.56 32.37 10.98
N ILE A 1130 -28.99 32.62 9.80
CA ILE A 1130 -29.79 32.92 8.63
C ILE A 1130 -29.47 32.04 7.43
N ALA A 1131 -28.32 31.36 7.40
CA ALA A 1131 -27.97 30.49 6.27
C ALA A 1131 -28.68 29.15 6.30
N GLY A 1132 -29.62 28.95 7.21
CA GLY A 1132 -30.35 27.70 7.29
C GLY A 1132 -31.79 27.82 6.81
N GLY A 1133 -32.35 29.02 6.91
CA GLY A 1133 -33.72 29.24 6.47
C GLY A 1133 -34.15 30.66 6.78
N ILE A 1134 -35.37 30.97 6.35
CA ILE A 1134 -35.91 32.31 6.59
C ILE A 1134 -36.47 32.42 8.01
N ASN A 1135 -36.92 31.31 8.58
CA ASN A 1135 -37.46 31.30 9.94
C ASN A 1135 -36.63 30.37 10.80
N HIS A 1136 -36.38 30.80 12.04
CA HIS A 1136 -35.56 30.02 12.97
C HIS A 1136 -36.33 28.90 13.65
N TYR A 1137 -37.65 28.86 13.50
CA TYR A 1137 -38.48 27.83 14.13
C TYR A 1137 -39.25 26.98 13.13
N GLN A 1138 -39.26 27.34 11.85
CA GLN A 1138 -40.05 26.60 10.87
C GLN A 1138 -39.41 25.25 10.58
N TYR A 1139 -40.22 24.20 10.55
CA TYR A 1139 -39.74 22.87 10.21
C TYR A 1139 -39.61 22.70 8.70
N ALA A 1140 -40.70 22.94 7.98
CA ALA A 1140 -40.70 22.84 6.52
C ALA A 1140 -41.87 23.66 5.99
N VAL A 1141 -41.95 23.75 4.66
CA VAL A 1141 -43.05 24.47 4.03
C VAL A 1141 -44.37 23.74 4.27
N ASN A 1142 -44.40 22.44 3.98
CA ASN A 1142 -45.57 21.62 4.21
C ASN A 1142 -45.08 20.21 4.55
N PRO A 1143 -45.55 19.62 5.67
CA PRO A 1143 -45.12 18.28 6.07
C PRO A 1143 -45.76 17.16 5.24
N ILE A 1144 -45.66 17.27 3.92
CA ILE A 1144 -46.20 16.29 2.99
C ILE A 1144 -45.12 15.73 2.07
N GLN A 1145 -44.32 16.62 1.47
CA GLN A 1145 -43.24 16.22 0.57
C GLN A 1145 -41.93 16.88 0.96
N TRP A 1146 -41.71 17.11 2.25
CA TRP A 1146 -40.50 17.75 2.74
C TRP A 1146 -40.05 17.06 4.01
N ILE A 1147 -38.76 16.77 4.10
CA ILE A 1147 -38.18 16.11 5.27
C ILE A 1147 -37.10 17.01 5.85
N ASP A 1148 -36.73 16.72 7.10
CA ASP A 1148 -35.70 17.49 7.81
C ASP A 1148 -35.00 16.56 8.81
N PRO A 1149 -34.08 15.75 8.35
CA PRO A 1149 -33.33 14.87 9.25
C PRO A 1149 -32.16 15.62 9.88
N THR A 1150 -31.41 14.91 10.72
CA THR A 1150 -30.22 15.44 11.40
C THR A 1150 -30.54 16.70 12.20
N GLY A 1151 -31.76 16.79 12.74
CA GLY A 1151 -32.15 17.89 13.58
C GLY A 1151 -32.41 19.18 12.81
N PHE A 1152 -31.37 19.76 12.24
CA PHE A 1152 -31.50 21.01 11.50
C PHE A 1152 -31.09 20.83 10.04
N CYS B 2 -12.33 40.20 -5.79
CA CYS B 2 -13.54 40.93 -6.14
C CYS B 2 -14.63 39.98 -6.62
N GLU B 3 -15.84 40.51 -6.82
CA GLU B 3 -16.97 39.72 -7.27
C GLU B 3 -17.63 40.35 -8.49
N GLU B 4 -16.91 41.22 -9.20
CA GLU B 4 -17.42 41.89 -10.39
C GLU B 4 -17.33 40.96 -11.61
N GLY B 5 -18.03 39.84 -11.52
CA GLY B 5 -18.06 38.86 -12.58
C GLY B 5 -19.48 38.55 -13.01
N LEU B 6 -19.63 38.13 -14.25
CA LEU B 6 -20.95 37.81 -14.79
C LEU B 6 -21.48 36.52 -14.17
N LYS B 7 -22.76 36.55 -13.80
CA LYS B 7 -23.42 35.41 -13.19
C LYS B 7 -24.29 34.73 -14.25
N ARG B 8 -23.83 33.57 -14.73
CA ARG B 8 -24.55 32.83 -15.75
C ARG B 8 -25.74 32.08 -15.13
N LEU B 9 -26.44 31.31 -15.96
CA LEU B 9 -27.59 30.56 -15.48
C LEU B 9 -27.17 29.43 -14.54
N GLN B 10 -25.96 28.88 -14.74
CA GLN B 10 -25.49 27.80 -13.88
C GLN B 10 -25.21 28.30 -12.46
N GLN B 11 -24.76 29.56 -12.33
CA GLN B 11 -24.52 30.14 -11.01
C GLN B 11 -25.79 30.59 -10.32
N MET B 12 -26.89 30.72 -11.06
CA MET B 12 -28.17 31.13 -10.47
C MET B 12 -29.08 29.95 -10.15
N LEU B 13 -29.03 28.88 -10.95
CA LEU B 13 -29.85 27.71 -10.68
C LEU B 13 -29.41 26.97 -9.43
N ALA B 14 -28.17 27.18 -8.98
CA ALA B 14 -27.69 26.56 -7.76
C ALA B 14 -28.11 27.33 -6.52
N GLU B 15 -28.21 28.65 -6.61
CA GLU B 15 -28.64 29.46 -5.47
C GLU B 15 -30.15 29.62 -5.41
N TYR B 16 -30.86 29.40 -6.52
CA TYR B 16 -32.31 29.49 -6.50
C TYR B 16 -32.95 28.30 -5.81
N GLN B 17 -32.40 27.11 -6.01
CA GLN B 17 -32.93 25.89 -5.41
C GLN B 17 -32.49 25.70 -3.96
N ALA B 18 -31.88 26.72 -3.35
CA ALA B 18 -31.44 26.66 -1.97
C ALA B 18 -32.42 27.37 -1.06
N GLN B 19 -32.30 27.11 0.24
CA GLN B 19 -33.16 27.70 1.25
C GLN B 19 -32.44 28.73 2.12
N SER B 20 -31.15 28.95 1.89
CA SER B 20 -30.40 29.89 2.72
C SER B 20 -30.73 31.34 2.39
N ASP B 21 -30.96 31.63 1.11
CA ASP B 21 -31.21 33.00 0.64
C ASP B 21 -30.06 33.93 1.02
N VAL B 22 -28.83 33.41 1.00
CA VAL B 22 -27.64 34.16 1.37
C VAL B 22 -26.56 33.91 0.31
N PRO B 23 -25.83 34.92 -0.14
CA PRO B 23 -24.75 34.69 -1.09
C PRO B 23 -23.69 33.76 -0.52
N GLN B 24 -22.85 33.23 -1.43
CA GLN B 24 -21.89 32.21 -1.04
C GLN B 24 -20.79 32.78 -0.15
N GLU B 25 -20.27 33.97 -0.48
CA GLU B 25 -19.19 34.56 0.29
C GLU B 25 -19.62 34.92 1.71
N VAL B 26 -20.92 35.04 1.96
CA VAL B 26 -21.43 35.28 3.31
C VAL B 26 -21.88 33.98 3.97
N CYS B 27 -22.45 33.06 3.19
CA CYS B 27 -22.89 31.78 3.73
C CYS B 27 -21.70 30.94 4.18
N ASP B 28 -20.54 31.11 3.55
CA ASP B 28 -19.35 30.34 3.92
C ASP B 28 -18.73 30.81 5.23
N GLN B 29 -19.24 31.88 5.83
CA GLN B 29 -18.73 32.40 7.10
C GLN B 29 -19.59 32.03 8.28
N ILE B 30 -20.91 32.00 8.12
CA ILE B 30 -21.79 31.58 9.22
C ILE B 30 -21.63 30.10 9.50
N LEU B 31 -21.52 29.29 8.45
CA LEU B 31 -21.30 27.86 8.63
C LEU B 31 -19.89 27.58 9.15
N GLU B 32 -18.95 28.49 8.91
CA GLU B 32 -17.60 28.33 9.43
C GLU B 32 -17.57 28.49 10.94
N ALA B 33 -18.24 29.52 11.45
CA ALA B 33 -18.32 29.74 12.89
C ALA B 33 -19.51 29.01 13.51
N ALA B 34 -19.58 27.70 13.26
CA ALA B 34 -20.64 26.87 13.81
C ALA B 34 -20.12 25.48 14.17
N LYS B 35 -18.83 25.36 14.42
CA LYS B 35 -18.21 24.07 14.74
C LYS B 35 -18.55 23.55 16.13
N GLU B 36 -19.42 24.23 16.89
CA GLU B 36 -19.80 23.72 18.20
C GLU B 36 -20.73 22.51 18.09
N SER B 37 -21.40 22.35 16.95
CA SER B 37 -22.28 21.20 16.74
C SER B 37 -22.06 20.50 15.40
N SER B 38 -21.41 21.13 14.43
CA SER B 38 -21.17 20.52 13.13
C SER B 38 -20.06 19.48 13.16
N VAL B 39 -19.29 19.40 14.26
CA VAL B 39 -18.21 18.43 14.35
C VAL B 39 -18.79 17.03 14.47
N GLY B 40 -18.26 16.10 13.68
CA GLY B 40 -18.73 14.74 13.70
C GLY B 40 -17.61 13.72 13.63
N GLU B 41 -17.97 12.45 13.45
CA GLU B 41 -16.98 11.37 13.36
C GLU B 41 -16.20 11.51 12.06
N ASP B 42 -14.93 11.87 12.16
CA ASP B 42 -14.07 12.04 11.00
C ASP B 42 -13.27 10.77 10.75
N GLY B 43 -12.63 10.71 9.58
CA GLY B 43 -11.85 9.57 9.17
C GLY B 43 -12.65 8.43 8.56
N VAL B 44 -13.98 8.51 8.58
CA VAL B 44 -14.84 7.46 8.02
C VAL B 44 -15.91 8.13 7.18
N ARG B 45 -16.30 7.47 6.09
CA ARG B 45 -17.32 7.96 5.18
C ARG B 45 -18.65 7.34 5.56
N SER B 46 -19.65 8.19 5.82
CA SER B 46 -20.96 7.72 6.21
C SER B 46 -21.69 7.12 5.00
N GLN B 47 -22.79 6.42 5.29
CA GLN B 47 -23.61 5.79 4.27
C GLN B 47 -25.02 6.37 4.23
N VAL B 48 -25.16 7.62 4.69
CA VAL B 48 -26.45 8.30 4.71
C VAL B 48 -26.53 9.44 3.71
N LYS B 49 -25.44 9.71 2.98
CA LYS B 49 -25.37 10.75 1.95
C LYS B 49 -25.95 12.09 2.43
N ILE B 50 -25.88 12.33 3.73
CA ILE B 50 -26.35 13.57 4.34
C ILE B 50 -25.37 13.96 5.44
N ARG B 51 -24.77 15.15 5.31
CA ARG B 51 -23.78 15.60 6.27
C ARG B 51 -24.45 16.40 7.40
N LYS B 52 -23.64 16.83 8.36
CA LYS B 52 -24.18 17.60 9.48
C LYS B 52 -24.65 18.99 9.05
N PRO B 53 -23.89 19.78 8.26
CA PRO B 53 -24.40 21.08 7.83
C PRO B 53 -25.55 21.00 6.83
N ASN B 54 -26.06 19.80 6.53
CA ASN B 54 -27.19 19.66 5.62
C ASN B 54 -28.48 19.95 6.37
N GLY B 55 -29.62 19.61 5.77
CA GLY B 55 -30.91 19.92 6.38
C GLY B 55 -32.09 19.63 5.49
N LYS B 56 -32.98 20.60 5.34
CA LYS B 56 -34.20 20.41 4.54
C LYS B 56 -33.84 20.01 3.10
N ASN B 57 -34.48 18.95 2.63
CA ASN B 57 -34.25 18.46 1.27
C ASN B 57 -35.53 17.82 0.77
N ASN B 58 -35.77 17.97 -0.53
CA ASN B 58 -36.99 17.46 -1.14
C ASN B 58 -36.90 15.94 -1.32
N ILE B 59 -38.04 15.34 -1.66
CA ILE B 59 -38.11 13.90 -1.89
C ILE B 59 -38.10 13.54 -3.37
N ARG B 60 -38.27 14.51 -4.26
CA ARG B 60 -38.26 14.23 -5.69
C ARG B 60 -36.84 13.97 -6.17
N TYR B 61 -36.65 12.86 -6.88
CA TYR B 61 -35.34 12.49 -7.39
C TYR B 61 -35.00 13.30 -8.63
N GLU B 62 -33.77 13.80 -8.67
CA GLU B 62 -33.27 14.59 -9.80
C GLU B 62 -31.98 13.96 -10.31
N TYR B 63 -31.84 13.91 -11.63
CA TYR B 63 -30.68 13.32 -12.29
C TYR B 63 -30.17 14.24 -13.40
N ASP B 64 -30.04 15.53 -13.07
CA ASP B 64 -29.56 16.50 -14.05
C ASP B 64 -28.09 16.28 -14.35
N LEU B 65 -27.71 16.44 -15.61
CA LEU B 65 -26.33 16.26 -16.04
C LEU B 65 -25.47 17.45 -15.61
N ILE B 75 -9.90 16.41 -15.59
CA ILE B 75 -10.68 17.10 -14.57
C ILE B 75 -12.07 16.47 -14.45
N THR B 76 -12.58 15.96 -15.58
CA THR B 76 -13.88 15.32 -15.61
C THR B 76 -13.84 13.85 -15.99
N PHE B 77 -12.75 13.37 -16.60
CA PHE B 77 -12.62 11.97 -17.00
C PHE B 77 -11.75 11.16 -16.03
N TYR B 78 -10.70 11.76 -15.49
CA TYR B 78 -9.81 11.07 -14.57
C TYR B 78 -10.36 11.16 -13.15
N ARG B 79 -9.60 10.61 -12.20
CA ARG B 79 -9.96 10.63 -10.79
C ARG B 79 -9.03 11.60 -10.06
N HIS B 80 -9.62 12.45 -9.21
CA HIS B 80 -8.85 13.46 -8.51
C HIS B 80 -7.98 12.83 -7.43
N ILE B 81 -6.68 13.16 -7.46
CA ILE B 81 -5.74 12.68 -6.46
C ILE B 81 -5.93 13.52 -5.20
N ASN B 82 -5.57 12.97 -4.04
CA ASN B 82 -5.79 13.67 -2.78
C ASN B 82 -5.01 14.99 -2.73
N TYR B 83 -3.71 14.93 -2.97
CA TYR B 83 -2.84 16.10 -2.91
C TYR B 83 -2.34 16.43 -4.32
N SER B 84 -2.43 17.71 -4.69
CA SER B 84 -1.96 18.17 -5.99
C SER B 84 -1.59 19.64 -5.88
N ASP B 85 -0.42 19.99 -6.40
CA ASP B 85 0.05 21.38 -6.38
C ASP B 85 -0.20 22.07 -7.70
N GLU C 170 23.81 -14.31 28.68
CA GLU C 170 23.11 -15.29 29.49
C GLU C 170 23.33 -16.71 28.97
N LYS C 171 23.29 -17.68 29.89
CA LYS C 171 23.42 -19.10 29.55
C LYS C 171 24.73 -19.39 28.82
N ALA C 172 25.84 -19.14 29.52
CA ALA C 172 27.15 -19.45 28.96
C ALA C 172 27.34 -20.95 28.83
N GLY C 173 27.32 -21.66 29.96
CA GLY C 173 27.32 -23.11 29.91
C GLY C 173 25.95 -23.66 29.53
N ASP C 174 25.93 -24.96 29.19
CA ASP C 174 24.67 -25.56 28.78
C ASP C 174 23.71 -25.73 29.96
N PRO C 175 24.06 -26.48 31.05
CA PRO C 175 23.19 -26.53 32.23
C PRO C 175 23.57 -25.48 33.27
N VAL C 176 23.69 -24.22 32.85
CA VAL C 176 24.16 -23.15 33.71
C VAL C 176 23.40 -21.88 33.38
N SER C 177 22.90 -21.20 34.41
CA SER C 177 22.29 -19.88 34.27
C SER C 177 23.25 -18.82 34.81
N LEU C 178 23.28 -17.68 34.13
CA LEU C 178 24.21 -16.61 34.47
C LEU C 178 23.57 -15.49 35.27
N VAL C 179 22.25 -15.54 35.51
CA VAL C 179 21.63 -14.53 36.35
C VAL C 179 22.02 -14.72 37.80
N THR C 180 22.20 -15.96 38.23
CA THR C 180 22.60 -16.28 39.60
C THR C 180 23.24 -17.67 39.58
N GLY C 181 23.41 -18.26 40.76
CA GLY C 181 23.97 -19.59 40.87
C GLY C 181 22.98 -20.69 40.56
N GLU C 182 21.87 -20.32 39.89
CA GLU C 182 20.83 -21.30 39.57
C GLU C 182 21.31 -22.24 38.47
N GLU C 183 20.98 -23.52 38.63
CA GLU C 183 21.31 -24.56 37.66
C GLU C 183 20.03 -24.96 36.94
N ILE C 184 19.93 -24.61 35.66
CA ILE C 184 18.75 -24.91 34.84
C ILE C 184 19.17 -25.88 33.75
N LEU C 185 18.49 -27.03 33.71
CA LEU C 185 18.77 -28.07 32.71
C LEU C 185 17.45 -28.58 32.16
N THR C 186 17.22 -28.35 30.87
CA THR C 186 16.01 -28.81 30.19
C THR C 186 16.36 -29.94 29.24
N LEU C 187 15.43 -30.90 29.10
CA LEU C 187 15.62 -32.06 28.24
C LEU C 187 14.29 -32.45 27.64
N ASN C 188 14.31 -32.80 26.36
CA ASN C 188 13.13 -33.27 25.64
C ASN C 188 13.18 -34.79 25.54
N ASP C 189 12.17 -35.45 26.09
CA ASP C 189 12.14 -36.91 26.08
C ASP C 189 11.66 -37.46 24.75
N VAL C 190 10.44 -37.12 24.35
CA VAL C 190 9.84 -37.60 23.12
C VAL C 190 9.36 -36.40 22.31
N GLU C 191 9.56 -36.46 20.99
CA GLU C 191 9.16 -35.39 20.08
C GLU C 191 8.26 -36.00 18.99
N LEU C 192 6.95 -35.78 19.11
CA LEU C 192 6.03 -36.30 18.12
C LEU C 192 6.10 -35.48 16.85
N PRO C 193 5.91 -36.10 15.68
CA PRO C 193 5.96 -35.35 14.42
C PRO C 193 4.80 -34.38 14.25
N ASN C 194 3.70 -34.55 15.00
CA ASN C 194 2.58 -33.64 14.87
C ASN C 194 2.87 -32.29 15.50
N GLY C 195 3.76 -32.25 16.49
CA GLY C 195 4.11 -31.01 17.15
C GLY C 195 4.13 -31.11 18.66
N PHE C 196 3.91 -32.32 19.17
CA PHE C 196 3.91 -32.53 20.62
C PHE C 196 5.34 -32.62 21.15
N VAL C 197 5.56 -32.01 22.31
CA VAL C 197 6.87 -31.99 22.94
C VAL C 197 6.70 -32.25 24.42
N TRP C 198 7.55 -33.11 24.98
CA TRP C 198 7.51 -33.48 26.40
C TRP C 198 8.86 -33.08 27.01
N SER C 199 8.92 -31.86 27.53
CA SER C 199 10.14 -31.32 28.11
C SER C 199 10.08 -31.39 29.63
N ARG C 200 11.26 -31.37 30.25
CA ARG C 200 11.37 -31.41 31.70
C ARG C 200 12.58 -30.57 32.12
N THR C 201 12.38 -29.71 33.11
CA THR C 201 13.42 -28.84 33.62
C THR C 201 13.88 -29.32 34.99
N TYR C 202 14.89 -28.65 35.54
CA TYR C 202 15.45 -28.99 36.84
C TYR C 202 15.13 -27.93 37.89
N ARG C 203 15.48 -26.67 37.64
CA ARG C 203 15.22 -25.56 38.55
C ARG C 203 15.84 -25.83 39.93
N SER C 204 17.17 -25.88 39.94
CA SER C 204 17.90 -26.18 41.16
C SER C 204 17.60 -25.19 42.27
N SER C 205 17.26 -23.95 41.91
CA SER C 205 16.85 -22.98 42.92
C SER C 205 15.52 -23.38 43.52
N LYS C 206 15.43 -23.34 44.85
CA LYS C 206 14.24 -23.78 45.59
C LYS C 206 13.90 -25.23 45.23
N ALA C 207 14.84 -26.13 45.54
CA ALA C 207 14.70 -27.55 45.26
C ALA C 207 14.25 -28.35 46.48
N SER C 208 13.63 -27.70 47.45
CA SER C 208 13.13 -28.37 48.65
C SER C 208 11.70 -28.86 48.50
N ARG C 209 11.10 -28.72 47.32
CA ARG C 209 9.75 -29.15 47.07
C ARG C 209 9.74 -30.40 46.19
N ASN C 210 8.58 -31.05 46.13
CA ASN C 210 8.41 -32.27 45.33
C ASN C 210 7.05 -32.22 44.67
N GLN C 211 7.03 -32.35 43.34
CA GLN C 211 5.80 -32.34 42.57
C GLN C 211 5.39 -33.73 42.10
N GLY C 212 6.03 -34.79 42.62
CA GLY C 212 5.75 -36.16 42.26
C GLY C 212 6.79 -36.77 41.35
N LEU C 213 7.51 -35.96 40.57
CA LEU C 213 8.55 -36.44 39.66
C LEU C 213 9.94 -36.31 40.28
N GLY C 214 10.04 -36.33 41.60
CA GLY C 214 11.29 -36.20 42.30
C GLY C 214 11.52 -34.78 42.79
N TYR C 215 12.55 -34.64 43.62
CA TYR C 215 12.89 -33.34 44.20
C TYR C 215 13.47 -32.44 43.12
N GLY C 216 12.82 -31.30 42.90
CA GLY C 216 13.28 -30.35 41.90
C GLY C 216 13.12 -30.85 40.47
N TRP C 217 11.89 -31.21 40.10
CA TRP C 217 11.61 -31.68 38.75
C TRP C 217 10.18 -31.31 38.38
N ARG C 218 9.93 -31.28 37.07
CA ARG C 218 8.61 -30.95 36.55
C ARG C 218 8.44 -31.60 35.19
N HIS C 219 7.19 -31.75 34.77
CA HIS C 219 6.86 -32.35 33.48
C HIS C 219 6.29 -31.35 32.49
N ALA C 220 6.41 -30.05 32.78
CA ALA C 220 5.98 -28.99 31.87
C ALA C 220 4.49 -29.09 31.50
N PHE C 221 3.69 -29.70 32.38
CA PHE C 221 2.26 -29.81 32.13
C PHE C 221 1.44 -29.56 33.40
N GLN C 222 2.03 -28.97 34.43
CA GLN C 222 1.33 -28.66 35.66
C GLN C 222 1.45 -27.16 35.93
N PHE C 223 0.32 -26.48 36.04
CA PHE C 223 0.33 -25.04 36.28
C PHE C 223 -0.67 -24.70 37.36
N GLU C 224 -0.32 -24.98 38.61
CA GLU C 224 -1.25 -24.77 39.72
C GLU C 224 -1.51 -23.29 40.00
N LEU C 225 -2.66 -22.99 40.60
CA LEU C 225 -2.99 -21.62 40.95
C LEU C 225 -3.53 -21.55 42.37
N LYS C 226 -3.33 -20.42 43.05
CA LYS C 226 -3.80 -20.27 44.41
C LYS C 226 -5.04 -19.41 44.44
N GLU C 227 -6.09 -19.89 45.10
CA GLU C 227 -7.35 -19.13 45.15
C GLU C 227 -7.89 -18.90 43.74
N VAL C 228 -8.77 -17.92 43.60
CA VAL C 228 -9.34 -17.61 42.30
C VAL C 228 -8.26 -17.21 41.31
N THR C 229 -7.44 -16.22 41.68
CA THR C 229 -6.36 -15.78 40.80
C THR C 229 -5.32 -15.07 41.65
N ASP C 230 -4.90 -15.71 42.73
CA ASP C 230 -3.94 -15.09 43.63
C ASP C 230 -2.61 -15.82 43.62
N GLU C 231 -1.55 -15.13 43.22
CA GLU C 231 -0.21 -15.72 43.24
C GLU C 231 -0.14 -17.02 42.46
N LYS C 232 0.74 -17.92 42.87
CA LYS C 232 0.87 -19.22 42.20
C LYS C 232 1.02 -19.11 40.70
N HIS C 233 0.13 -19.78 39.95
CA HIS C 233 0.27 -19.80 38.50
C HIS C 233 1.68 -20.26 38.19
N ASN C 234 2.16 -21.27 38.90
CA ASN C 234 3.51 -21.75 38.68
C ASN C 234 3.65 -22.28 37.27
N VAL C 235 4.64 -21.77 36.55
CA VAL C 235 4.87 -22.21 35.18
C VAL C 235 5.73 -23.47 35.17
N THR C 236 5.84 -24.10 34.02
CA THR C 236 6.64 -25.31 33.89
C THR C 236 8.03 -25.09 34.44
N SER C 237 8.57 -23.90 34.23
CA SER C 237 9.88 -23.59 34.77
C SER C 237 9.82 -23.69 36.28
N TRP C 238 8.95 -22.90 36.90
CA TRP C 238 8.80 -22.95 38.35
C TRP C 238 7.42 -23.45 38.74
N THR C 258 -9.97 -8.35 34.98
CA THR C 258 -8.90 -7.62 34.32
C THR C 258 -7.54 -7.99 34.89
N SER C 259 -7.26 -7.53 36.10
CA SER C 259 -6.00 -7.86 36.75
C SER C 259 -4.84 -7.73 35.79
N TYR C 260 -4.64 -6.53 35.24
CA TYR C 260 -3.56 -6.32 34.28
C TYR C 260 -2.29 -5.87 34.95
N GLN C 261 -1.20 -6.60 34.73
CA GLN C 261 0.10 -6.20 35.29
C GLN C 261 1.04 -5.83 34.16
N VAL C 262 1.45 -4.57 34.10
CA VAL C 262 2.29 -4.11 33.00
C VAL C 262 3.68 -4.74 32.92
N TYR C 263 4.39 -4.79 34.03
CA TYR C 263 5.76 -5.29 34.00
C TYR C 263 5.89 -6.63 33.28
N VAL C 264 4.85 -7.47 33.36
CA VAL C 264 4.87 -8.75 32.68
C VAL C 264 3.85 -8.82 31.55
N GLY C 265 2.76 -8.07 31.68
CA GLY C 265 1.73 -8.08 30.64
C GLY C 265 0.81 -9.28 30.78
N ALA C 266 -0.07 -9.24 31.77
CA ALA C 266 -1.01 -10.34 31.98
C ALA C 266 -2.43 -9.81 32.05
N SER C 267 -3.39 -10.60 31.56
CA SER C 267 -4.77 -10.16 31.53
C SER C 267 -5.68 -11.07 32.33
N CYS C 268 -5.10 -11.85 33.23
CA CYS C 268 -5.91 -12.78 34.02
C CYS C 268 -7.16 -12.07 34.50
N HIS C 269 -8.32 -12.54 34.08
CA HIS C 269 -9.56 -11.85 34.44
C HIS C 269 -10.60 -12.83 34.95
N PHE C 270 -11.80 -12.33 35.24
CA PHE C 270 -12.87 -13.24 35.66
C PHE C 270 -14.02 -13.14 34.67
N LEU C 271 -14.36 -14.27 34.05
CA LEU C 271 -15.39 -14.27 33.01
C LEU C 271 -16.78 -14.56 33.55
N ASN C 272 -16.92 -15.59 34.40
CA ASN C 272 -18.21 -15.94 34.96
C ASN C 272 -18.00 -16.46 36.37
N PRO C 273 -18.96 -16.22 37.28
CA PRO C 273 -18.77 -16.62 38.68
C PRO C 273 -19.13 -18.08 38.94
N ASN C 274 -19.83 -18.72 38.00
CA ASN C 274 -20.23 -20.11 38.19
C ASN C 274 -19.02 -21.03 38.24
N ILE C 275 -18.22 -21.05 37.17
CA ILE C 275 -16.99 -21.83 37.11
C ILE C 275 -15.84 -20.86 36.86
N ARG C 276 -14.75 -21.04 37.61
CA ARG C 276 -13.63 -20.12 37.51
C ARG C 276 -12.91 -20.28 36.18
N ILE C 277 -12.83 -19.19 35.41
CA ILE C 277 -12.09 -19.15 34.16
C ILE C 277 -11.14 -17.96 34.26
N VAL C 278 -9.88 -18.23 34.59
CA VAL C 278 -8.94 -17.15 34.84
C VAL C 278 -8.44 -16.55 33.54
N THR C 279 -7.98 -17.38 32.61
CA THR C 279 -7.52 -16.95 31.29
C THR C 279 -6.38 -15.93 31.44
N LEU C 280 -5.26 -16.44 31.93
CA LEU C 280 -4.05 -15.64 32.16
C LEU C 280 -3.76 -14.68 31.02
N SER C 281 -3.62 -15.22 29.80
CA SER C 281 -3.32 -14.43 28.61
C SER C 281 -2.03 -13.63 28.80
N SER C 282 -0.93 -14.36 28.95
CA SER C 282 0.37 -13.74 29.16
C SER C 282 0.81 -12.98 27.92
N GLY C 283 1.87 -12.18 28.09
CA GLY C 283 2.36 -11.34 27.00
C GLY C 283 3.04 -12.12 25.89
N ASP C 284 3.49 -13.34 26.15
CA ASP C 284 4.18 -14.14 25.15
C ASP C 284 3.20 -15.02 24.38
N GLN C 285 2.16 -14.37 23.83
CA GLN C 285 1.09 -14.99 23.04
C GLN C 285 0.68 -16.37 23.58
N TYR C 286 0.47 -16.42 24.89
CA TYR C 286 0.05 -17.64 25.58
C TYR C 286 -1.29 -17.43 26.25
N ARG C 287 -1.92 -18.54 26.62
CA ARG C 287 -3.21 -18.52 27.31
C ARG C 287 -3.41 -19.84 28.02
N PHE C 288 -3.84 -19.77 29.29
CA PHE C 288 -4.06 -20.95 30.11
C PHE C 288 -5.42 -20.82 30.78
N GLU C 289 -6.33 -21.73 30.46
CA GLU C 289 -7.69 -21.72 31.01
C GLU C 289 -7.77 -22.73 32.15
N LEU C 290 -7.64 -22.24 33.38
CA LEU C 290 -7.74 -23.10 34.55
C LEU C 290 -9.20 -23.22 34.98
N VAL C 291 -9.55 -24.36 35.58
CA VAL C 291 -10.90 -24.63 36.03
C VAL C 291 -10.88 -24.95 37.52
N GLU C 292 -11.93 -24.51 38.22
CA GLU C 292 -12.07 -24.77 39.65
C GLU C 292 -12.87 -26.05 39.88
N ASP C 293 -12.78 -26.57 41.11
CA ASP C 293 -13.44 -27.78 41.59
C ASP C 293 -12.86 -29.04 40.96
N ILE C 294 -11.94 -28.91 40.00
CA ILE C 294 -11.25 -30.07 39.44
C ILE C 294 -9.73 -29.94 39.51
N TRP C 295 -9.20 -28.75 39.74
CA TRP C 295 -7.76 -28.51 39.89
C TRP C 295 -6.99 -28.96 38.64
N LEU C 296 -7.29 -28.32 37.52
CA LEU C 296 -6.57 -28.57 36.27
C LEU C 296 -6.75 -27.37 35.35
N LEU C 297 -6.10 -27.45 34.20
CA LEU C 297 -6.15 -26.40 33.20
C LEU C 297 -6.17 -27.02 31.81
N LYS C 298 -6.60 -26.23 30.83
CA LYS C 298 -6.66 -26.66 29.44
C LYS C 298 -6.62 -25.41 28.56
N GLN C 299 -6.78 -25.64 27.25
CA GLN C 299 -6.74 -24.57 26.25
C GLN C 299 -5.42 -23.80 26.32
N VAL C 300 -4.33 -24.54 26.15
CA VAL C 300 -2.98 -23.96 26.18
C VAL C 300 -2.68 -23.53 24.75
N ARG C 301 -3.09 -22.30 24.42
CA ARG C 301 -2.90 -21.76 23.07
C ARG C 301 -1.50 -21.15 22.97
N ASN C 302 -0.58 -21.89 22.36
CA ASN C 302 0.78 -21.41 22.16
C ASN C 302 0.93 -20.62 20.86
N GLY C 303 0.07 -20.87 19.87
CA GLY C 303 0.12 -20.15 18.60
C GLY C 303 -1.25 -20.01 18.02
N ILE C 304 -1.37 -20.25 16.71
CA ILE C 304 -2.64 -20.19 16.01
C ILE C 304 -3.22 -21.58 15.78
N PHE C 305 -2.37 -22.55 15.43
CA PHE C 305 -2.78 -23.92 15.17
C PHE C 305 -2.18 -24.88 16.18
N SER C 306 -2.14 -24.46 17.45
CA SER C 306 -1.58 -25.29 18.52
C SER C 306 -2.47 -25.18 19.75
N THR C 307 -2.87 -26.33 20.27
CA THR C 307 -3.74 -26.40 21.44
C THR C 307 -3.34 -27.59 22.29
N PHE C 308 -3.79 -27.60 23.54
CA PHE C 308 -3.52 -28.68 24.47
C PHE C 308 -4.74 -28.91 25.35
N GLN C 309 -5.21 -30.16 25.40
CA GLN C 309 -6.35 -30.55 26.20
C GLN C 309 -5.90 -31.55 27.26
N LEU C 310 -6.21 -31.27 28.52
CA LEU C 310 -5.81 -32.11 29.64
C LEU C 310 -7.02 -32.81 30.24
N ARG C 311 -6.77 -34.00 30.78
CA ARG C 311 -7.81 -34.77 31.49
C ARG C 311 -7.14 -35.41 32.70
N TYR C 312 -7.58 -35.00 33.89
CA TYR C 312 -6.98 -35.46 35.14
C TYR C 312 -7.85 -36.54 35.78
N SER C 313 -7.29 -37.17 36.80
CA SER C 313 -8.01 -38.17 37.57
C SER C 313 -8.71 -37.51 38.76
N ARG C 314 -9.21 -38.31 39.70
CA ARG C 314 -9.86 -37.75 40.87
C ARG C 314 -8.87 -37.04 41.79
N ASN C 315 -7.61 -37.47 41.79
CA ASN C 315 -6.57 -36.83 42.57
C ASN C 315 -5.95 -35.69 41.74
N HIS C 316 -4.85 -35.14 42.23
CA HIS C 316 -4.15 -34.07 41.51
C HIS C 316 -3.10 -34.63 40.55
N ARG C 317 -3.54 -35.56 39.70
CA ARG C 317 -2.68 -36.19 38.71
C ARG C 317 -3.40 -36.23 37.37
N LEU C 318 -2.70 -35.87 36.31
CA LEU C 318 -3.26 -35.91 34.96
C LEU C 318 -3.10 -37.30 34.37
N ILE C 319 -4.14 -37.75 33.66
CA ILE C 319 -4.12 -39.09 33.07
C ILE C 319 -4.12 -39.08 31.55
N GLU C 320 -4.71 -38.09 30.88
CA GLU C 320 -4.81 -38.09 29.43
C GLU C 320 -4.48 -36.71 28.87
N VAL C 321 -3.79 -36.69 27.73
CA VAL C 321 -3.43 -35.47 27.03
C VAL C 321 -3.83 -35.62 25.57
N ALA C 322 -4.63 -34.68 25.07
CA ALA C 322 -5.07 -34.67 23.69
C ALA C 322 -4.56 -33.41 23.00
N HIS C 323 -4.09 -33.57 21.75
CA HIS C 323 -3.52 -32.43 21.04
C HIS C 323 -4.60 -31.43 20.64
N ASN C 324 -5.49 -31.83 19.73
CA ASN C 324 -6.60 -30.97 19.32
C ASN C 324 -7.94 -31.57 19.68
N LYS C 325 -8.24 -32.78 19.21
CA LYS C 325 -9.50 -33.46 19.53
C LYS C 325 -9.32 -34.91 19.96
N ARG C 326 -8.18 -35.54 19.64
CA ARG C 326 -7.98 -36.94 19.92
C ARG C 326 -6.84 -37.13 20.93
N PRO C 327 -6.94 -38.12 21.82
CA PRO C 327 -5.89 -38.31 22.82
C PRO C 327 -4.57 -38.74 22.18
N VAL C 328 -3.48 -38.17 22.68
CA VAL C 328 -2.15 -38.46 22.17
C VAL C 328 -1.21 -38.99 23.24
N LEU C 329 -1.48 -38.72 24.52
CA LEU C 329 -0.60 -39.19 25.59
C LEU C 329 -1.45 -39.72 26.74
N GLU C 330 -0.96 -40.77 27.38
CA GLU C 330 -1.65 -41.39 28.50
C GLU C 330 -0.63 -41.73 29.58
N CYS C 331 -0.96 -41.39 30.82
CA CYS C 331 -0.05 -41.58 31.94
C CYS C 331 -0.27 -42.94 32.59
N GLN C 332 0.75 -43.40 33.33
CA GLN C 332 0.64 -44.62 34.12
C GLN C 332 1.57 -44.48 35.31
N TYR C 333 1.00 -44.42 36.50
CA TYR C 333 1.75 -44.25 37.74
C TYR C 333 1.92 -45.61 38.42
N ASP C 334 2.60 -45.60 39.57
CA ASP C 334 2.83 -46.79 40.37
C ASP C 334 2.03 -46.77 41.67
N LYS C 335 0.85 -46.15 41.64
CA LYS C 335 -0.02 -46.05 42.82
C LYS C 335 0.66 -45.33 43.98
N GLN C 336 1.62 -44.46 43.67
CA GLN C 336 2.34 -43.72 44.71
C GLN C 336 2.52 -42.24 44.38
N GLY C 337 2.09 -41.78 43.20
CA GLY C 337 2.25 -40.40 42.83
C GLY C 337 3.46 -40.09 41.99
N ARG C 338 4.00 -41.07 41.28
CA ARG C 338 5.19 -40.88 40.45
C ARG C 338 4.91 -41.41 39.06
N LEU C 339 5.22 -40.61 38.04
CA LEU C 339 5.01 -41.02 36.66
C LEU C 339 6.00 -42.11 36.29
N VAL C 340 5.48 -43.25 35.84
CA VAL C 340 6.33 -44.42 35.57
C VAL C 340 6.29 -44.76 34.09
N GLU C 341 5.15 -44.51 33.43
CA GLU C 341 5.00 -44.89 32.03
C GLU C 341 4.17 -43.84 31.30
N LEU C 342 4.51 -43.64 30.03
CA LEU C 342 3.79 -42.72 29.15
C LEU C 342 3.54 -43.43 27.82
N LEU C 343 2.27 -43.71 27.54
CA LEU C 343 1.87 -44.37 26.30
C LEU C 343 1.23 -43.35 25.36
N ASN C 344 1.04 -43.76 24.10
CA ASN C 344 0.45 -42.90 23.09
C ASN C 344 -1.03 -43.20 22.87
N ALA C 345 -1.62 -44.09 23.67
CA ALA C 345 -3.03 -44.46 23.61
C ALA C 345 -3.43 -45.04 22.26
N LYS C 346 -2.46 -45.39 21.42
CA LYS C 346 -2.73 -46.01 20.13
C LYS C 346 -2.18 -47.44 20.07
N THR C 347 -0.88 -47.62 20.33
CA THR C 347 -0.26 -48.94 20.36
C THR C 347 0.46 -49.12 21.68
N GLU C 348 0.38 -50.33 22.23
CA GLU C 348 0.97 -50.62 23.52
C GLU C 348 2.48 -50.77 23.44
N GLN C 349 3.20 -49.66 23.52
CA GLN C 349 4.66 -49.67 23.54
C GLN C 349 5.16 -48.72 24.62
N VAL C 350 6.35 -49.02 25.14
CA VAL C 350 6.97 -48.17 26.15
C VAL C 350 7.67 -47.01 25.47
N LEU C 351 7.47 -45.80 26.00
CA LEU C 351 8.08 -44.60 25.44
C LEU C 351 9.08 -43.97 26.41
N THR C 352 8.65 -43.68 27.64
CA THR C 352 9.53 -43.09 28.65
C THR C 352 9.31 -43.83 29.96
N THR C 353 10.23 -44.74 30.29
CA THR C 353 10.15 -45.53 31.52
C THR C 353 11.14 -44.97 32.52
N TYR C 354 10.63 -44.30 33.56
CA TYR C 354 11.46 -43.75 34.60
C TYR C 354 11.81 -44.80 35.64
N ILE C 355 13.00 -44.66 36.24
CA ILE C 355 13.49 -45.59 37.24
C ILE C 355 13.81 -44.79 38.50
N TYR C 356 13.19 -45.16 39.61
CA TYR C 356 13.38 -44.51 40.89
C TYR C 356 14.13 -45.46 41.84
N ASP C 357 14.35 -44.98 43.06
CA ASP C 357 15.04 -45.75 44.08
C ASP C 357 14.50 -45.32 45.44
N GLU C 358 15.22 -45.68 46.51
CA GLU C 358 14.80 -45.37 47.87
C GLU C 358 15.16 -43.95 48.29
N GLN C 359 15.67 -43.12 47.38
CA GLN C 359 16.03 -41.75 47.68
C GLN C 359 15.07 -40.72 47.07
N ASP C 360 14.00 -41.17 46.44
CA ASP C 360 12.98 -40.30 45.84
C ASP C 360 13.62 -39.36 44.81
N ASP C 361 14.15 -39.97 43.76
CA ASP C 361 14.74 -39.22 42.64
C ASP C 361 14.93 -40.18 41.48
N LEU C 362 14.61 -39.71 40.27
CA LEU C 362 14.76 -40.56 39.09
C LEU C 362 16.23 -40.76 38.75
N VAL C 363 16.56 -41.97 38.29
CA VAL C 363 17.95 -42.31 37.97
C VAL C 363 17.93 -42.85 36.53
N GLY C 364 16.99 -42.36 35.73
CA GLY C 364 16.91 -42.81 34.35
C GLY C 364 15.83 -42.11 33.55
N ALA C 365 16.01 -42.06 32.23
CA ALA C 365 15.04 -41.43 31.33
C ALA C 365 14.38 -42.43 30.39
N THR C 366 15.19 -43.18 29.63
CA THR C 366 14.70 -44.19 28.68
C THR C 366 13.72 -43.56 27.68
N ASN C 367 14.27 -42.64 26.89
CA ASN C 367 13.47 -41.88 25.93
C ASN C 367 13.00 -42.77 24.79
N ASP C 368 12.31 -42.15 23.82
CA ASP C 368 11.72 -42.89 22.71
C ASP C 368 12.79 -43.59 21.89
N LEU C 369 13.89 -42.89 21.58
CA LEU C 369 14.94 -43.48 20.76
C LEU C 369 15.60 -44.68 21.45
N GLY C 370 15.54 -44.72 22.77
CA GLY C 370 16.10 -45.82 23.54
C GLY C 370 17.38 -45.52 24.28
N LEU C 371 17.72 -44.26 24.49
CA LEU C 371 18.93 -43.89 25.20
C LEU C 371 18.65 -43.75 26.69
N THR C 372 19.59 -44.20 27.51
CA THR C 372 19.46 -44.19 28.96
C THR C 372 20.55 -43.31 29.55
N GLU C 373 20.14 -42.32 30.36
CA GLU C 373 21.06 -41.41 31.03
C GLU C 373 20.88 -41.53 32.53
N ARG C 374 21.98 -41.66 33.25
CA ARG C 374 21.95 -41.81 34.70
C ARG C 374 22.11 -40.45 35.38
N TYR C 375 21.70 -40.40 36.65
CA TYR C 375 21.78 -39.18 37.44
C TYR C 375 22.15 -39.53 38.87
N GLU C 376 22.94 -38.67 39.50
CA GLU C 376 23.35 -38.86 40.89
C GLU C 376 23.25 -37.53 41.62
N TYR C 377 22.64 -37.56 42.81
CA TYR C 377 22.41 -36.36 43.61
C TYR C 377 23.17 -36.48 44.93
N GLN C 378 23.41 -35.32 45.54
CA GLN C 378 24.07 -35.25 46.83
C GLN C 378 23.05 -35.42 47.96
N ASP C 379 23.47 -35.17 49.19
CA ASP C 379 22.59 -35.30 50.34
C ASP C 379 21.60 -34.14 50.50
N GLN C 380 21.71 -33.11 49.65
CA GLN C 380 20.82 -31.96 49.72
C GLN C 380 19.99 -31.81 48.45
N HIS C 381 19.71 -32.93 47.79
CA HIS C 381 18.89 -32.96 46.57
C HIS C 381 19.47 -32.05 45.49
N LEU C 382 20.75 -32.21 45.22
CA LEU C 382 21.46 -31.45 44.20
C LEU C 382 22.26 -32.40 43.33
N ILE C 383 22.07 -32.31 42.01
CA ILE C 383 22.77 -33.19 41.09
C ILE C 383 24.26 -32.89 41.11
N ALA C 384 25.07 -33.95 41.20
CA ALA C 384 26.52 -33.80 41.24
C ALA C 384 27.22 -34.36 40.01
N LYS C 385 26.57 -35.23 39.23
CA LYS C 385 27.19 -35.80 38.05
C LYS C 385 26.09 -36.26 37.11
N ARG C 386 26.13 -35.77 35.87
CA ARG C 386 25.18 -36.16 34.83
C ARG C 386 25.87 -37.07 33.83
N VAL C 387 25.35 -38.28 33.68
CA VAL C 387 25.93 -39.28 32.79
C VAL C 387 25.14 -39.28 31.49
N ARG C 388 25.85 -39.14 30.37
CA ARG C 388 25.24 -39.19 29.05
C ARG C 388 25.13 -40.62 28.56
N PRO C 389 24.18 -40.90 27.67
CA PRO C 389 24.06 -42.27 27.15
C PRO C 389 25.28 -42.75 26.38
N THR C 390 26.11 -41.84 25.88
CA THR C 390 27.31 -42.24 25.16
C THR C 390 28.44 -42.61 26.12
N GLY C 391 28.57 -41.88 27.22
CA GLY C 391 29.61 -42.15 28.19
C GLY C 391 30.29 -40.91 28.71
N PHE C 392 30.04 -39.77 28.05
CA PHE C 392 30.65 -38.50 28.46
C PHE C 392 29.90 -37.97 29.68
N THR C 393 30.59 -37.91 30.83
CA THR C 393 30.00 -37.46 32.07
C THR C 393 30.31 -35.99 32.29
N HIS C 394 29.41 -35.31 33.00
CA HIS C 394 29.56 -33.90 33.36
C HIS C 394 29.50 -33.79 34.88
N TYR C 395 30.60 -33.37 35.49
CA TYR C 395 30.67 -33.24 36.94
C TYR C 395 30.16 -31.87 37.38
N PHE C 396 29.50 -31.83 38.53
CA PHE C 396 28.97 -30.59 39.09
C PHE C 396 29.41 -30.46 40.54
N GLU C 397 29.87 -29.26 40.90
CA GLU C 397 30.30 -28.96 42.26
C GLU C 397 29.56 -27.73 42.77
N TRP C 398 29.25 -27.73 44.06
CA TRP C 398 28.52 -26.65 44.71
C TRP C 398 29.37 -26.07 45.83
N SER C 399 29.42 -24.74 45.90
CA SER C 399 30.20 -24.06 46.93
C SER C 399 29.35 -23.31 47.95
N GLY C 400 28.04 -23.25 47.76
CA GLY C 400 27.15 -22.56 48.67
C GLY C 400 26.61 -23.47 49.75
N GLU C 401 25.56 -23.00 50.41
CA GLU C 401 24.93 -23.76 51.49
C GLU C 401 23.46 -23.38 51.55
N GLY C 402 22.61 -24.40 51.73
CA GLY C 402 21.17 -24.17 51.83
C GLY C 402 20.50 -24.37 50.48
N SER C 403 19.60 -23.45 50.13
CA SER C 403 18.88 -23.52 48.86
C SER C 403 19.39 -22.54 47.82
N SER C 404 20.13 -21.51 48.24
CA SER C 404 20.68 -20.52 47.33
C SER C 404 22.16 -20.77 47.02
N ALA C 405 22.55 -22.05 46.94
CA ALA C 405 23.94 -22.39 46.67
C ALA C 405 24.31 -22.04 45.23
N LYS C 406 25.61 -21.89 45.00
CA LYS C 406 26.14 -21.57 43.68
C LYS C 406 26.73 -22.83 43.03
N CYS C 407 26.95 -22.73 41.72
CA CYS C 407 27.48 -23.84 40.93
C CYS C 407 28.73 -23.36 40.21
N ILE C 408 29.89 -23.92 40.60
CA ILE C 408 31.17 -23.58 40.00
C ILE C 408 31.90 -24.86 39.64
N ARG C 409 32.90 -24.73 38.78
CA ARG C 409 33.73 -25.83 38.32
C ARG C 409 32.89 -26.94 37.69
N ASN C 410 32.24 -26.58 36.59
CA ASN C 410 31.41 -27.52 35.82
C ASN C 410 32.21 -27.97 34.60
N PHE C 411 33.06 -28.97 34.81
CA PHE C 411 33.93 -29.49 33.78
C PHE C 411 33.33 -30.76 33.18
N GLY C 412 34.02 -31.33 32.20
CA GLY C 412 33.54 -32.50 31.50
C GLY C 412 34.22 -33.79 31.89
N ASP C 413 34.36 -34.71 30.94
CA ASP C 413 34.95 -36.01 31.24
C ASP C 413 36.47 -35.95 31.25
N SER C 414 37.07 -35.56 30.11
CA SER C 414 38.52 -35.52 29.96
C SER C 414 39.02 -34.09 29.80
N GLY C 415 38.44 -33.16 30.55
CA GLY C 415 38.86 -31.77 30.50
C GLY C 415 38.55 -31.10 29.17
N ILE C 416 37.34 -31.29 28.68
CA ILE C 416 36.93 -30.69 27.41
C ILE C 416 35.99 -29.51 27.60
N TYR C 417 35.15 -29.52 28.63
CA TYR C 417 34.19 -28.44 28.84
C TYR C 417 34.35 -27.83 30.23
N ASP C 418 35.58 -27.52 30.61
CA ASP C 418 35.84 -26.90 31.91
C ASP C 418 35.34 -25.45 31.91
N TYR C 419 34.60 -25.08 32.95
CA TYR C 419 34.05 -23.74 33.08
C TYR C 419 34.20 -23.28 34.51
N ARG C 420 34.87 -22.14 34.71
CA ARG C 420 35.04 -21.53 36.02
C ARG C 420 34.14 -20.31 36.14
N PHE C 421 33.33 -20.27 37.18
CA PHE C 421 32.38 -19.19 37.40
C PHE C 421 32.74 -18.43 38.67
N HIS C 422 32.47 -17.13 38.67
CA HIS C 422 32.72 -16.28 39.82
C HIS C 422 31.62 -15.22 39.91
N TYR C 423 31.17 -14.96 41.14
CA TYR C 423 30.09 -14.01 41.38
C TYR C 423 30.58 -13.02 42.45
N GLU C 424 30.86 -11.79 42.04
CA GLU C 424 31.29 -10.73 42.93
C GLU C 424 30.15 -9.71 43.02
N GLY C 425 29.37 -9.81 44.09
CA GLY C 425 28.25 -8.91 44.27
C GLY C 425 27.21 -9.11 43.18
N ALA C 426 27.01 -8.06 42.38
CA ALA C 426 26.08 -8.13 41.24
C ALA C 426 26.79 -8.44 39.94
N LYS C 427 28.11 -8.61 39.95
CA LYS C 427 28.88 -8.89 38.75
C LYS C 427 29.17 -10.39 38.65
N SER C 428 29.13 -10.90 37.42
CA SER C 428 29.41 -12.30 37.15
C SER C 428 30.54 -12.41 36.13
N SER C 429 31.29 -13.50 36.23
CA SER C 429 32.38 -13.77 35.30
C SER C 429 32.46 -15.27 35.03
N TYR C 430 32.66 -15.63 33.77
CA TYR C 430 32.73 -17.03 33.39
C TYR C 430 33.89 -17.23 32.42
N SER C 431 34.66 -18.31 32.63
CA SER C 431 35.82 -18.61 31.82
C SER C 431 35.75 -20.06 31.35
N ASP C 432 36.14 -20.29 30.10
CA ASP C 432 36.16 -21.63 29.53
C ASP C 432 37.55 -22.24 29.73
N SER C 433 37.80 -23.36 29.05
CA SER C 433 39.08 -24.05 29.14
C SER C 433 40.11 -23.51 28.15
N LEU C 434 39.91 -22.29 27.65
CA LEU C 434 40.84 -21.68 26.70
C LEU C 434 41.26 -20.28 27.14
N ASP C 435 41.15 -19.96 28.43
CA ASP C 435 41.53 -18.66 28.98
C ASP C 435 40.76 -17.53 28.30
N ASN C 436 39.44 -17.64 28.30
CA ASN C 436 38.54 -16.65 27.72
C ASN C 436 37.50 -16.28 28.78
N GLU C 437 37.75 -15.21 29.50
CA GLU C 437 36.90 -14.78 30.61
C GLU C 437 35.96 -13.67 30.14
N TRP C 438 34.67 -13.92 30.23
CA TRP C 438 33.64 -12.94 29.90
C TRP C 438 33.00 -12.43 31.19
N THR C 439 32.67 -11.14 31.20
CA THR C 439 32.14 -10.46 32.37
C THR C 439 30.80 -9.84 32.07
N PHE C 440 29.87 -9.93 33.03
CA PHE C 440 28.54 -9.37 32.91
C PHE C 440 28.21 -8.59 34.18
N ILE C 441 27.56 -7.44 33.99
CA ILE C 441 27.13 -6.58 35.09
C ILE C 441 25.64 -6.33 34.91
N HIS C 442 24.85 -6.78 35.88
CA HIS C 442 23.40 -6.67 35.86
C HIS C 442 22.93 -5.76 36.99
N ASP C 443 21.63 -5.50 37.01
CA ASP C 443 21.00 -4.69 38.03
C ASP C 443 20.43 -5.59 39.12
N GLU C 444 19.67 -4.99 40.04
CA GLU C 444 19.05 -5.76 41.12
C GLU C 444 17.81 -6.52 40.66
N GLN C 445 17.21 -6.13 39.54
CA GLN C 445 16.03 -6.83 39.05
C GLN C 445 16.38 -8.13 38.34
N GLY C 446 17.41 -8.09 37.49
CA GLY C 446 17.82 -9.28 36.77
C GLY C 446 18.01 -9.04 35.28
N HIS C 447 17.96 -7.79 34.86
CA HIS C 447 18.15 -7.44 33.46
C HIS C 447 19.63 -7.23 33.14
N LEU C 448 19.96 -7.36 31.87
CA LEU C 448 21.33 -7.23 31.41
C LEU C 448 21.65 -5.77 31.14
N LEU C 449 22.77 -5.30 31.69
CA LEU C 449 23.21 -3.92 31.54
C LEU C 449 24.55 -3.79 30.83
N GLU C 450 25.56 -4.54 31.27
CA GLU C 450 26.91 -4.43 30.70
C GLU C 450 27.43 -5.81 30.40
N LYS C 451 28.03 -5.98 29.21
CA LYS C 451 28.61 -7.26 28.80
C LYS C 451 29.95 -6.97 28.14
N SER C 452 31.04 -7.46 28.73
CA SER C 452 32.38 -7.22 28.24
C SER C 452 32.99 -8.49 27.66
N SER C 453 33.97 -8.31 26.79
CA SER C 453 34.72 -9.37 26.14
C SER C 453 36.19 -9.32 26.55
N PRO C 454 36.86 -10.47 26.62
CA PRO C 454 38.27 -10.47 27.00
C PRO C 454 39.19 -9.95 25.91
N THR C 455 38.62 -9.44 24.82
CA THR C 455 39.40 -8.91 23.71
C THR C 455 39.26 -7.40 23.55
N GLY C 456 38.23 -6.79 24.13
CA GLY C 456 38.00 -5.36 24.04
C GLY C 456 36.58 -4.97 23.68
N ARG C 457 35.78 -5.89 23.16
CA ARG C 457 34.40 -5.57 22.81
C ARG C 457 33.55 -5.45 24.07
N THR C 458 32.63 -4.50 24.05
CA THR C 458 31.77 -4.24 25.21
C THR C 458 30.47 -3.62 24.74
N TRP C 459 29.35 -4.15 25.22
CA TRP C 459 28.03 -3.66 24.90
C TRP C 459 27.42 -2.96 26.11
N GLN C 460 26.48 -2.06 25.85
CA GLN C 460 25.79 -1.33 26.90
C GLN C 460 24.30 -1.31 26.63
N TRP C 461 23.51 -1.46 27.68
CA TRP C 461 22.06 -1.42 27.56
C TRP C 461 21.48 -0.52 28.63
N HIS C 462 20.60 0.39 28.24
CA HIS C 462 19.92 1.29 29.16
C HIS C 462 18.43 0.96 29.20
N TYR C 463 17.82 1.24 30.34
CA TYR C 463 16.40 0.97 30.56
C TYR C 463 15.69 2.27 30.95
N ASP C 464 14.40 2.16 31.23
CA ASP C 464 13.55 3.29 31.60
C ASP C 464 12.83 3.05 32.91
N HIS C 465 13.45 2.29 33.82
CA HIS C 465 12.89 1.96 35.13
C HIS C 465 11.55 1.25 35.03
N LEU C 466 11.30 0.57 33.90
CA LEU C 466 10.05 -0.15 33.71
C LEU C 466 10.24 -1.50 33.03
N GLY C 467 11.47 -1.94 32.78
CA GLY C 467 11.70 -3.20 32.11
C GLY C 467 11.68 -3.13 30.60
N ARG C 468 12.07 -2.00 30.02
CA ARG C 468 12.09 -1.84 28.57
C ARG C 468 13.37 -1.14 28.17
N LYS C 469 14.02 -1.64 27.12
CA LYS C 469 15.28 -1.07 26.66
C LYS C 469 15.04 0.23 25.92
N GLU C 470 15.88 1.23 26.19
CA GLU C 470 15.81 2.52 25.54
C GLU C 470 17.02 2.80 24.65
N LYS C 471 18.23 2.54 25.13
CA LYS C 471 19.44 2.82 24.39
C LYS C 471 20.31 1.57 24.34
N ALA C 472 20.77 1.20 23.15
CA ALA C 472 21.68 0.07 22.96
C ALA C 472 22.97 0.62 22.36
N VAL C 473 24.06 0.52 23.12
CA VAL C 473 25.36 1.05 22.72
C VAL C 473 26.24 -0.12 22.30
N PHE C 474 26.66 -0.12 21.04
CA PHE C 474 27.52 -1.16 20.49
C PHE C 474 28.98 -0.83 20.80
N PRO C 475 29.90 -1.77 20.56
CA PRO C 475 31.33 -1.47 20.80
C PRO C 475 31.90 -0.46 19.81
N ASP C 476 31.06 0.08 18.93
CA ASP C 476 31.46 1.10 17.97
C ASP C 476 30.70 2.40 18.27
N ASN C 477 30.86 3.38 17.39
CA ASN C 477 30.22 4.68 17.55
C ASN C 477 28.76 4.68 17.11
N SER C 478 28.17 3.51 16.89
CA SER C 478 26.77 3.41 16.48
C SER C 478 25.92 3.00 17.67
N THR C 479 24.79 3.70 17.85
CA THR C 479 23.88 3.44 18.95
C THR C 479 22.45 3.37 18.42
N THR C 480 21.64 2.52 19.05
CA THR C 480 20.24 2.34 18.68
C THR C 480 19.35 2.93 19.77
N GLN C 481 18.36 3.72 19.36
CA GLN C 481 17.44 4.37 20.27
C GLN C 481 16.03 3.87 19.98
N TYR C 482 15.38 3.33 21.00
CA TYR C 482 14.02 2.85 20.88
C TYR C 482 13.04 3.92 21.34
N GLN C 483 11.86 3.92 20.71
CA GLN C 483 10.82 4.89 21.02
C GLN C 483 9.49 4.16 21.08
N TYR C 484 8.84 4.21 22.24
CA TYR C 484 7.58 3.51 22.47
C TYR C 484 6.41 4.48 22.47
N ASN C 485 5.21 3.91 22.39
CA ASN C 485 3.98 4.67 22.54
C ASN C 485 3.14 4.01 23.63
N GLN C 486 1.87 4.40 23.74
CA GLN C 486 0.97 3.78 24.70
C GLN C 486 1.00 2.26 24.56
N GLN C 487 1.16 1.58 25.70
CA GLN C 487 1.29 0.12 25.76
C GLN C 487 2.53 -0.38 25.04
N GLY C 488 3.62 0.41 25.08
CA GLY C 488 4.89 -0.01 24.52
C GLY C 488 4.87 -0.24 23.02
N GLN C 489 4.93 -1.52 22.62
CA GLN C 489 4.82 -2.01 21.25
C GLN C 489 6.05 -1.74 20.39
N LEU C 490 7.05 -1.00 20.89
CA LEU C 490 8.30 -0.77 20.18
C LEU C 490 8.05 -0.12 18.80
N ILE C 491 7.54 1.11 18.86
CA ILE C 491 7.17 1.82 17.65
C ILE C 491 8.40 2.07 16.77
N SER C 492 9.38 2.80 17.30
CA SER C 492 10.54 3.21 16.53
C SER C 492 11.81 2.55 17.07
N LYS C 493 12.72 2.23 16.17
CA LYS C 493 13.99 1.56 16.45
C LYS C 493 15.14 2.29 15.76
N LEU C 494 15.21 3.60 15.97
CA LEU C 494 16.08 4.45 15.15
C LEU C 494 17.55 4.11 15.38
N HIS C 495 18.25 3.79 14.30
CA HIS C 495 19.68 3.52 14.35
C HIS C 495 20.46 4.79 14.00
N SER C 496 21.61 4.95 14.63
CA SER C 496 22.44 6.13 14.39
C SER C 496 23.00 6.10 12.97
N SER C 497 23.08 7.28 12.36
CA SER C 497 23.54 7.45 10.98
C SER C 497 22.78 6.52 10.04
N GLY C 498 21.46 6.57 10.13
CA GLY C 498 20.63 5.74 9.29
C GLY C 498 19.18 6.13 9.38
N ALA C 499 18.31 5.18 9.03
CA ALA C 499 16.87 5.36 9.05
C ALA C 499 16.25 4.48 10.13
N GLN C 500 14.93 4.51 10.20
CA GLN C 500 14.17 3.75 11.18
C GLN C 500 13.20 2.81 10.48
N ILE C 501 12.58 1.93 11.27
CA ILE C 501 11.66 0.94 10.76
C ILE C 501 10.21 1.40 10.90
N GLN C 502 9.89 2.08 12.00
CA GLN C 502 8.55 2.62 12.26
C GLN C 502 7.50 1.51 12.26
N TYR C 503 7.64 0.60 13.23
CA TYR C 503 6.67 -0.47 13.38
C TYR C 503 5.29 0.09 13.72
N GLY C 504 4.26 -0.50 13.12
CA GLY C 504 2.90 -0.05 13.35
C GLY C 504 1.97 -1.15 13.83
N TYR C 505 1.41 -0.97 15.03
CA TYR C 505 0.50 -1.94 15.62
C TYR C 505 -0.87 -1.31 15.79
N ASP C 506 -1.90 -1.98 15.27
CA ASP C 506 -3.26 -1.48 15.38
C ASP C 506 -3.96 -1.92 16.65
N SER C 507 -3.66 -3.12 17.14
CA SER C 507 -4.27 -3.64 18.36
C SER C 507 -3.26 -4.56 19.04
N LEU C 508 -3.73 -5.39 19.96
CA LEU C 508 -2.86 -6.33 20.66
C LEU C 508 -2.38 -7.47 19.78
N GLY C 509 -2.71 -7.47 18.49
CA GLY C 509 -2.27 -8.52 17.58
C GLY C 509 -0.85 -8.31 17.11
N LYS C 510 -0.52 -9.00 16.02
CA LYS C 510 0.83 -8.95 15.46
C LYS C 510 1.02 -7.65 14.67
N LEU C 511 2.17 -7.55 14.01
CA LEU C 511 2.49 -6.36 13.23
C LEU C 511 1.60 -6.28 11.99
N VAL C 512 1.17 -5.06 11.65
CA VAL C 512 0.32 -4.83 10.49
C VAL C 512 0.87 -3.76 9.56
N LYS C 513 2.06 -3.24 9.82
CA LYS C 513 2.65 -2.21 8.97
C LYS C 513 4.16 -2.23 9.14
N THR C 514 4.87 -2.14 8.02
CA THR C 514 6.33 -2.12 8.03
C THR C 514 6.83 -1.11 7.00
N VAL C 515 7.71 -0.21 7.44
CA VAL C 515 8.28 0.81 6.59
C VAL C 515 9.76 0.52 6.43
N SER C 516 10.19 0.26 5.20
CA SER C 516 11.60 -0.02 4.93
C SER C 516 12.42 1.25 5.09
N PRO C 517 13.69 1.12 5.51
CA PRO C 517 14.54 2.32 5.64
C PRO C 517 14.71 3.08 4.34
N ASP C 518 14.65 2.39 3.19
CA ASP C 518 14.77 3.10 1.92
C ASP C 518 13.53 3.92 1.61
N GLY C 519 12.36 3.46 2.05
CA GLY C 519 11.12 4.18 1.81
C GLY C 519 9.97 3.27 1.41
N ASP C 520 10.23 1.98 1.29
CA ASP C 520 9.19 1.03 0.92
C ASP C 520 8.26 0.79 2.09
N LEU C 521 6.96 0.78 1.82
CA LEU C 521 5.93 0.60 2.83
C LEU C 521 5.08 -0.62 2.49
N GLU C 522 4.68 -1.36 3.52
CA GLU C 522 3.83 -2.52 3.33
C GLU C 522 2.88 -2.63 4.53
N LYS C 523 1.69 -3.18 4.28
CA LYS C 523 0.65 -3.29 5.30
C LYS C 523 0.16 -4.73 5.39
N ALA C 524 -0.73 -4.97 6.35
CA ALA C 524 -1.35 -6.28 6.54
C ALA C 524 -2.79 -6.05 6.98
N TYR C 525 -3.49 -7.14 7.30
CA TYR C 525 -4.88 -7.04 7.74
C TYR C 525 -5.22 -8.28 8.55
N TYR C 526 -5.54 -8.10 9.82
CA TYR C 526 -5.92 -9.18 10.71
C TYR C 526 -7.38 -9.01 11.14
N ASN C 527 -8.03 -10.12 11.45
CA ASN C 527 -9.40 -10.11 11.92
C ASN C 527 -9.43 -10.02 13.45
N SER C 528 -10.61 -10.20 14.04
CA SER C 528 -10.74 -10.16 15.49
C SER C 528 -10.37 -11.47 16.16
N LEU C 529 -10.00 -12.50 15.38
CA LEU C 529 -9.62 -13.79 15.96
C LEU C 529 -8.41 -14.39 15.26
N GLY C 530 -7.62 -13.58 14.55
CA GLY C 530 -6.50 -14.09 13.79
C GLY C 530 -6.86 -14.26 12.33
N GLN C 531 -6.31 -15.29 11.68
CA GLN C 531 -6.62 -15.62 10.28
C GLN C 531 -6.34 -14.43 9.37
N ARG C 532 -5.04 -14.11 9.27
CA ARG C 532 -4.58 -12.98 8.48
C ARG C 532 -5.16 -13.03 7.07
N VAL C 533 -5.39 -11.84 6.50
CA VAL C 533 -6.06 -11.70 5.21
C VAL C 533 -5.09 -11.03 4.25
N TRP C 534 -5.58 -10.73 3.04
CA TRP C 534 -4.76 -10.11 1.99
C TRP C 534 -3.88 -9.00 2.53
N ASP C 535 -2.62 -9.01 2.09
CA ASP C 535 -1.64 -7.99 2.48
C ASP C 535 -0.77 -7.66 1.28
N ILE C 536 -0.47 -6.38 1.12
CA ILE C 536 0.37 -5.93 0.02
C ILE C 536 1.83 -6.21 0.34
N ASP C 537 2.61 -6.56 -0.68
CA ASP C 537 4.03 -6.80 -0.51
C ASP C 537 4.78 -5.47 -0.52
N ALA C 538 6.11 -5.52 -0.64
CA ALA C 538 6.90 -4.30 -0.68
C ALA C 538 6.54 -3.46 -1.90
N LEU C 539 6.80 -3.99 -3.10
CA LEU C 539 6.69 -3.15 -4.31
C LEU C 539 5.26 -3.07 -4.83
N GLY C 540 4.73 -4.18 -5.34
CA GLY C 540 3.43 -4.12 -5.98
C GLY C 540 2.54 -5.35 -5.91
N CYS C 541 2.94 -6.38 -5.18
CA CYS C 541 2.24 -7.66 -5.19
C CYS C 541 1.33 -7.79 -3.98
N VAL C 542 0.26 -8.56 -4.16
CA VAL C 542 -0.69 -8.87 -3.10
C VAL C 542 -0.83 -10.38 -2.99
N THR C 543 -1.15 -10.84 -1.78
CA THR C 543 -1.31 -12.26 -1.49
C THR C 543 -2.61 -12.46 -0.72
N GLU C 544 -3.59 -13.07 -1.36
CA GLU C 544 -4.90 -13.31 -0.76
C GLU C 544 -4.93 -14.68 -0.11
N TYR C 545 -5.27 -14.71 1.18
CA TYR C 545 -5.36 -15.95 1.94
C TYR C 545 -6.81 -16.36 2.12
N GLU C 546 -7.02 -17.67 2.28
CA GLU C 546 -8.35 -18.21 2.50
C GLU C 546 -8.21 -19.48 3.32
N TYR C 547 -9.01 -19.58 4.39
CA TYR C 547 -8.96 -20.68 5.33
C TYR C 547 -10.24 -21.49 5.26
N ASP C 548 -10.19 -22.68 5.84
CA ASP C 548 -11.35 -23.57 5.89
C ASP C 548 -12.14 -23.33 7.17
N LYS C 549 -13.09 -24.21 7.46
CA LYS C 549 -13.91 -24.06 8.67
C LYS C 549 -13.09 -24.34 9.93
N HIS C 550 -12.09 -25.22 9.85
CA HIS C 550 -11.30 -25.56 11.01
C HIS C 550 -10.26 -24.49 11.36
N GLY C 551 -9.90 -23.64 10.40
CA GLY C 551 -8.93 -22.58 10.62
C GLY C 551 -7.57 -22.80 9.99
N GLN C 552 -7.43 -23.77 9.09
CA GLN C 552 -6.17 -24.03 8.41
C GLN C 552 -6.15 -23.36 7.05
N VAL C 553 -4.95 -23.00 6.60
CA VAL C 553 -4.78 -22.31 5.32
C VAL C 553 -5.11 -23.30 4.20
N VAL C 554 -6.15 -23.00 3.43
CA VAL C 554 -6.53 -23.85 2.31
C VAL C 554 -6.19 -23.22 0.96
N LYS C 555 -6.11 -21.89 0.87
CA LYS C 555 -5.77 -21.25 -0.39
C LYS C 555 -4.88 -20.04 -0.12
N ARG C 556 -3.84 -19.89 -0.95
CA ARG C 556 -2.94 -18.74 -0.88
C ARG C 556 -2.63 -18.32 -2.32
N GLU C 557 -3.37 -17.33 -2.80
CA GLU C 557 -3.30 -16.93 -4.20
C GLU C 557 -2.51 -15.64 -4.36
N SER C 558 -1.67 -15.59 -5.39
CA SER C 558 -0.91 -14.39 -5.74
C SER C 558 -1.41 -13.84 -7.07
N GLU C 559 -1.00 -12.62 -7.37
CA GLU C 559 -1.43 -11.96 -8.60
C GLU C 559 -0.72 -12.58 -9.80
N ASP C 560 -1.52 -13.00 -10.79
CA ASP C 560 -1.01 -13.58 -12.03
C ASP C 560 -0.14 -14.81 -11.76
N GLY C 561 -0.77 -15.83 -11.18
CA GLY C 561 -0.09 -17.07 -10.91
C GLY C 561 0.41 -17.16 -9.48
N LYS C 562 1.27 -18.17 -9.27
CA LYS C 562 1.88 -18.45 -7.97
C LYS C 562 0.81 -18.67 -6.89
N LYS C 563 -0.04 -19.66 -7.14
CA LYS C 563 -1.14 -19.99 -6.24
C LYS C 563 -0.93 -21.40 -5.70
N SER C 564 -0.85 -21.51 -4.38
CA SER C 564 -0.69 -22.79 -3.69
C SER C 564 -2.00 -23.18 -3.03
N ARG C 565 -2.30 -24.48 -3.05
CA ARG C 565 -3.53 -25.00 -2.47
C ARG C 565 -3.21 -26.22 -1.60
N TRP C 566 -4.02 -26.40 -0.56
CA TRP C 566 -3.89 -27.52 0.36
C TRP C 566 -5.23 -28.24 0.47
N TRP C 567 -5.18 -29.56 0.60
CA TRP C 567 -6.36 -30.39 0.76
C TRP C 567 -6.10 -31.37 1.90
N TRP C 568 -6.85 -31.23 2.98
CA TRP C 568 -6.74 -32.08 4.16
C TRP C 568 -7.90 -33.05 4.23
N ASP C 569 -7.72 -34.11 5.02
CA ASP C 569 -8.75 -35.10 5.25
C ASP C 569 -9.59 -34.71 6.47
N LYS C 570 -10.42 -35.64 6.95
CA LYS C 570 -11.20 -35.38 8.15
C LYS C 570 -10.30 -35.17 9.36
N GLN C 571 -9.15 -35.84 9.41
CA GLN C 571 -8.20 -35.67 10.49
C GLN C 571 -7.34 -34.44 10.22
N GLN C 572 -6.27 -34.28 11.01
CA GLN C 572 -5.38 -33.12 10.89
C GLN C 572 -4.11 -33.46 10.09
N ARG C 573 -4.22 -34.34 9.11
CA ARG C 573 -3.08 -34.75 8.30
C ARG C 573 -3.22 -34.18 6.89
N LEU C 574 -2.08 -33.87 6.29
CA LEU C 574 -2.06 -33.33 4.93
C LEU C 574 -2.23 -34.45 3.91
N VAL C 575 -3.06 -34.19 2.90
CA VAL C 575 -3.36 -35.16 1.86
C VAL C 575 -2.84 -34.70 0.51
N ALA C 576 -3.16 -33.47 0.11
CA ALA C 576 -2.75 -32.94 -1.19
C ALA C 576 -2.17 -31.55 -1.02
N HIS C 577 -1.12 -31.26 -1.79
CA HIS C 577 -0.46 -29.97 -1.76
C HIS C 577 -0.04 -29.59 -3.17
N GLU C 578 -0.45 -28.42 -3.63
CA GLU C 578 -0.13 -27.93 -4.96
C GLU C 578 0.56 -26.57 -4.83
N VAL C 579 1.64 -26.39 -5.59
CA VAL C 579 2.40 -25.15 -5.58
C VAL C 579 2.25 -24.41 -6.92
N ASP C 580 2.46 -25.11 -8.03
CA ASP C 580 2.32 -24.52 -9.36
C ASP C 580 1.57 -25.44 -10.32
N GLY C 581 1.02 -26.55 -9.84
CA GLY C 581 0.31 -27.47 -10.69
C GLY C 581 0.79 -28.90 -10.52
N THR C 582 1.60 -29.14 -9.48
CA THR C 582 2.12 -30.48 -9.23
C THR C 582 1.02 -31.40 -8.71
N LEU C 583 0.30 -30.98 -7.67
CA LEU C 583 -0.79 -31.77 -7.08
C LEU C 583 -0.28 -33.13 -6.62
N LEU C 584 0.65 -33.10 -5.67
CA LEU C 584 1.18 -34.32 -5.10
C LEU C 584 0.12 -35.02 -4.25
N ARG C 585 0.22 -36.35 -4.18
CA ARG C 585 -0.73 -37.15 -3.42
C ARG C 585 0.02 -37.93 -2.36
N TYR C 586 -0.30 -37.65 -1.09
CA TYR C 586 0.33 -38.33 0.04
C TYR C 586 -0.54 -39.49 0.50
N SER C 587 0.12 -40.58 0.90
CA SER C 587 -0.56 -41.77 1.38
C SER C 587 -0.04 -42.12 2.77
N TYR C 588 -0.94 -42.52 3.66
CA TYR C 588 -0.60 -42.86 5.03
C TYR C 588 -0.87 -44.34 5.29
N GLY C 589 -0.31 -44.82 6.41
CA GLY C 589 -0.47 -46.21 6.80
C GLY C 589 -1.08 -46.36 8.18
N ALA C 590 -2.09 -45.52 8.47
CA ALA C 590 -2.74 -45.50 9.78
C ALA C 590 -1.76 -45.17 10.90
N THR C 591 -0.75 -44.37 10.59
CA THR C 591 0.24 -43.93 11.57
C THR C 591 0.53 -42.46 11.31
N ASP C 592 1.52 -41.91 12.02
CA ASP C 592 1.92 -40.52 11.86
C ASP C 592 3.08 -40.35 10.88
N LEU C 593 3.22 -41.27 9.94
CA LEU C 593 4.29 -41.23 8.95
C LEU C 593 3.72 -41.49 7.56
N VAL C 594 4.24 -40.79 6.57
CA VAL C 594 3.82 -40.95 5.18
C VAL C 594 4.70 -42.03 4.53
N ASN C 595 4.06 -42.95 3.82
CA ASN C 595 4.75 -44.05 3.17
C ASN C 595 4.41 -44.14 1.69
N GLY C 596 4.06 -43.02 1.06
CA GLY C 596 3.78 -43.01 -0.35
C GLY C 596 3.52 -41.63 -0.92
N ILE C 597 4.18 -41.30 -2.03
CA ILE C 597 4.03 -40.02 -2.70
C ILE C 597 3.76 -40.29 -4.18
N ALA C 598 2.69 -39.70 -4.70
CA ALA C 598 2.28 -39.87 -6.09
C ALA C 598 2.38 -38.53 -6.80
N TYR C 599 3.09 -38.52 -7.96
CA TYR C 599 3.37 -37.45 -8.90
C TYR C 599 2.52 -37.62 -10.17
N PRO C 600 2.20 -36.52 -10.85
CA PRO C 600 1.37 -36.63 -12.06
C PRO C 600 2.17 -36.99 -13.30
N ASP C 601 3.05 -37.98 -13.19
CA ASP C 601 3.86 -38.42 -14.33
C ASP C 601 3.98 -39.92 -14.48
N GLY C 602 3.57 -40.72 -13.49
CA GLY C 602 3.67 -42.17 -13.54
C GLY C 602 4.55 -42.75 -12.45
N CYS C 603 5.61 -42.04 -12.07
CA CYS C 603 6.50 -42.51 -11.03
C CYS C 603 5.95 -42.18 -9.64
N VAL C 604 6.18 -43.09 -8.70
CA VAL C 604 5.73 -42.93 -7.33
C VAL C 604 6.91 -43.16 -6.39
N ALA C 605 6.79 -42.61 -5.19
CA ALA C 605 7.81 -42.74 -4.15
C ALA C 605 7.25 -43.57 -3.00
N GLN C 606 8.04 -44.51 -2.50
CA GLN C 606 7.65 -45.37 -1.40
C GLN C 606 8.70 -45.32 -0.31
N ILE C 607 8.28 -45.00 0.91
CA ILE C 607 9.17 -44.89 2.05
C ILE C 607 8.97 -46.10 2.94
N SER C 608 10.06 -46.55 3.56
CA SER C 608 10.06 -47.71 4.44
C SER C 608 10.73 -47.33 5.75
N TYR C 609 10.08 -47.69 6.86
CA TYR C 609 10.46 -47.30 8.21
C TYR C 609 10.68 -48.53 9.07
N ASP C 610 10.82 -48.31 10.37
CA ASP C 610 10.98 -49.38 11.34
C ASP C 610 10.13 -49.04 12.57
N ASP C 611 10.38 -49.74 13.68
CA ASP C 611 9.60 -49.53 14.90
C ASP C 611 9.68 -48.06 15.35
N TYR C 612 10.88 -47.49 15.34
CA TYR C 612 11.06 -46.10 15.69
C TYR C 612 10.98 -45.24 14.43
N GLY C 613 11.39 -43.97 14.54
CA GLY C 613 11.45 -43.10 13.37
C GLY C 613 12.69 -43.37 12.56
N ARG C 614 13.35 -42.31 12.09
CA ARG C 614 14.62 -42.43 11.35
C ARG C 614 14.43 -43.32 10.11
N ARG C 615 13.65 -42.79 9.16
CA ARG C 615 13.25 -43.51 7.96
C ARG C 615 14.39 -44.34 7.38
N THR C 616 14.08 -45.57 7.01
CA THR C 616 15.07 -46.57 6.61
C THR C 616 15.37 -46.55 5.11
N SER C 617 14.35 -46.63 4.27
CA SER C 617 14.58 -46.75 2.84
C SER C 617 13.61 -45.85 2.08
N ILE C 618 14.00 -45.50 0.85
CA ILE C 618 13.17 -44.72 -0.06
C ILE C 618 13.40 -45.25 -1.47
N ARG C 619 12.31 -45.59 -2.15
CA ARG C 619 12.38 -46.17 -3.49
C ARG C 619 11.50 -45.37 -4.44
N TYR C 620 11.87 -45.37 -5.72
CA TYR C 620 11.14 -44.66 -6.76
C TYR C 620 10.73 -45.66 -7.84
N PHE C 621 9.42 -45.92 -7.92
CA PHE C 621 8.89 -46.83 -8.92
C PHE C 621 8.49 -46.04 -10.17
N ASN C 622 7.78 -46.68 -11.09
CA ASN C 622 7.31 -46.04 -12.31
C ASN C 622 6.10 -46.81 -12.81
N ASP C 623 5.65 -46.49 -14.03
CA ASP C 623 4.47 -47.13 -14.59
C ASP C 623 4.74 -48.56 -15.06
N GLU C 624 5.98 -48.91 -15.36
CA GLU C 624 6.36 -50.26 -15.74
C GLU C 624 7.10 -50.94 -14.60
N ASP C 625 7.36 -52.23 -14.78
CA ASP C 625 8.03 -53.04 -13.76
C ASP C 625 9.53 -52.73 -13.80
N LYS C 626 9.95 -51.78 -12.98
CA LYS C 626 11.36 -51.42 -12.88
C LYS C 626 11.59 -50.71 -11.55
N VAL C 627 12.84 -50.73 -11.11
CA VAL C 627 13.25 -50.09 -9.86
C VAL C 627 14.53 -49.31 -10.14
N GLY C 628 14.49 -48.01 -9.88
CA GLY C 628 15.65 -47.16 -10.11
C GLY C 628 15.78 -46.12 -9.03
N TYR C 629 17.04 -45.78 -8.72
CA TYR C 629 17.39 -44.77 -7.73
C TYR C 629 16.79 -45.11 -6.36
N SER C 630 17.25 -46.25 -5.81
CA SER C 630 16.83 -46.72 -4.51
C SER C 630 17.94 -46.44 -3.49
N GLU C 631 17.59 -45.72 -2.43
CA GLU C 631 18.53 -45.37 -1.38
C GLU C 631 18.28 -46.22 -0.14
N GLU C 632 19.37 -46.56 0.56
CA GLU C 632 19.31 -47.36 1.77
C GLU C 632 20.14 -46.68 2.86
N TYR C 633 19.58 -46.65 4.07
CA TYR C 633 20.26 -46.07 5.22
C TYR C 633 20.45 -47.13 6.30
N ALA C 634 21.35 -46.83 7.24
CA ALA C 634 21.65 -47.75 8.33
C ALA C 634 22.15 -46.96 9.52
N TYR C 635 21.79 -47.43 10.71
CA TYR C 635 22.15 -46.77 11.96
C TYR C 635 22.92 -47.73 12.85
N ASP C 636 23.74 -47.16 13.73
CA ASP C 636 24.55 -47.93 14.66
C ASP C 636 23.75 -48.18 15.94
N GLU C 637 24.43 -48.62 17.00
CA GLU C 637 23.76 -48.85 18.28
C GLU C 637 23.12 -47.58 18.81
N PHE C 638 23.72 -46.42 18.53
CA PHE C 638 23.14 -45.14 18.92
C PHE C 638 22.26 -44.61 17.80
N SER C 639 21.75 -43.39 17.98
CA SER C 639 20.88 -42.76 16.99
C SER C 639 21.71 -41.89 16.03
N ARG C 640 22.58 -42.56 15.29
CA ARG C 640 23.46 -41.90 14.34
C ARG C 640 23.55 -42.73 13.06
N VAL C 641 23.62 -42.04 11.93
CA VAL C 641 23.74 -42.73 10.64
C VAL C 641 25.15 -43.29 10.50
N ALA C 642 25.25 -44.60 10.29
CA ALA C 642 26.55 -45.24 10.16
C ALA C 642 27.02 -45.31 8.72
N GLN C 643 26.11 -45.53 7.77
CA GLN C 643 26.47 -45.61 6.37
C GLN C 643 25.29 -45.17 5.52
N ILE C 644 25.60 -44.63 4.34
CA ILE C 644 24.60 -44.20 3.37
C ILE C 644 24.87 -44.91 2.06
N GLN C 645 23.85 -45.60 1.54
CA GLN C 645 23.97 -46.37 0.32
C GLN C 645 23.42 -45.59 -0.86
N THR C 646 24.11 -45.72 -2.00
CA THR C 646 23.75 -45.03 -3.23
C THR C 646 24.11 -45.95 -4.39
N PRO C 647 23.32 -45.95 -5.48
CA PRO C 647 23.67 -46.78 -6.65
C PRO C 647 25.07 -46.51 -7.19
N GLU C 648 25.66 -45.37 -6.82
CA GLU C 648 27.04 -45.08 -7.19
C GLU C 648 28.04 -45.68 -6.20
N GLY C 649 27.71 -45.69 -4.91
CA GLY C 649 28.59 -46.27 -3.93
C GLY C 649 28.01 -46.11 -2.53
N VAL C 650 28.77 -46.56 -1.55
CA VAL C 650 28.37 -46.47 -0.14
C VAL C 650 29.39 -45.60 0.59
N THR C 651 28.90 -44.73 1.48
CA THR C 651 29.74 -43.82 2.23
C THR C 651 29.54 -44.08 3.72
N SER C 652 30.63 -44.38 4.42
CA SER C 652 30.57 -44.73 5.83
C SER C 652 31.05 -43.59 6.70
N TYR C 653 30.58 -43.55 7.93
CA TYR C 653 30.98 -42.53 8.90
C TYR C 653 31.30 -43.21 10.23
N GLN C 654 32.28 -42.64 10.95
CA GLN C 654 32.70 -43.16 12.24
C GLN C 654 32.56 -42.05 13.28
N TRP C 655 31.94 -42.39 14.41
CA TRP C 655 31.68 -41.45 15.49
C TRP C 655 32.51 -41.82 16.72
N GLY C 656 32.75 -40.82 17.55
CA GLY C 656 33.54 -41.01 18.75
C GLY C 656 32.75 -40.74 20.03
N ALA C 657 31.50 -41.20 20.05
CA ALA C 657 30.60 -41.01 21.20
C ALA C 657 30.39 -39.54 21.53
N LEU C 658 30.54 -38.67 20.52
CA LEU C 658 30.31 -37.24 20.71
C LEU C 658 29.58 -36.59 19.55
N ALA C 659 29.16 -37.35 18.55
CA ALA C 659 28.45 -36.82 17.37
C ALA C 659 29.26 -35.72 16.69
N GLN C 660 30.45 -36.10 16.22
CA GLN C 660 31.37 -35.17 15.58
C GLN C 660 31.78 -35.56 14.17
N GLN C 661 31.58 -36.81 13.77
CA GLN C 661 31.92 -37.30 12.43
C GLN C 661 33.41 -37.08 12.14
N GLU C 662 34.24 -37.77 12.92
CA GLU C 662 35.68 -37.62 12.84
C GLU C 662 36.34 -38.56 11.82
N ALA C 663 35.55 -39.26 11.02
CA ALA C 663 36.10 -40.16 10.01
C ALA C 663 35.04 -40.45 8.97
N VAL C 664 35.36 -40.19 7.70
CA VAL C 664 34.43 -40.43 6.59
C VAL C 664 35.14 -41.32 5.58
N ILE C 665 34.57 -42.50 5.33
CA ILE C 665 35.12 -43.48 4.40
C ILE C 665 34.33 -43.39 3.09
N PHE C 666 35.06 -43.17 2.00
CA PHE C 666 34.46 -43.01 0.67
C PHE C 666 34.23 -44.37 0.01
N PRO C 667 33.38 -44.41 -1.04
CA PRO C 667 33.14 -45.69 -1.71
C PRO C 667 34.37 -46.28 -2.36
N ASP C 668 35.30 -45.45 -2.86
CA ASP C 668 36.47 -45.97 -3.56
C ASP C 668 37.41 -46.71 -2.62
N GLY C 669 37.55 -46.22 -1.39
CA GLY C 669 38.43 -46.85 -0.42
C GLY C 669 39.20 -45.85 0.42
N SER C 670 39.30 -44.61 -0.07
CA SER C 670 39.98 -43.57 0.68
C SER C 670 39.14 -43.12 1.87
N HIS C 671 39.79 -42.44 2.80
CA HIS C 671 39.13 -41.98 4.01
C HIS C 671 39.70 -40.62 4.41
N ILE C 672 38.84 -39.81 5.03
CA ILE C 672 39.21 -38.49 5.52
C ILE C 672 38.98 -38.46 7.02
N SER C 673 40.02 -38.09 7.77
CA SER C 673 39.97 -38.03 9.23
C SER C 673 39.83 -36.59 9.68
N TYR C 674 39.38 -36.43 10.93
CA TYR C 674 39.19 -35.12 11.53
C TYR C 674 39.86 -35.08 12.90
N GLU C 675 40.41 -33.91 13.25
CA GLU C 675 41.09 -33.70 14.52
C GLU C 675 40.42 -32.54 15.23
N TYR C 676 39.74 -32.84 16.34
CA TYR C 676 39.01 -31.83 17.11
C TYR C 676 39.84 -31.46 18.34
N ASP C 677 40.08 -30.16 18.52
CA ASP C 677 40.81 -29.66 19.67
C ASP C 677 39.82 -29.33 20.79
N GLN C 678 40.29 -28.60 21.80
CA GLN C 678 39.44 -28.23 22.92
C GLN C 678 38.21 -27.45 22.43
N GLN C 679 37.13 -27.56 23.20
CA GLN C 679 35.83 -26.97 22.88
C GLN C 679 35.24 -27.50 21.58
N ARG C 680 35.74 -28.64 21.12
CA ARG C 680 35.21 -29.33 19.93
C ARG C 680 35.24 -28.43 18.70
N ASN C 681 36.45 -28.05 18.30
CA ASN C 681 36.68 -27.24 17.11
C ASN C 681 37.59 -28.01 16.16
N LEU C 682 37.23 -28.04 14.88
CA LEU C 682 38.02 -28.76 13.89
C LEU C 682 39.35 -28.08 13.65
N THR C 683 40.42 -28.87 13.61
CA THR C 683 41.76 -28.35 13.44
C THR C 683 42.45 -28.86 12.17
N LYS C 684 42.42 -30.16 11.93
CA LYS C 684 43.13 -30.76 10.81
C LYS C 684 42.17 -31.50 9.89
N LEU C 685 42.51 -31.53 8.61
CA LEU C 685 41.72 -32.20 7.57
C LEU C 685 42.60 -33.16 6.78
N VAL C 686 43.37 -33.97 7.50
CA VAL C 686 44.31 -34.90 6.86
C VAL C 686 43.52 -35.96 6.11
N ARG C 687 43.90 -36.21 4.86
CA ARG C 687 43.27 -37.20 4.01
C ARG C 687 44.10 -38.48 3.99
N SER C 688 43.72 -39.43 3.13
CA SER C 688 44.39 -40.71 3.02
C SER C 688 45.62 -40.67 2.11
N ASP C 689 46.11 -39.47 1.77
CA ASP C 689 47.28 -39.33 0.91
C ASP C 689 48.49 -38.75 1.64
N GLY C 690 48.29 -37.98 2.71
CA GLY C 690 49.38 -37.39 3.43
C GLY C 690 49.24 -35.89 3.59
N LEU C 691 48.68 -35.22 2.59
CA LEU C 691 48.48 -33.79 2.65
C LEU C 691 47.33 -33.47 3.60
N ALA C 692 47.55 -32.49 4.48
CA ALA C 692 46.58 -32.09 5.48
C ALA C 692 46.18 -30.64 5.28
N PHE C 693 45.21 -30.21 6.08
CA PHE C 693 44.70 -28.84 6.05
C PHE C 693 44.51 -28.38 7.49
N GLU C 694 45.39 -27.52 7.96
CA GLU C 694 45.38 -27.06 9.35
C GLU C 694 44.55 -25.79 9.49
N PHE C 695 43.87 -25.68 10.63
CA PHE C 695 43.06 -24.52 10.96
C PHE C 695 43.57 -23.87 12.24
N TRP C 696 43.21 -22.60 12.42
CA TRP C 696 43.62 -21.84 13.60
C TRP C 696 42.47 -20.96 14.05
N TYR C 697 42.40 -20.73 15.35
CA TYR C 697 41.35 -19.91 15.95
C TYR C 697 41.97 -18.95 16.95
N ASP C 698 41.39 -17.75 17.04
CA ASP C 698 41.86 -16.73 17.95
C ASP C 698 41.10 -16.85 19.28
N SER C 699 41.24 -15.84 20.14
CA SER C 699 40.61 -15.83 21.45
C SER C 699 39.14 -15.42 21.41
N GLU C 700 38.52 -15.43 20.23
CA GLU C 700 37.11 -15.09 20.10
C GLU C 700 36.29 -16.18 19.41
N GLY C 701 36.93 -17.26 18.97
CA GLY C 701 36.22 -18.33 18.29
C GLY C 701 36.08 -18.15 16.79
N LEU C 702 36.75 -17.17 16.20
CA LEU C 702 36.67 -16.92 14.77
C LEU C 702 37.86 -17.54 14.05
N LEU C 703 37.62 -17.98 12.82
CA LEU C 703 38.68 -18.58 12.01
C LEU C 703 39.70 -17.52 11.63
N SER C 704 40.97 -17.77 11.97
CA SER C 704 42.07 -16.83 11.71
C SER C 704 43.26 -17.63 11.20
N GLY C 705 43.36 -17.76 9.88
CA GLY C 705 44.48 -18.44 9.27
C GLY C 705 44.23 -19.91 9.01
N THR C 706 44.27 -20.31 7.74
CA THR C 706 44.08 -21.70 7.34
C THR C 706 45.27 -22.13 6.51
N VAL C 707 45.97 -23.17 6.95
CA VAL C 707 47.11 -23.70 6.23
C VAL C 707 46.62 -24.61 5.11
N GLY C 708 47.01 -24.29 3.87
CA GLY C 708 46.58 -25.06 2.73
C GLY C 708 47.33 -26.36 2.56
N PHE C 709 47.03 -27.04 1.46
CA PHE C 709 47.69 -28.30 1.17
C PHE C 709 49.16 -28.10 0.83
N ASP C 710 49.46 -27.08 0.02
CA ASP C 710 50.84 -26.82 -0.36
C ASP C 710 51.65 -26.17 0.76
N GLY C 711 50.99 -25.53 1.71
CA GLY C 711 51.68 -24.88 2.81
C GLY C 711 51.46 -23.39 2.87
N LEU C 712 50.31 -22.93 2.38
CA LEU C 712 50.01 -21.51 2.41
C LEU C 712 49.68 -21.05 3.84
N HIS C 713 49.53 -19.75 4.00
CA HIS C 713 49.25 -19.17 5.31
C HIS C 713 48.35 -17.96 5.14
N SER C 714 47.63 -17.63 6.22
CA SER C 714 46.74 -16.47 6.23
C SER C 714 46.62 -15.98 7.66
N GLN C 715 45.99 -14.82 7.81
CA GLN C 715 45.77 -14.22 9.13
C GLN C 715 44.31 -14.00 9.46
N PHE C 716 43.51 -13.51 8.51
CA PHE C 716 42.08 -13.29 8.68
C PHE C 716 41.81 -12.38 9.90
N LYS C 717 42.29 -11.15 9.80
CA LYS C 717 42.12 -10.18 10.88
C LYS C 717 40.69 -9.63 10.87
N TYR C 718 40.22 -9.25 12.06
CA TYR C 718 38.89 -8.69 12.25
C TYR C 718 38.97 -7.47 13.15
N ASP C 719 37.93 -6.63 13.06
CA ASP C 719 37.85 -5.43 13.88
C ASP C 719 37.09 -5.73 15.16
N SER C 720 36.73 -4.68 15.91
CA SER C 720 35.99 -4.83 17.15
C SER C 720 34.50 -5.05 16.92
N MET C 721 34.03 -4.98 15.68
CA MET C 721 32.62 -5.18 15.38
C MET C 721 32.29 -6.61 14.96
N GLY C 722 33.22 -7.30 14.31
CA GLY C 722 33.01 -8.66 13.88
C GLY C 722 33.23 -8.90 12.40
N ARG C 723 33.37 -7.85 11.59
CA ARG C 723 33.59 -8.00 10.16
C ARG C 723 35.08 -8.12 9.85
N ILE C 724 35.38 -8.47 8.60
CA ILE C 724 36.75 -8.62 8.13
C ILE C 724 37.24 -7.29 7.61
N ILE C 725 38.40 -6.84 8.08
CA ILE C 725 38.99 -5.58 7.66
C ILE C 725 40.35 -5.74 7.02
N ARG C 726 40.98 -6.91 7.11
CA ARG C 726 42.30 -7.13 6.53
C ARG C 726 42.45 -8.62 6.24
N LYS C 727 42.49 -8.97 4.96
CA LYS C 727 42.70 -10.36 4.58
C LYS C 727 44.08 -10.85 5.03
N ASP C 728 45.12 -10.05 4.75
CA ASP C 728 46.48 -10.32 5.20
C ASP C 728 46.97 -11.69 4.68
N VAL C 729 47.05 -11.79 3.35
CA VAL C 729 47.61 -12.98 2.73
C VAL C 729 49.13 -12.91 2.79
N ALA C 730 49.77 -14.08 2.61
CA ALA C 730 51.22 -14.14 2.67
C ALA C 730 51.89 -13.28 1.62
N ASP C 731 51.21 -13.04 0.50
CA ASP C 731 51.77 -12.24 -0.59
C ASP C 731 50.98 -10.99 -0.90
N ARG C 732 49.64 -11.05 -0.85
CA ARG C 732 48.79 -9.93 -1.20
C ARG C 732 48.01 -9.45 0.03
N THR C 733 47.27 -8.37 -0.17
CA THR C 733 46.43 -7.79 0.88
C THR C 733 45.24 -7.10 0.24
N VAL C 734 44.07 -7.28 0.83
CA VAL C 734 42.83 -6.68 0.34
C VAL C 734 42.42 -5.45 1.15
N LEU C 735 42.35 -5.60 2.48
CA LEU C 735 42.07 -4.50 3.39
C LEU C 735 40.71 -3.85 3.07
N TYR C 736 39.67 -4.65 3.29
CA TYR C 736 38.30 -4.18 3.08
C TYR C 736 37.99 -3.00 4.00
N SER C 737 37.01 -2.20 3.58
CA SER C 737 36.58 -1.04 4.35
C SER C 737 35.06 -0.94 4.30
N TYR C 738 34.50 -0.12 5.19
CA TYR C 738 33.06 0.09 5.28
C TYR C 738 32.79 1.59 5.43
N ASP C 739 31.51 1.94 5.42
CA ASP C 739 31.07 3.33 5.48
C ASP C 739 30.06 3.53 6.61
N ASP C 740 30.32 2.91 7.76
CA ASP C 740 29.47 3.04 8.95
C ASP C 740 28.03 2.60 8.65
N ALA C 741 27.88 1.64 7.73
CA ALA C 741 26.56 1.12 7.40
C ALA C 741 26.52 -0.39 7.27
N GLY C 742 27.66 -1.08 7.37
CA GLY C 742 27.70 -2.52 7.23
C GLY C 742 27.89 -3.02 5.81
N PHE C 743 28.15 -2.14 4.86
CA PHE C 743 28.31 -2.49 3.46
C PHE C 743 29.71 -2.14 2.99
N LEU C 744 30.14 -2.80 1.92
CA LEU C 744 31.47 -2.56 1.36
C LEU C 744 31.51 -1.22 0.64
N GLN C 745 32.58 -0.46 0.89
CA GLN C 745 32.73 0.87 0.31
C GLN C 745 33.95 0.99 -0.58
N HIS C 746 35.12 0.54 -0.10
CA HIS C 746 36.36 0.70 -0.85
C HIS C 746 37.24 -0.53 -0.64
N ILE C 747 37.91 -0.96 -1.71
CA ILE C 747 38.78 -2.12 -1.69
C ILE C 747 40.19 -1.67 -2.06
N LYS C 748 41.19 -2.18 -1.33
CA LYS C 748 42.58 -1.83 -1.59
C LYS C 748 43.33 -3.11 -1.95
N ALA C 749 42.74 -3.91 -2.85
CA ALA C 749 43.34 -5.17 -3.26
C ALA C 749 44.62 -4.89 -4.05
N GLY C 750 45.77 -5.16 -3.44
CA GLY C 750 47.04 -4.94 -4.09
C GLY C 750 48.23 -5.43 -3.30
N ASN C 751 49.14 -6.13 -3.95
CA ASN C 751 50.36 -6.64 -3.30
C ASN C 751 51.51 -5.66 -3.51
N GLY C 752 51.30 -4.43 -3.07
CA GLY C 752 52.27 -3.35 -3.21
C GLY C 752 52.17 -2.60 -4.52
N LYS C 753 51.99 -3.33 -5.62
CA LYS C 753 51.87 -2.74 -6.95
C LYS C 753 50.58 -3.23 -7.61
N ASN C 754 50.25 -2.61 -8.75
CA ASN C 754 49.03 -2.92 -9.49
C ASN C 754 47.80 -2.75 -8.62
N ILE C 755 47.58 -1.51 -8.19
CA ILE C 755 46.42 -1.19 -7.36
C ILE C 755 45.15 -1.31 -8.20
N VAL C 756 44.15 -2.01 -7.67
CA VAL C 756 42.92 -2.22 -8.41
C VAL C 756 41.99 -1.02 -8.25
N GLU C 757 41.92 -0.47 -7.03
CA GLU C 757 41.16 0.76 -6.73
C GLU C 757 39.67 0.58 -7.05
N ASN C 758 39.06 -0.33 -6.30
CA ASN C 758 37.61 -0.50 -6.33
C ASN C 758 36.95 0.42 -5.32
N HIS C 759 35.73 0.85 -5.64
CA HIS C 759 34.99 1.75 -4.76
C HIS C 759 33.50 1.61 -5.04
N PHE C 760 32.71 1.57 -3.97
CA PHE C 760 31.26 1.47 -4.06
C PHE C 760 30.63 2.46 -3.07
N ASN C 761 29.35 2.73 -3.28
CA ASN C 761 28.59 3.65 -2.42
C ASN C 761 27.18 3.09 -2.26
N TYR C 762 26.91 2.49 -1.11
CA TYR C 762 25.60 1.92 -0.81
C TYR C 762 24.70 2.97 -0.17
N THR C 763 23.39 2.75 -0.29
CA THR C 763 22.40 3.60 0.35
C THR C 763 22.05 3.04 1.72
N LEU C 764 20.99 3.55 2.34
CA LEU C 764 20.58 3.08 3.64
C LEU C 764 20.07 1.64 3.62
N GLY C 765 19.65 1.16 2.46
CA GLY C 765 19.16 -0.21 2.35
C GLY C 765 19.74 -0.97 1.18
N GLY C 766 21.01 -0.71 0.86
CA GLY C 766 21.66 -1.37 -0.25
C GLY C 766 21.54 -0.59 -1.54
N ARG C 767 21.48 -1.29 -2.67
CA ARG C 767 21.31 -0.67 -3.99
C ARG C 767 22.42 0.34 -4.27
N LEU C 768 23.64 -0.19 -4.38
CA LEU C 768 24.81 0.67 -4.58
C LEU C 768 24.72 1.42 -5.90
N THR C 769 24.55 0.70 -7.01
CA THR C 769 24.39 1.28 -8.35
C THR C 769 25.53 2.23 -8.70
N LEU C 770 26.70 2.02 -8.11
CA LEU C 770 27.87 2.86 -8.37
C LEU C 770 29.11 1.97 -8.53
N ALA C 771 29.00 0.92 -9.34
CA ALA C 771 30.10 -0.02 -9.51
C ALA C 771 31.13 0.64 -10.41
N SER C 772 32.05 1.40 -9.80
CA SER C 772 33.02 2.20 -10.53
C SER C 772 34.44 1.85 -10.08
N ASN C 773 35.35 1.79 -11.05
CA ASN C 773 36.77 1.57 -10.77
C ASN C 773 37.56 2.42 -11.76
N ARG C 774 38.86 2.15 -11.84
CA ARG C 774 39.75 2.92 -12.72
C ARG C 774 39.56 2.57 -14.19
N HIS C 775 38.84 1.50 -14.52
CA HIS C 775 38.70 1.04 -15.89
C HIS C 775 37.31 1.17 -16.47
N GLN C 776 36.26 1.13 -15.63
CA GLN C 776 34.89 1.13 -16.14
C GLN C 776 33.98 1.59 -15.01
N THR C 777 32.77 1.99 -15.39
CA THR C 777 31.77 2.44 -14.43
C THR C 777 30.40 1.93 -14.83
N LEU C 778 29.61 1.55 -13.84
CA LEU C 778 28.28 1.00 -14.03
C LEU C 778 27.34 1.65 -13.03
N GLN C 779 26.23 2.20 -13.52
CA GLN C 779 25.23 2.84 -12.68
C GLN C 779 23.85 2.31 -13.03
N TYR C 780 22.95 2.33 -12.05
CA TYR C 780 21.60 1.82 -12.21
C TYR C 780 20.61 2.88 -11.73
N GLN C 781 19.67 3.23 -12.60
CA GLN C 781 18.63 4.20 -12.29
C GLN C 781 17.31 3.47 -12.09
N TYR C 782 16.73 3.62 -10.89
CA TYR C 782 15.49 2.97 -10.54
C TYR C 782 14.30 3.87 -10.84
N SER C 783 13.10 3.31 -10.67
CA SER C 783 11.87 4.07 -10.84
C SER C 783 11.42 4.63 -9.49
N SER C 784 10.21 5.18 -9.44
CA SER C 784 9.67 5.71 -8.19
C SER C 784 9.00 4.64 -7.34
N PHE C 785 8.71 3.46 -7.91
CA PHE C 785 8.06 2.38 -7.18
C PHE C 785 9.03 1.29 -6.77
N GLY C 786 10.33 1.58 -6.76
CA GLY C 786 11.33 0.59 -6.41
C GLY C 786 11.52 -0.47 -7.47
N HIS C 787 11.72 -0.04 -8.72
CA HIS C 787 11.91 -0.94 -9.84
C HIS C 787 13.03 -0.43 -10.72
N LEU C 788 13.87 -1.34 -11.19
CA LEU C 788 14.99 -0.97 -12.06
C LEU C 788 14.47 -0.53 -13.43
N THR C 789 14.98 0.60 -13.91
CA THR C 789 14.56 1.14 -15.20
C THR C 789 15.68 1.42 -16.18
N LYS C 790 16.91 1.67 -15.71
CA LYS C 790 18.01 1.95 -16.62
C LYS C 790 19.30 1.38 -16.06
N ARG C 791 20.13 0.82 -16.95
CA ARG C 791 21.44 0.28 -16.57
C ARG C 791 22.48 0.89 -17.50
N ILE C 792 23.17 1.92 -17.04
CA ILE C 792 24.17 2.61 -17.84
C ILE C 792 25.53 1.99 -17.54
N GLN C 793 26.10 1.28 -18.51
CA GLN C 793 27.40 0.63 -18.36
C GLN C 793 28.45 1.48 -19.06
N GLY C 794 28.91 2.50 -18.36
CA GLY C 794 29.91 3.40 -18.89
C GLY C 794 29.37 4.38 -19.91
N GLN C 795 29.01 3.90 -21.09
CA GLN C 795 28.47 4.74 -22.13
C GLN C 795 27.24 4.17 -22.83
N PHE C 796 26.89 2.91 -22.61
CA PHE C 796 25.74 2.28 -23.25
C PHE C 796 24.54 2.27 -22.31
N GLU C 797 23.35 2.17 -22.91
CA GLU C 797 22.10 2.13 -22.18
C GLU C 797 21.24 0.99 -22.72
N ILE C 798 20.46 0.39 -21.82
CA ILE C 798 19.60 -0.73 -22.18
C ILE C 798 18.14 -0.35 -21.94
N GLY C 799 17.79 -0.10 -20.68
CA GLY C 799 16.43 0.26 -20.35
C GLY C 799 15.50 -0.93 -20.25
N GLU C 800 14.64 -0.94 -19.23
CA GLU C 800 13.68 -2.02 -19.04
C GLU C 800 12.43 -1.47 -18.35
N GLU C 801 11.29 -2.05 -18.69
CA GLU C 801 10.01 -1.65 -18.12
C GLU C 801 9.37 -2.83 -17.40
N PHE C 802 8.48 -2.52 -16.47
CA PHE C 802 7.78 -3.51 -15.68
C PHE C 802 6.27 -3.32 -15.80
N ASN C 803 5.54 -4.34 -15.39
CA ASN C 803 4.08 -4.35 -15.45
C ASN C 803 3.50 -3.97 -14.09
N ARG C 804 2.16 -4.02 -14.01
CA ARG C 804 1.50 -3.71 -12.74
C ARG C 804 1.70 -4.83 -11.72
N VAL C 805 1.74 -6.08 -12.20
CA VAL C 805 1.95 -7.20 -11.28
C VAL C 805 3.39 -7.24 -10.79
N GLY C 806 4.34 -6.85 -11.64
CA GLY C 806 5.75 -6.86 -11.26
C GLY C 806 6.65 -7.59 -12.24
N GLN C 807 6.14 -8.15 -13.32
CA GLN C 807 6.96 -8.84 -14.29
C GLN C 807 7.63 -7.86 -15.24
N ARG C 808 8.73 -8.30 -15.85
CA ARG C 808 9.50 -7.47 -16.76
C ARG C 808 9.05 -7.72 -18.19
N VAL C 809 8.53 -6.67 -18.83
CA VAL C 809 8.08 -6.74 -20.22
C VAL C 809 8.62 -5.54 -20.97
N SER C 810 8.73 -5.70 -22.29
CA SER C 810 9.20 -4.66 -23.20
C SER C 810 10.59 -4.16 -22.82
N GLN C 811 11.57 -5.07 -22.91
CA GLN C 811 12.96 -4.76 -22.60
C GLN C 811 13.61 -4.17 -23.84
N THR C 812 13.87 -2.87 -23.81
CA THR C 812 14.48 -2.18 -24.93
C THR C 812 15.99 -2.44 -24.96
N LEU C 813 16.58 -2.29 -26.14
CA LEU C 813 18.01 -2.47 -26.37
C LEU C 813 18.54 -1.31 -27.19
N PRO C 814 19.85 -1.05 -27.14
CA PRO C 814 20.40 0.04 -27.95
C PRO C 814 20.40 -0.27 -29.44
N ASP C 815 20.84 0.70 -30.25
CA ASP C 815 20.89 0.56 -31.71
C ASP C 815 19.49 0.31 -32.29
N LYS C 816 18.49 0.95 -31.70
CA LYS C 816 17.11 0.90 -32.17
C LYS C 816 16.61 -0.54 -32.28
N THR C 817 16.54 -1.21 -31.13
CA THR C 817 16.04 -2.57 -31.06
C THR C 817 15.30 -2.75 -29.74
N SER C 818 14.15 -3.41 -29.81
CA SER C 818 13.33 -3.63 -28.62
C SER C 818 12.69 -5.01 -28.69
N PHE C 819 12.63 -5.67 -27.54
CA PHE C 819 11.97 -6.97 -27.40
C PHE C 819 10.67 -6.80 -26.62
N ASN C 820 9.80 -7.80 -26.74
CA ASN C 820 8.52 -7.81 -26.04
C ASN C 820 8.29 -9.18 -25.45
N PHE C 821 8.10 -9.25 -24.14
CA PHE C 821 7.85 -10.50 -23.44
C PHE C 821 6.38 -10.63 -23.09
N SER C 822 5.86 -11.85 -23.19
CA SER C 822 4.47 -12.14 -22.88
C SER C 822 4.40 -13.44 -22.10
N TYR C 823 3.79 -13.39 -20.92
CA TYR C 823 3.69 -14.53 -20.02
C TYR C 823 2.34 -15.22 -20.21
N ASP C 824 2.12 -16.24 -19.38
CA ASP C 824 0.87 -17.00 -19.40
C ASP C 824 0.50 -17.32 -17.95
N THR C 825 -0.42 -18.25 -17.77
CA THR C 825 -0.81 -18.69 -16.43
C THR C 825 0.40 -19.23 -15.68
N ASN C 826 0.34 -19.13 -14.35
CA ASN C 826 1.39 -19.55 -13.41
C ASN C 826 2.66 -18.74 -13.52
N GLY C 827 2.65 -17.62 -14.26
CA GLY C 827 3.79 -16.74 -14.34
C GLY C 827 5.02 -17.36 -14.98
N ARG C 828 4.94 -17.64 -16.28
CA ARG C 828 6.06 -18.22 -17.02
C ARG C 828 6.15 -17.55 -18.38
N LEU C 829 7.38 -17.33 -18.84
CA LEU C 829 7.60 -16.71 -20.14
C LEU C 829 7.13 -17.65 -21.25
N SER C 830 6.28 -17.15 -22.14
CA SER C 830 5.71 -17.96 -23.20
C SER C 830 5.76 -17.34 -24.59
N GLU C 831 6.06 -16.05 -24.72
CA GLU C 831 6.11 -15.43 -26.03
C GLU C 831 7.18 -14.34 -26.04
N ILE C 832 8.01 -14.34 -27.08
CA ILE C 832 9.07 -13.35 -27.24
C ILE C 832 8.92 -12.77 -28.65
N ARG C 833 8.57 -11.50 -28.74
CA ARG C 833 8.41 -10.81 -30.02
C ARG C 833 9.53 -9.80 -30.21
N PHE C 834 9.87 -9.56 -31.47
CA PHE C 834 10.93 -8.63 -31.84
C PHE C 834 10.32 -7.36 -32.44
N SER C 835 11.13 -6.30 -32.46
CA SER C 835 10.65 -5.02 -33.00
C SER C 835 10.51 -5.09 -34.52
N ASP C 836 11.42 -5.80 -35.20
CA ASP C 836 11.35 -5.89 -36.65
C ASP C 836 10.17 -6.76 -37.06
N ASP C 837 9.48 -6.33 -38.12
CA ASP C 837 8.32 -7.05 -38.63
C ASP C 837 8.70 -8.32 -39.39
N SER C 838 9.97 -8.49 -39.75
CA SER C 838 10.42 -9.66 -40.48
C SER C 838 11.04 -10.72 -39.57
N LEU C 839 10.71 -10.69 -38.28
CA LEU C 839 11.24 -11.65 -37.33
C LEU C 839 10.06 -12.32 -36.63
N PRO C 840 9.93 -13.64 -36.72
CA PRO C 840 8.81 -14.32 -36.08
C PRO C 840 8.98 -14.44 -34.57
N LYS C 841 7.84 -14.56 -33.88
CA LYS C 841 7.85 -14.69 -32.44
C LYS C 841 8.23 -16.11 -32.02
N ILE C 842 8.96 -16.21 -30.92
CA ILE C 842 9.41 -17.50 -30.39
C ILE C 842 8.39 -17.99 -29.36
N GLU C 843 8.01 -19.25 -29.46
CA GLU C 843 7.00 -19.84 -28.59
C GLU C 843 7.58 -21.05 -27.86
N PHE C 844 7.23 -21.16 -26.57
CA PHE C 844 7.63 -22.27 -25.72
C PHE C 844 6.40 -22.98 -25.17
N GLN C 845 6.58 -24.26 -24.87
CA GLN C 845 5.51 -25.10 -24.33
C GLN C 845 6.10 -26.02 -23.28
N TYR C 846 5.60 -25.92 -22.06
CA TYR C 846 6.07 -26.73 -20.95
C TYR C 846 5.20 -27.97 -20.78
N ASP C 847 5.71 -28.93 -20.01
CA ASP C 847 4.98 -30.15 -19.71
C ASP C 847 4.21 -29.96 -18.40
N VAL C 848 3.67 -31.06 -17.86
CA VAL C 848 2.88 -30.98 -16.64
C VAL C 848 3.77 -30.67 -15.44
N MET C 849 5.00 -31.19 -15.41
CA MET C 849 5.89 -31.00 -14.29
C MET C 849 6.63 -29.66 -14.32
N GLY C 850 6.27 -28.76 -15.23
CA GLY C 850 6.88 -27.45 -15.28
C GLY C 850 8.30 -27.45 -15.77
N ARG C 851 8.54 -28.05 -16.95
CA ARG C 851 9.85 -28.06 -17.58
C ARG C 851 9.68 -27.77 -19.06
N LEU C 852 10.66 -27.08 -19.64
CA LEU C 852 10.62 -26.74 -21.05
C LEU C 852 10.65 -28.00 -21.90
N SER C 853 9.63 -28.19 -22.72
CA SER C 853 9.49 -29.40 -23.52
C SER C 853 9.54 -29.12 -25.02
N VAL C 854 8.80 -28.13 -25.50
CA VAL C 854 8.73 -27.83 -26.93
C VAL C 854 9.10 -26.37 -27.14
N THR C 855 9.88 -26.10 -28.19
CA THR C 855 10.27 -24.74 -28.52
C THR C 855 10.21 -24.57 -30.04
N GLU C 856 9.41 -23.62 -30.51
CA GLU C 856 9.29 -23.40 -31.94
C GLU C 856 8.86 -21.96 -32.19
N THR C 857 9.38 -21.37 -33.27
CA THR C 857 8.97 -20.03 -33.69
C THR C 857 8.27 -20.02 -35.04
N GLU C 858 8.93 -20.46 -36.12
CA GLU C 858 8.25 -20.63 -37.40
C GLU C 858 8.52 -21.96 -38.10
N SER C 859 9.76 -22.47 -38.07
CA SER C 859 10.08 -23.76 -38.69
C SER C 859 11.03 -24.62 -37.87
N PHE C 860 11.73 -24.07 -36.89
CA PHE C 860 12.59 -24.85 -36.01
C PHE C 860 11.77 -25.40 -34.85
N ARG C 861 12.06 -26.65 -34.49
CA ARG C 861 11.26 -27.33 -33.46
C ARG C 861 12.21 -28.15 -32.59
N GLU C 862 12.48 -27.64 -31.39
CA GLU C 862 13.25 -28.39 -30.39
C GLU C 862 12.27 -29.12 -29.47
N SER C 863 12.44 -30.44 -29.36
CA SER C 863 11.55 -31.28 -28.57
C SER C 863 12.38 -32.12 -27.62
N LYS C 864 12.09 -32.00 -26.33
CA LYS C 864 12.78 -32.76 -25.28
C LYS C 864 11.79 -33.57 -24.48
N LEU C 865 12.16 -34.80 -24.15
CA LEU C 865 11.30 -35.70 -23.40
C LEU C 865 12.09 -36.31 -22.25
N TYR C 866 11.42 -36.49 -21.11
CA TYR C 866 12.02 -37.06 -19.92
C TYR C 866 11.37 -38.40 -19.59
N ASP C 867 12.09 -39.20 -18.81
CA ASP C 867 11.61 -40.52 -18.42
C ASP C 867 10.85 -40.52 -17.09
N GLY C 868 10.91 -39.41 -16.35
CA GLY C 868 10.23 -39.28 -15.06
C GLY C 868 11.18 -38.99 -13.91
N VAL C 869 12.41 -39.48 -13.99
CA VAL C 869 13.39 -39.22 -12.93
C VAL C 869 13.96 -37.82 -13.02
N GLY C 870 13.91 -37.19 -14.20
CA GLY C 870 14.45 -35.85 -14.36
C GLY C 870 15.74 -35.82 -15.15
N ARG C 871 15.83 -36.67 -16.17
CA ARG C 871 17.03 -36.74 -17.01
C ARG C 871 16.61 -36.87 -18.47
N LEU C 872 17.29 -36.14 -19.33
CA LEU C 872 16.99 -36.19 -20.76
C LEU C 872 17.50 -37.50 -21.36
N VAL C 873 16.65 -38.14 -22.18
CA VAL C 873 17.00 -39.41 -22.79
C VAL C 873 16.90 -39.31 -24.31
N GLU C 874 16.06 -38.39 -24.79
CA GLU C 874 15.82 -38.23 -26.22
C GLU C 874 15.64 -36.76 -26.55
N GLN C 875 16.09 -36.40 -27.75
CA GLN C 875 16.00 -35.01 -28.20
C GLN C 875 15.78 -34.98 -29.71
N GLN C 876 14.85 -34.13 -30.15
CA GLN C 876 14.53 -34.00 -31.56
C GLN C 876 14.65 -32.54 -31.99
N TRP C 877 15.14 -32.33 -33.21
CA TRP C 877 15.29 -30.99 -33.78
C TRP C 877 14.51 -30.83 -35.08
N SER C 878 13.45 -31.62 -35.27
CA SER C 878 12.65 -31.60 -36.50
C SER C 878 13.53 -31.86 -37.72
N GLY C 879 14.17 -33.02 -37.73
CA GLY C 879 15.10 -33.39 -38.78
C GLY C 879 16.30 -34.14 -38.25
N ARG C 880 16.50 -34.08 -36.94
CA ARG C 880 17.59 -34.77 -36.27
C ARG C 880 17.04 -35.62 -35.13
N GLU C 881 17.91 -36.41 -34.53
CA GLU C 881 17.52 -37.31 -33.44
C GLU C 881 18.75 -37.62 -32.61
N LYS C 882 18.61 -37.48 -31.29
CA LYS C 882 19.68 -37.82 -30.36
C LYS C 882 19.11 -38.66 -29.22
N LYS C 883 19.78 -39.77 -28.91
CA LYS C 883 19.33 -40.67 -27.85
C LYS C 883 20.49 -40.97 -26.92
N TYR C 884 20.16 -41.19 -25.65
CA TYR C 884 21.14 -41.48 -24.62
C TYR C 884 20.69 -42.70 -23.82
N ILE C 885 21.57 -43.70 -23.73
CA ILE C 885 21.31 -44.92 -22.97
C ILE C 885 22.19 -44.90 -21.74
N TYR C 886 21.56 -44.97 -20.57
CA TYR C 886 22.26 -44.94 -19.30
C TYR C 886 22.67 -46.35 -18.86
N ASN C 887 23.53 -46.40 -17.85
CA ASN C 887 23.98 -47.66 -17.26
C ASN C 887 23.24 -47.89 -15.94
N ALA C 888 23.66 -48.93 -15.22
CA ALA C 888 23.02 -49.24 -13.94
C ALA C 888 23.43 -48.29 -12.83
N GLN C 889 24.51 -47.52 -13.02
CA GLN C 889 24.99 -46.59 -12.01
C GLN C 889 24.53 -45.16 -12.24
N ASN C 890 23.44 -44.98 -13.02
CA ASN C 890 22.88 -43.66 -13.29
C ASN C 890 23.91 -42.73 -13.94
N ARG C 891 24.50 -43.21 -15.03
CA ARG C 891 25.48 -42.44 -15.78
C ARG C 891 25.27 -42.66 -17.26
N ILE C 892 25.63 -41.65 -18.06
CA ILE C 892 25.49 -41.74 -19.50
C ILE C 892 26.47 -42.77 -20.04
N SER C 893 25.94 -43.87 -20.59
CA SER C 893 26.77 -44.96 -21.10
C SER C 893 26.96 -44.91 -22.60
N SER C 894 25.91 -44.62 -23.37
CA SER C 894 26.01 -44.59 -24.82
C SER C 894 25.21 -43.41 -25.36
N ILE C 895 25.74 -42.79 -26.42
CA ILE C 895 25.09 -41.66 -27.07
C ILE C 895 24.99 -41.97 -28.57
N LEU C 896 23.79 -41.87 -29.12
CA LEU C 896 23.53 -42.15 -30.52
C LEU C 896 22.94 -40.90 -31.17
N ASP C 897 23.69 -40.32 -32.10
CA ASP C 897 23.24 -39.19 -32.90
C ASP C 897 22.97 -39.67 -34.31
N ASN C 898 21.79 -39.31 -34.84
CA ASN C 898 21.35 -39.83 -36.13
C ASN C 898 22.27 -39.42 -37.28
N THR C 899 23.05 -38.36 -37.12
CA THR C 899 23.97 -37.92 -38.17
C THR C 899 25.29 -38.69 -38.06
N ALA C 900 25.18 -40.01 -38.24
CA ALA C 900 26.32 -40.93 -38.23
C ALA C 900 27.16 -40.75 -36.96
N GLY C 901 26.52 -40.97 -35.82
CA GLY C 901 27.22 -40.85 -34.55
C GLY C 901 26.86 -41.90 -33.54
N ALA C 902 27.85 -42.62 -33.02
CA ALA C 902 27.63 -43.64 -31.99
C ALA C 902 28.86 -43.69 -31.10
N THR C 903 28.73 -43.20 -29.87
CA THR C 903 29.85 -43.16 -28.95
C THR C 903 29.48 -43.84 -27.63
N HIS C 904 30.49 -44.39 -26.96
CA HIS C 904 30.30 -45.06 -25.68
C HIS C 904 31.29 -44.51 -24.67
N TYR C 905 30.92 -44.62 -23.39
CA TYR C 905 31.75 -44.12 -22.30
C TYR C 905 31.83 -45.17 -21.20
N GLN C 906 33.01 -45.26 -20.58
CA GLN C 906 33.22 -46.17 -19.45
C GLN C 906 33.99 -45.42 -18.38
N TYR C 907 33.41 -45.30 -17.19
CA TYR C 907 33.99 -44.57 -16.08
C TYR C 907 34.51 -45.54 -15.03
N ASP C 908 35.15 -44.97 -14.01
CA ASP C 908 35.68 -45.75 -12.90
C ASP C 908 34.63 -45.83 -11.79
N THR C 909 35.05 -46.30 -10.61
CA THR C 909 34.12 -46.45 -9.50
C THR C 909 33.66 -45.10 -8.94
N LEU C 910 34.43 -44.03 -9.17
CA LEU C 910 34.06 -42.71 -8.67
C LEU C 910 33.26 -41.90 -9.67
N GLY C 911 33.58 -42.01 -10.95
CA GLY C 911 32.86 -41.27 -11.97
C GLY C 911 33.76 -40.59 -12.98
N TYR C 912 35.07 -40.65 -12.74
CA TYR C 912 36.02 -40.04 -13.66
C TYR C 912 36.03 -40.77 -15.00
N VAL C 913 36.26 -40.01 -16.07
CA VAL C 913 36.27 -40.58 -17.41
C VAL C 913 37.49 -41.48 -17.56
N THR C 914 37.26 -42.73 -17.93
CA THR C 914 38.33 -43.71 -18.11
C THR C 914 38.52 -44.13 -19.55
N LYS C 915 37.44 -44.41 -20.29
CA LYS C 915 37.56 -44.84 -21.67
C LYS C 915 36.42 -44.25 -22.49
N VAL C 916 36.76 -43.75 -23.68
CA VAL C 916 35.78 -43.22 -24.63
C VAL C 916 35.92 -44.01 -25.93
N SER C 917 34.84 -44.66 -26.33
CA SER C 917 34.84 -45.53 -27.51
C SER C 917 34.10 -44.81 -28.64
N GLU C 918 34.87 -44.34 -29.63
CA GLU C 918 34.34 -43.73 -30.84
C GLU C 918 34.23 -44.84 -31.90
N ALA C 919 34.05 -44.46 -33.16
CA ALA C 919 33.98 -45.39 -34.29
C ALA C 919 35.33 -46.01 -34.64
N GLY C 920 36.35 -45.84 -33.79
CA GLY C 920 37.68 -46.35 -34.06
C GLY C 920 38.77 -45.46 -33.51
N SER C 921 38.39 -44.26 -33.05
CA SER C 921 39.31 -43.36 -32.37
C SER C 921 39.10 -43.47 -30.86
N THR C 922 39.63 -44.55 -30.31
CA THR C 922 39.47 -44.87 -28.90
C THR C 922 40.58 -44.23 -28.08
N SER C 923 40.23 -43.62 -26.96
CA SER C 923 41.17 -43.01 -26.04
C SER C 923 40.96 -43.57 -24.64
N THR C 924 42.02 -43.54 -23.85
CA THR C 924 41.99 -44.05 -22.47
C THR C 924 42.65 -43.04 -21.55
N PHE C 925 42.11 -42.93 -20.33
CA PHE C 925 42.63 -42.03 -19.32
C PHE C 925 42.82 -42.79 -18.01
N GLU C 926 43.41 -42.10 -17.03
CA GLU C 926 43.66 -42.70 -15.72
C GLU C 926 43.88 -41.59 -14.71
N SER C 927 43.30 -41.75 -13.53
CA SER C 927 43.43 -40.79 -12.45
C SER C 927 43.67 -41.53 -11.14
N ASP C 928 44.12 -40.79 -10.13
CA ASP C 928 44.41 -41.34 -8.81
C ASP C 928 43.22 -41.23 -7.85
N SER C 929 42.00 -41.17 -8.39
CA SER C 929 40.77 -41.08 -7.60
C SER C 929 40.74 -39.83 -6.73
N PHE C 930 41.44 -38.78 -7.15
CA PHE C 930 41.44 -37.51 -6.43
C PHE C 930 41.33 -36.29 -7.34
N GLY C 931 41.30 -36.47 -8.65
CA GLY C 931 41.21 -35.36 -9.57
C GLY C 931 42.48 -35.01 -10.31
N ASN C 932 43.50 -35.88 -10.27
CA ASN C 932 44.76 -35.63 -10.93
C ASN C 932 45.14 -36.82 -11.80
N PRO C 933 45.75 -36.58 -12.97
CA PRO C 933 46.18 -37.69 -13.82
C PRO C 933 47.28 -38.50 -13.14
N ALA C 934 47.19 -39.82 -13.28
CA ALA C 934 48.13 -40.76 -12.68
C ALA C 934 48.70 -41.69 -13.75
N LEU C 935 49.07 -41.12 -14.88
CA LEU C 935 49.65 -41.89 -15.98
C LEU C 935 51.15 -42.04 -15.76
N ALA C 936 51.85 -42.60 -16.75
CA ALA C 936 53.29 -42.80 -16.67
C ALA C 936 54.08 -41.59 -17.15
N ASP C 937 53.42 -40.54 -17.62
CA ASP C 937 54.08 -39.34 -18.12
C ASP C 937 53.64 -38.09 -17.36
N SER C 938 53.08 -38.25 -16.16
CA SER C 938 52.61 -37.14 -15.36
C SER C 938 53.51 -36.97 -14.13
N LYS C 939 53.37 -35.80 -13.50
CA LYS C 939 54.17 -35.49 -12.31
C LYS C 939 53.43 -34.44 -11.50
N VAL C 940 53.07 -34.77 -10.27
CA VAL C 940 52.37 -33.86 -9.36
C VAL C 940 53.20 -33.74 -8.09
N MET C 941 53.48 -32.50 -7.68
CA MET C 941 54.25 -32.28 -6.46
C MET C 941 53.37 -32.40 -5.23
N SER C 942 52.41 -31.48 -5.08
CA SER C 942 51.42 -31.58 -4.01
C SER C 942 50.01 -31.75 -4.56
N ASP C 943 49.53 -30.82 -5.39
CA ASP C 943 48.23 -30.96 -6.03
C ASP C 943 48.19 -30.46 -7.46
N ARG C 944 49.32 -30.02 -8.02
CA ARG C 944 49.37 -29.46 -9.37
C ARG C 944 50.26 -30.31 -10.25
N ILE C 945 49.81 -30.53 -11.49
CA ILE C 945 50.57 -31.31 -12.45
C ILE C 945 51.77 -30.51 -12.93
N GLU C 946 52.82 -31.21 -13.34
CA GLU C 946 54.03 -30.59 -13.84
C GLU C 946 54.39 -31.00 -15.26
N ALA C 947 53.78 -32.06 -15.79
CA ALA C 947 54.08 -32.52 -17.15
C ALA C 947 52.90 -33.33 -17.65
N TYR C 948 52.44 -33.02 -18.86
CA TYR C 948 51.31 -33.73 -19.46
C TYR C 948 51.38 -33.58 -20.96
N ALA C 949 51.44 -34.70 -21.68
CA ALA C 949 51.49 -34.71 -23.14
C ALA C 949 52.67 -33.90 -23.66
N GLY C 950 53.82 -34.02 -22.98
CA GLY C 950 55.01 -33.31 -23.39
C GLY C 950 54.96 -31.82 -23.21
N VAL C 951 54.13 -31.32 -22.30
CA VAL C 951 54.00 -29.89 -22.02
C VAL C 951 54.41 -29.65 -20.58
N ARG C 952 55.23 -28.62 -20.36
CA ARG C 952 55.72 -28.26 -19.04
C ARG C 952 55.04 -27.00 -18.56
N TYR C 953 54.72 -26.97 -17.27
CA TYR C 953 54.06 -25.82 -16.64
C TYR C 953 54.90 -25.33 -15.48
N LYS C 954 54.97 -24.00 -15.33
CA LYS C 954 55.74 -23.36 -14.27
C LYS C 954 54.82 -22.41 -13.51
N TYR C 955 54.61 -22.70 -12.23
CA TYR C 955 53.74 -21.94 -11.36
C TYR C 955 54.53 -20.93 -10.54
N ASP C 956 53.82 -19.97 -9.98
CA ASP C 956 54.40 -18.97 -9.11
C ASP C 956 54.12 -19.32 -7.65
N GLN C 957 54.47 -18.41 -6.74
CA GLN C 957 54.24 -18.63 -5.32
C GLN C 957 52.75 -18.58 -4.97
N GLN C 958 51.94 -17.88 -5.78
CA GLN C 958 50.52 -17.76 -5.47
C GLN C 958 49.81 -19.11 -5.61
N GLY C 959 49.99 -19.78 -6.75
CA GLY C 959 49.35 -21.07 -6.96
C GLY C 959 48.88 -21.28 -8.38
N ASN C 960 48.91 -20.23 -9.20
CA ASN C 960 48.51 -20.31 -10.60
C ASN C 960 49.73 -20.38 -11.50
N GLN C 961 49.59 -21.11 -12.60
CA GLN C 961 50.70 -21.28 -13.52
C GLN C 961 50.95 -20.00 -14.30
N VAL C 962 52.24 -19.65 -14.45
CA VAL C 962 52.62 -18.44 -15.14
C VAL C 962 53.36 -18.72 -16.45
N LYS C 963 54.03 -19.88 -16.57
CA LYS C 963 54.77 -20.21 -17.78
C LYS C 963 54.30 -21.54 -18.33
N ARG C 964 54.27 -21.66 -19.65
CA ARG C 964 53.86 -22.89 -20.32
C ARG C 964 54.78 -23.13 -21.51
N GLU C 965 55.53 -24.23 -21.46
CA GLU C 965 56.44 -24.61 -22.54
C GLU C 965 55.89 -25.86 -23.23
N GLY C 966 55.44 -25.68 -24.46
CA GLY C 966 54.87 -26.76 -25.24
C GLY C 966 55.84 -27.31 -26.26
N ASP C 967 55.34 -27.67 -27.43
CA ASP C 967 56.16 -28.22 -28.51
C ASP C 967 56.64 -27.10 -29.44
N GLY C 968 57.47 -26.23 -28.86
CA GLY C 968 58.02 -25.10 -29.59
C GLY C 968 57.26 -23.80 -29.45
N THR C 969 56.41 -23.66 -28.44
CA THR C 969 55.64 -22.45 -28.22
C THR C 969 55.67 -22.11 -26.73
N VAL C 970 56.45 -21.11 -26.36
CA VAL C 970 56.57 -20.67 -24.98
C VAL C 970 55.54 -19.56 -24.73
N GLN C 971 54.80 -19.69 -23.64
CA GLN C 971 53.77 -18.73 -23.28
C GLN C 971 53.97 -18.27 -21.84
N LYS C 972 53.76 -16.97 -21.60
CA LYS C 972 53.95 -16.39 -20.27
C LYS C 972 52.77 -15.47 -19.98
N ARG C 973 52.10 -15.72 -18.86
CA ARG C 973 50.95 -14.94 -18.44
C ARG C 973 51.27 -14.12 -17.20
N VAL C 974 50.52 -13.04 -17.01
CA VAL C 974 50.66 -12.18 -15.85
C VAL C 974 49.33 -12.09 -15.13
N PHE C 975 49.36 -12.21 -13.81
CA PHE C 975 48.16 -12.16 -12.98
C PHE C 975 48.17 -10.89 -12.13
N ASP C 976 46.98 -10.40 -11.82
CA ASP C 976 46.82 -9.21 -10.99
C ASP C 976 46.74 -9.63 -9.52
N ALA C 977 46.46 -8.65 -8.65
CA ALA C 977 46.35 -8.94 -7.23
C ALA C 977 45.09 -9.73 -6.90
N LEU C 978 44.11 -9.75 -7.79
CA LEU C 978 42.86 -10.49 -7.58
C LEU C 978 42.84 -11.83 -8.30
N SER C 979 44.02 -12.36 -8.65
CA SER C 979 44.15 -13.64 -9.35
C SER C 979 43.37 -13.63 -10.66
N GLN C 980 43.64 -12.63 -11.49
CA GLN C 980 42.99 -12.48 -12.78
C GLN C 980 44.02 -12.14 -13.85
N LEU C 981 43.82 -12.67 -15.04
CA LEU C 981 44.75 -12.44 -16.14
C LEU C 981 44.67 -10.99 -16.62
N VAL C 982 45.84 -10.39 -16.86
CA VAL C 982 45.88 -9.01 -17.33
C VAL C 982 46.57 -8.94 -18.68
N GLU C 983 47.49 -9.86 -18.94
CA GLU C 983 48.21 -9.87 -20.21
C GLU C 983 48.98 -11.18 -20.36
N VAL C 984 48.96 -11.72 -21.58
CA VAL C 984 49.70 -12.93 -21.92
C VAL C 984 50.53 -12.63 -23.17
N HIS C 985 51.69 -13.26 -23.25
CA HIS C 985 52.60 -13.04 -24.37
C HIS C 985 53.48 -14.27 -24.53
N GLY C 986 54.51 -14.15 -25.36
CA GLY C 986 55.43 -15.23 -25.65
C GLY C 986 55.21 -15.90 -26.98
N ASP C 987 53.97 -15.92 -27.47
CA ASP C 987 53.62 -16.54 -28.75
C ASP C 987 53.46 -15.50 -29.85
N SER C 988 54.25 -14.42 -29.80
CA SER C 988 54.20 -13.34 -30.79
C SER C 988 52.80 -12.72 -30.86
N SER C 989 52.17 -12.55 -29.70
CA SER C 989 50.84 -11.95 -29.61
C SER C 989 50.70 -11.28 -28.25
N ILE C 990 50.25 -10.03 -28.27
CA ILE C 990 50.05 -9.25 -27.05
C ILE C 990 48.64 -8.68 -27.08
N SER C 991 47.85 -8.98 -26.05
CA SER C 991 46.48 -8.51 -25.94
C SER C 991 46.23 -8.01 -24.53
N HIS C 992 45.15 -7.24 -24.38
CA HIS C 992 44.77 -6.66 -23.10
C HIS C 992 43.30 -6.95 -22.82
N TYR C 993 43.00 -7.30 -21.58
CA TYR C 993 41.64 -7.60 -21.13
C TYR C 993 41.27 -6.62 -20.03
N GLU C 994 40.32 -5.73 -20.31
CA GLU C 994 39.87 -4.75 -19.33
C GLU C 994 38.70 -5.32 -18.55
N TYR C 995 38.75 -5.17 -17.22
CA TYR C 995 37.74 -5.68 -16.32
C TYR C 995 36.92 -4.51 -15.74
N ASP C 996 36.00 -4.85 -14.85
CA ASP C 996 35.15 -3.85 -14.21
C ASP C 996 35.19 -3.99 -12.70
N ALA C 997 34.31 -3.27 -12.00
CA ALA C 997 34.28 -3.35 -10.54
C ALA C 997 33.81 -4.71 -10.06
N LEU C 998 32.90 -5.35 -10.81
CA LEU C 998 32.40 -6.66 -10.41
C LEU C 998 33.42 -7.76 -10.67
N GLY C 999 34.08 -7.71 -11.83
CA GLY C 999 35.08 -8.70 -12.18
C GLY C 999 34.82 -9.39 -13.51
N ARG C 1000 34.00 -8.77 -14.35
CA ARG C 1000 33.66 -9.31 -15.65
C ARG C 1000 34.50 -8.65 -16.74
N ARG C 1001 34.80 -9.42 -17.78
CA ARG C 1001 35.56 -8.91 -18.90
C ARG C 1001 34.63 -8.17 -19.86
N THR C 1002 35.02 -6.95 -20.24
CA THR C 1002 34.20 -6.12 -21.10
C THR C 1002 34.92 -5.58 -22.33
N LYS C 1003 36.25 -5.50 -22.30
CA LYS C 1003 36.99 -4.91 -23.41
C LYS C 1003 38.19 -5.79 -23.73
N LYS C 1004 38.34 -6.15 -25.01
CA LYS C 1004 39.45 -6.95 -25.49
C LYS C 1004 40.20 -6.16 -26.55
N ILE C 1005 41.50 -5.97 -26.32
CA ILE C 1005 42.39 -5.26 -27.23
C ILE C 1005 43.40 -6.27 -27.75
N THR C 1006 43.13 -6.82 -28.93
CA THR C 1006 44.01 -7.81 -29.56
C THR C 1006 44.55 -7.23 -30.87
N GLN C 1007 45.31 -8.07 -31.59
CA GLN C 1007 45.89 -7.65 -32.86
C GLN C 1007 44.83 -7.46 -33.94
N ASN C 1008 43.67 -8.11 -33.80
CA ASN C 1008 42.62 -7.95 -34.79
C ASN C 1008 41.95 -6.59 -34.67
N GLY C 1009 41.52 -6.23 -33.47
CA GLY C 1009 40.88 -4.95 -33.26
C GLY C 1009 40.43 -4.72 -31.82
N ILE C 1010 39.24 -4.16 -31.65
CA ILE C 1010 38.68 -3.87 -30.34
C ILE C 1010 37.35 -4.62 -30.23
N THR C 1011 37.19 -5.38 -29.15
CA THR C 1011 35.97 -6.14 -28.90
C THR C 1011 35.32 -5.63 -27.62
N GLU C 1012 34.03 -5.28 -27.71
CA GLU C 1012 33.28 -4.78 -26.56
C GLU C 1012 32.19 -5.77 -26.20
N PHE C 1013 31.94 -5.92 -24.90
CA PHE C 1013 30.94 -6.83 -24.37
C PHE C 1013 29.91 -6.06 -23.56
N LEU C 1014 28.66 -6.51 -23.64
CA LEU C 1014 27.56 -5.96 -22.85
C LEU C 1014 26.88 -7.10 -22.12
N TRP C 1015 26.97 -7.09 -20.79
CA TRP C 1015 26.44 -8.15 -19.95
C TRP C 1015 25.11 -7.75 -19.34
N GLU C 1016 24.36 -8.76 -18.89
CA GLU C 1016 23.08 -8.57 -18.20
C GLU C 1016 23.15 -9.37 -16.91
N GLY C 1017 23.67 -8.77 -15.86
CA GLY C 1017 23.84 -9.46 -14.60
C GLY C 1017 25.13 -10.25 -14.54
N GLU C 1018 25.03 -11.57 -14.75
CA GLU C 1018 26.19 -12.44 -14.81
C GLU C 1018 26.18 -13.27 -16.08
N ARG C 1019 25.58 -12.74 -17.14
CA ARG C 1019 25.46 -13.46 -18.41
C ARG C 1019 25.75 -12.49 -19.55
N LEU C 1020 26.44 -12.99 -20.58
CA LEU C 1020 26.78 -12.18 -21.74
C LEU C 1020 25.55 -11.95 -22.60
N LEU C 1021 25.21 -10.68 -22.85
CA LEU C 1021 24.03 -10.35 -23.62
C LEU C 1021 24.35 -9.96 -25.06
N GLY C 1022 25.41 -9.17 -25.26
CA GLY C 1022 25.74 -8.70 -26.60
C GLY C 1022 27.22 -8.48 -26.78
N GLU C 1023 27.64 -8.49 -28.05
CA GLU C 1023 29.04 -8.31 -28.42
C GLU C 1023 29.11 -7.32 -29.57
N ARG C 1024 30.23 -6.59 -29.62
CA ARG C 1024 30.48 -5.62 -30.69
C ARG C 1024 31.92 -5.77 -31.14
N THR C 1025 32.13 -6.12 -32.41
CA THR C 1025 33.45 -6.30 -32.98
C THR C 1025 33.70 -5.35 -34.14
N ALA C 1026 33.15 -4.13 -34.05
CA ALA C 1026 33.30 -3.07 -35.06
C ALA C 1026 32.72 -3.46 -36.40
N ASP C 1027 31.86 -4.48 -36.45
CA ASP C 1027 31.19 -4.86 -37.68
C ASP C 1027 29.70 -5.16 -37.45
N GLY C 1028 29.11 -4.66 -36.37
CA GLY C 1028 27.70 -4.91 -36.12
C GLY C 1028 27.49 -5.60 -34.78
N PHE C 1029 26.51 -5.12 -34.04
CA PHE C 1029 26.19 -5.69 -32.74
C PHE C 1029 25.55 -7.07 -32.91
N ARG C 1030 26.00 -8.03 -32.11
CA ARG C 1030 25.47 -9.39 -32.12
C ARG C 1030 24.93 -9.70 -30.74
N TRP C 1031 23.61 -9.92 -30.64
CA TRP C 1031 22.97 -10.20 -29.37
C TRP C 1031 22.63 -11.68 -29.26
N TYR C 1032 22.64 -12.19 -28.03
CA TYR C 1032 22.37 -13.60 -27.76
C TYR C 1032 21.15 -13.73 -26.87
N LEU C 1033 20.25 -14.63 -27.24
CA LEU C 1033 19.06 -14.94 -26.46
C LEU C 1033 19.14 -16.39 -25.98
N TYR C 1034 19.08 -16.58 -24.67
CA TYR C 1034 19.22 -17.88 -24.04
C TYR C 1034 17.85 -18.41 -23.65
N GLN C 1035 17.84 -19.53 -22.92
CA GLN C 1035 16.61 -20.09 -22.38
C GLN C 1035 16.02 -19.14 -21.35
N PRO C 1036 14.75 -19.35 -20.95
CA PRO C 1036 14.13 -18.46 -19.96
C PRO C 1036 14.95 -18.25 -18.68
N GLU C 1037 15.38 -19.32 -18.02
CA GLU C 1037 16.08 -19.20 -16.74
C GLU C 1037 17.28 -20.12 -16.66
N THR C 1038 17.88 -20.48 -17.79
CA THR C 1038 19.09 -21.29 -17.81
C THR C 1038 20.18 -20.54 -18.58
N TYR C 1039 21.31 -21.21 -18.78
CA TYR C 1039 22.44 -20.65 -19.51
C TYR C 1039 22.60 -21.25 -20.91
N ILE C 1040 21.70 -22.13 -21.30
CA ILE C 1040 21.80 -22.76 -22.63
C ILE C 1040 21.47 -21.74 -23.71
N PRO C 1041 22.33 -21.55 -24.71
CA PRO C 1041 22.02 -20.58 -25.77
C PRO C 1041 20.92 -21.09 -26.69
N LEU C 1042 20.09 -20.17 -27.15
CA LEU C 1042 18.99 -20.49 -28.05
C LEU C 1042 19.12 -19.83 -29.41
N ALA C 1043 19.32 -18.52 -29.46
CA ALA C 1043 19.32 -17.80 -30.73
C ALA C 1043 20.31 -16.65 -30.66
N VAL C 1044 20.63 -16.12 -31.84
CA VAL C 1044 21.55 -14.99 -31.97
C VAL C 1044 21.01 -14.06 -33.05
N LEU C 1045 20.93 -12.77 -32.73
CA LEU C 1045 20.49 -11.74 -33.67
C LEU C 1045 21.71 -10.93 -34.10
N GLU C 1046 21.95 -10.89 -35.41
CA GLU C 1046 23.06 -10.13 -35.96
C GLU C 1046 22.84 -9.92 -37.45
N ASN C 1047 23.36 -8.80 -37.96
CA ASN C 1047 23.25 -8.44 -39.38
C ASN C 1047 21.78 -8.42 -39.82
N GLY C 1048 20.92 -7.93 -38.93
CA GLY C 1048 19.48 -7.90 -39.22
C GLY C 1048 18.89 -9.26 -39.49
N SER C 1049 19.45 -10.31 -38.92
CA SER C 1049 18.98 -11.68 -39.15
C SER C 1049 19.05 -12.46 -37.85
N ILE C 1050 18.35 -13.59 -37.83
CA ILE C 1050 18.24 -14.45 -36.66
C ILE C 1050 18.82 -15.82 -37.00
N TYR C 1051 19.56 -16.40 -36.07
CA TYR C 1051 20.14 -17.72 -36.26
C TYR C 1051 19.90 -18.55 -34.99
N LEU C 1052 19.46 -19.80 -35.18
CA LEU C 1052 19.10 -20.66 -34.06
C LEU C 1052 20.19 -21.69 -33.80
N TYR C 1053 20.26 -22.14 -32.54
CA TYR C 1053 21.25 -23.12 -32.11
C TYR C 1053 20.60 -24.48 -31.92
N GLU C 1054 21.46 -25.50 -31.83
CA GLU C 1054 21.05 -26.88 -31.55
C GLU C 1054 21.97 -27.41 -30.45
N CYS C 1055 21.57 -27.25 -29.20
CA CYS C 1055 22.35 -27.66 -28.05
C CYS C 1055 21.80 -28.96 -27.46
N ASP C 1056 22.69 -29.76 -26.90
CA ASP C 1056 22.33 -31.04 -26.30
C ASP C 1056 22.00 -30.85 -24.82
N GLN C 1057 21.90 -31.97 -24.10
CA GLN C 1057 21.52 -31.92 -22.68
C GLN C 1057 22.56 -31.21 -21.83
N VAL C 1058 23.81 -31.12 -22.28
CA VAL C 1058 24.84 -30.44 -21.50
C VAL C 1058 24.64 -28.92 -21.58
N GLY C 1059 24.39 -28.41 -22.78
CA GLY C 1059 24.20 -26.98 -22.96
C GLY C 1059 25.23 -26.36 -23.89
N LYS C 1060 26.01 -27.22 -24.56
CA LYS C 1060 27.05 -26.74 -25.45
C LYS C 1060 26.52 -26.67 -26.87
N PRO C 1061 26.75 -25.57 -27.59
CA PRO C 1061 26.27 -25.48 -28.98
C PRO C 1061 27.15 -26.27 -29.93
N GLU C 1062 26.51 -27.00 -30.83
CA GLU C 1062 27.21 -27.77 -31.85
C GLU C 1062 26.72 -27.52 -33.27
N ARG C 1063 25.52 -26.98 -33.44
CA ARG C 1063 24.99 -26.66 -34.76
C ARG C 1063 24.29 -25.31 -34.71
N LEU C 1064 24.48 -24.52 -35.76
CA LEU C 1064 23.85 -23.20 -35.88
C LEU C 1064 23.23 -23.12 -37.27
N LYS C 1065 21.92 -22.91 -37.31
CA LYS C 1065 21.18 -22.85 -38.56
C LYS C 1065 20.51 -21.48 -38.72
N ASP C 1066 20.07 -21.20 -39.94
CA ASP C 1066 19.41 -19.95 -40.29
C ASP C 1066 17.91 -20.17 -40.43
N SER C 1067 17.20 -19.11 -40.84
CA SER C 1067 15.76 -19.19 -40.99
C SER C 1067 15.37 -19.99 -42.22
N ALA C 1068 16.23 -20.03 -43.23
CA ALA C 1068 15.92 -20.77 -44.45
C ALA C 1068 15.91 -22.28 -44.20
N GLY C 1069 16.80 -22.76 -43.35
CA GLY C 1069 16.88 -24.16 -43.01
C GLY C 1069 18.14 -24.89 -43.47
N ASN C 1070 19.20 -24.16 -43.79
CA ASN C 1070 20.46 -24.76 -44.23
C ASN C 1070 21.48 -24.76 -43.11
N ILE C 1071 22.48 -25.62 -43.26
CA ILE C 1071 23.55 -25.73 -42.26
C ILE C 1071 24.48 -24.51 -42.41
N VAL C 1072 24.58 -23.72 -41.35
CA VAL C 1072 25.41 -22.53 -41.37
C VAL C 1072 26.70 -22.71 -40.56
N TRP C 1073 26.64 -23.36 -39.40
CA TRP C 1073 27.84 -23.56 -38.59
C TRP C 1073 27.77 -24.93 -37.92
N SER C 1074 28.87 -25.66 -37.96
CA SER C 1074 28.94 -26.99 -37.39
C SER C 1074 30.27 -27.18 -36.66
N ALA C 1075 30.24 -27.99 -35.60
CA ALA C 1075 31.43 -28.29 -34.82
C ALA C 1075 31.24 -29.62 -34.12
N SER C 1076 32.29 -30.07 -33.43
CA SER C 1076 32.25 -31.34 -32.72
C SER C 1076 33.29 -31.32 -31.61
N TYR C 1077 32.85 -31.47 -30.37
CA TYR C 1077 33.73 -31.55 -29.22
C TYR C 1077 33.98 -33.02 -28.90
N ASP C 1078 35.27 -33.40 -28.85
CA ASP C 1078 35.59 -34.82 -28.73
C ASP C 1078 35.51 -35.33 -27.30
N VAL C 1079 36.37 -34.83 -26.42
CA VAL C 1079 36.42 -35.32 -25.04
C VAL C 1079 36.36 -34.18 -24.05
N HIS C 1080 36.78 -32.99 -24.47
CA HIS C 1080 36.90 -31.86 -23.55
C HIS C 1080 36.38 -30.54 -24.09
N GLY C 1081 36.12 -30.42 -25.39
CA GLY C 1081 35.61 -29.19 -25.97
C GLY C 1081 36.48 -28.58 -27.05
N PHE C 1082 37.54 -29.25 -27.50
CA PHE C 1082 38.36 -28.71 -28.57
C PHE C 1082 37.58 -28.74 -29.88
N ALA C 1083 37.43 -27.57 -30.50
CA ALA C 1083 36.61 -27.46 -31.70
C ALA C 1083 37.31 -28.07 -32.91
N SER C 1084 36.51 -28.67 -33.78
CA SER C 1084 36.97 -29.24 -35.04
C SER C 1084 36.12 -28.69 -36.19
N ILE C 1085 35.97 -27.36 -36.19
CA ILE C 1085 35.07 -26.70 -37.14
C ILE C 1085 35.57 -26.92 -38.55
N ASP C 1086 34.71 -27.45 -39.42
CA ASP C 1086 35.00 -27.64 -40.83
C ASP C 1086 34.24 -26.68 -41.74
N VAL C 1087 33.07 -26.20 -41.31
CA VAL C 1087 32.31 -25.21 -42.04
C VAL C 1087 31.91 -24.11 -41.05
N GLU C 1088 32.24 -22.86 -41.39
CA GLU C 1088 31.97 -21.75 -40.49
C GLU C 1088 31.77 -20.49 -41.33
N GLU C 1089 30.53 -20.00 -41.40
CA GLU C 1089 30.22 -18.75 -42.07
C GLU C 1089 30.12 -17.59 -41.09
N VAL C 1090 29.54 -17.80 -39.91
CA VAL C 1090 29.46 -16.81 -38.86
C VAL C 1090 30.20 -17.34 -37.65
N ARG C 1091 31.02 -16.48 -37.05
CA ARG C 1091 31.80 -16.88 -35.88
C ARG C 1091 30.89 -17.11 -34.68
N ASN C 1092 31.04 -18.26 -34.04
CA ASN C 1092 30.25 -18.65 -32.87
C ASN C 1092 31.19 -18.93 -31.72
N PRO C 1093 31.51 -17.93 -30.89
CA PRO C 1093 32.42 -18.14 -29.77
C PRO C 1093 31.79 -18.79 -28.55
N LEU C 1094 30.53 -19.25 -28.64
CA LEU C 1094 29.87 -19.86 -27.50
C LEU C 1094 30.46 -21.23 -27.21
N ARG C 1095 30.39 -21.63 -25.95
CA ARG C 1095 31.03 -22.86 -25.48
C ARG C 1095 30.08 -23.54 -24.50
N PHE C 1096 30.62 -24.46 -23.69
CA PHE C 1096 29.85 -25.30 -22.78
C PHE C 1096 28.76 -24.53 -22.02
N GLN C 1097 29.17 -23.55 -21.22
CA GLN C 1097 28.22 -22.78 -20.41
C GLN C 1097 28.81 -21.40 -20.17
N GLY C 1098 28.36 -20.42 -20.94
CA GLY C 1098 28.78 -19.04 -20.76
C GLY C 1098 30.27 -18.81 -20.89
N GLN C 1099 30.92 -19.52 -21.80
CA GLN C 1099 32.35 -19.38 -22.04
C GLN C 1099 32.60 -18.78 -23.41
N TYR C 1100 33.65 -17.97 -23.51
CA TYR C 1100 34.06 -17.33 -24.75
C TYR C 1100 35.35 -17.96 -25.24
N PHE C 1101 35.35 -18.38 -26.50
CA PHE C 1101 36.52 -19.02 -27.09
C PHE C 1101 37.48 -17.95 -27.60
N ASP C 1102 38.72 -17.99 -27.11
CA ASP C 1102 39.75 -17.05 -27.52
C ASP C 1102 40.53 -17.61 -28.70
N GLN C 1103 40.70 -16.80 -29.75
CA GLN C 1103 41.40 -17.24 -30.93
C GLN C 1103 42.91 -17.22 -30.77
N GLU C 1104 43.42 -16.51 -29.76
CA GLU C 1104 44.86 -16.39 -29.54
C GLU C 1104 45.40 -17.39 -28.53
N THR C 1105 44.67 -17.65 -27.45
CA THR C 1105 45.12 -18.55 -26.40
C THR C 1105 44.38 -19.88 -26.35
N ASN C 1106 43.22 -19.98 -27.01
CA ASN C 1106 42.41 -21.21 -27.03
C ASN C 1106 42.06 -21.64 -25.60
N LEU C 1107 41.42 -20.73 -24.88
CA LEU C 1107 40.99 -20.97 -23.51
C LEU C 1107 39.56 -20.48 -23.34
N HIS C 1108 38.86 -21.07 -22.37
CA HIS C 1108 37.49 -20.69 -22.05
C HIS C 1108 37.46 -19.85 -20.79
N TYR C 1109 36.42 -19.03 -20.67
CA TYR C 1109 36.30 -18.10 -19.54
C TYR C 1109 34.82 -17.99 -19.18
N ASN C 1110 34.44 -18.53 -18.03
CA ASN C 1110 33.02 -18.49 -17.64
C ASN C 1110 32.65 -17.15 -17.03
N LEU C 1111 33.17 -16.85 -15.83
CA LEU C 1111 33.06 -15.51 -15.28
C LEU C 1111 34.30 -15.01 -14.57
N ALA C 1112 35.15 -15.87 -14.03
CA ALA C 1112 36.32 -15.42 -13.28
C ALA C 1112 37.61 -16.11 -13.68
N ARG C 1113 37.56 -17.41 -13.99
CA ARG C 1113 38.75 -18.21 -14.19
C ARG C 1113 38.92 -18.53 -15.67
N TYR C 1114 40.02 -19.21 -15.98
CA TYR C 1114 40.37 -19.59 -17.35
C TYR C 1114 40.53 -21.11 -17.41
N TYR C 1115 39.65 -21.76 -18.16
CA TYR C 1115 39.67 -23.21 -18.33
C TYR C 1115 40.44 -23.57 -19.60
N ASP C 1116 41.24 -24.63 -19.50
CA ASP C 1116 42.06 -25.08 -20.62
C ASP C 1116 41.39 -26.27 -21.28
N PRO C 1117 40.87 -26.13 -22.50
CA PRO C 1117 40.20 -27.28 -23.14
C PRO C 1117 41.17 -28.37 -23.56
N LYS C 1118 42.43 -28.03 -23.83
CA LYS C 1118 43.40 -29.05 -24.21
C LYS C 1118 43.93 -29.84 -23.02
N LEU C 1119 43.85 -29.28 -21.81
CA LEU C 1119 44.33 -29.97 -20.62
C LEU C 1119 43.19 -30.73 -19.92
N GLY C 1120 42.13 -30.01 -19.55
CA GLY C 1120 40.99 -30.63 -18.90
C GLY C 1120 40.67 -30.05 -17.54
N ARG C 1121 41.37 -28.99 -17.16
CA ARG C 1121 41.15 -28.34 -15.88
C ARG C 1121 41.55 -26.88 -15.98
N PHE C 1122 41.20 -26.12 -14.94
CA PHE C 1122 41.52 -24.70 -14.91
C PHE C 1122 43.02 -24.48 -14.74
N ILE C 1123 43.46 -23.26 -15.03
CA ILE C 1123 44.86 -22.89 -14.91
C ILE C 1123 45.13 -22.06 -13.67
N GLN C 1124 44.12 -21.81 -12.83
CA GLN C 1124 44.29 -21.03 -11.62
C GLN C 1124 43.31 -21.54 -10.57
N GLN C 1125 43.52 -21.10 -9.33
CA GLN C 1125 42.70 -21.52 -8.21
C GLN C 1125 41.51 -20.59 -8.01
N ASP C 1126 40.48 -21.12 -7.37
CA ASP C 1126 39.28 -20.38 -7.05
C ASP C 1126 39.42 -19.69 -5.69
N PRO C 1127 38.68 -18.59 -5.47
CA PRO C 1127 38.79 -17.91 -4.17
C PRO C 1127 38.35 -18.77 -3.00
N ILE C 1128 37.44 -19.71 -3.22
CA ILE C 1128 37.02 -20.61 -2.15
C ILE C 1128 38.14 -21.62 -1.89
N SER C 1129 38.58 -21.71 -0.63
CA SER C 1129 39.71 -22.56 -0.29
C SER C 1129 39.30 -24.03 -0.17
N ILE C 1130 38.41 -24.33 0.77
CA ILE C 1130 38.02 -25.71 1.05
C ILE C 1130 36.52 -25.93 0.96
N ALA C 1131 35.71 -24.88 0.95
CA ALA C 1131 34.25 -25.02 0.90
C ALA C 1131 33.72 -25.21 -0.52
N GLY C 1132 34.58 -25.56 -1.47
CA GLY C 1132 34.15 -25.77 -2.84
C GLY C 1132 34.63 -27.07 -3.44
N GLY C 1133 35.47 -27.78 -2.72
CA GLY C 1133 35.99 -29.05 -3.18
C GLY C 1133 37.36 -29.32 -2.62
N ILE C 1134 37.80 -30.57 -2.78
CA ILE C 1134 39.12 -30.98 -2.29
C ILE C 1134 40.21 -30.45 -3.21
N ASN C 1135 40.05 -30.62 -4.51
CA ASN C 1135 41.02 -30.16 -5.49
C ASN C 1135 40.67 -28.74 -5.93
N HIS C 1136 41.65 -27.84 -5.84
CA HIS C 1136 41.44 -26.44 -6.20
C HIS C 1136 41.49 -26.20 -7.70
N TYR C 1137 41.86 -27.21 -8.50
CA TYR C 1137 41.94 -27.09 -9.95
C TYR C 1137 40.94 -27.94 -10.70
N GLN C 1138 40.20 -28.81 -10.02
CA GLN C 1138 39.25 -29.68 -10.70
C GLN C 1138 38.03 -28.89 -11.15
N TYR C 1139 37.61 -29.13 -12.39
CA TYR C 1139 36.43 -28.49 -12.94
C TYR C 1139 35.16 -29.29 -12.65
N ALA C 1140 35.19 -30.59 -12.92
CA ALA C 1140 34.06 -31.47 -12.65
C ALA C 1140 34.56 -32.91 -12.65
N VAL C 1141 33.71 -33.80 -12.13
CA VAL C 1141 34.06 -35.22 -12.13
C VAL C 1141 34.12 -35.75 -13.55
N ASN C 1142 33.10 -35.46 -14.35
CA ASN C 1142 33.05 -35.85 -15.75
C ASN C 1142 32.24 -34.80 -16.48
N PRO C 1143 32.76 -34.23 -17.58
CA PRO C 1143 32.05 -33.18 -18.32
C PRO C 1143 30.99 -33.71 -19.30
N ILE C 1144 30.20 -34.66 -18.83
CA ILE C 1144 29.12 -35.22 -19.64
C ILE C 1144 27.81 -35.03 -18.89
N GLN C 1145 27.88 -34.97 -17.56
CA GLN C 1145 26.69 -34.82 -16.72
C GLN C 1145 26.87 -33.74 -15.65
N TRP C 1146 27.91 -32.91 -15.74
CA TRP C 1146 28.18 -31.90 -14.74
C TRP C 1146 28.49 -30.58 -15.42
N ILE C 1147 27.97 -29.49 -14.85
CA ILE C 1147 28.20 -28.14 -15.36
C ILE C 1147 28.69 -27.27 -14.22
N ASP C 1148 29.41 -26.21 -14.57
CA ASP C 1148 29.96 -25.27 -13.60
C ASP C 1148 30.03 -23.88 -14.22
N PRO C 1149 28.90 -23.19 -14.30
CA PRO C 1149 28.90 -21.82 -14.84
C PRO C 1149 29.31 -20.80 -13.78
N THR C 1150 29.48 -19.57 -14.24
CA THR C 1150 29.88 -18.45 -13.37
C THR C 1150 31.16 -18.76 -12.61
N GLY C 1151 32.11 -19.40 -13.30
CA GLY C 1151 33.38 -19.74 -12.69
C GLY C 1151 33.26 -20.71 -11.54
N PHE C 1152 33.57 -20.24 -10.33
CA PHE C 1152 33.50 -21.08 -9.14
C PHE C 1152 32.06 -21.22 -8.66
N CYS D 2 29.84 -23.86 20.78
CA CYS D 2 29.63 -25.21 21.27
C CYS D 2 28.30 -25.78 20.78
N GLU D 3 28.26 -27.09 20.58
CA GLU D 3 27.05 -27.76 20.12
C GLU D 3 27.04 -29.19 20.65
N GLU D 4 25.85 -29.63 21.10
CA GLU D 4 25.69 -30.98 21.60
C GLU D 4 24.44 -31.68 21.11
N GLY D 5 23.63 -31.03 20.26
CA GLY D 5 22.42 -31.66 19.78
C GLY D 5 22.69 -32.79 18.82
N LEU D 6 21.74 -33.72 18.74
CA LEU D 6 21.87 -34.86 17.85
C LEU D 6 21.71 -34.42 16.40
N LYS D 7 22.42 -35.13 15.51
CA LYS D 7 22.40 -34.85 14.08
C LYS D 7 21.47 -35.86 13.41
N ARG D 8 20.30 -35.41 12.99
CA ARG D 8 19.31 -36.28 12.36
C ARG D 8 19.68 -36.51 10.90
N LEU D 9 18.80 -37.20 10.17
CA LEU D 9 19.08 -37.49 8.77
C LEU D 9 18.92 -36.25 7.89
N GLN D 10 18.07 -35.30 8.30
CA GLN D 10 17.88 -34.09 7.51
C GLN D 10 19.13 -33.23 7.49
N GLN D 11 19.96 -33.31 8.53
CA GLN D 11 21.22 -32.58 8.56
C GLN D 11 22.34 -33.32 7.85
N MET D 12 22.28 -34.65 7.81
CA MET D 12 23.30 -35.42 7.11
C MET D 12 23.09 -35.37 5.59
N LEU D 13 21.85 -35.53 5.14
CA LEU D 13 21.57 -35.48 3.71
C LEU D 13 21.76 -34.08 3.14
N ALA D 14 21.70 -33.04 3.97
CA ALA D 14 21.92 -31.69 3.47
C ALA D 14 23.38 -31.46 3.11
N GLU D 15 24.30 -32.01 3.90
CA GLU D 15 25.72 -31.88 3.63
C GLU D 15 26.28 -33.00 2.78
N TYR D 16 25.53 -34.09 2.60
CA TYR D 16 26.01 -35.19 1.76
C TYR D 16 25.85 -34.87 0.27
N GLN D 17 24.81 -34.11 -0.09
CA GLN D 17 24.58 -33.76 -1.49
C GLN D 17 25.51 -32.66 -1.99
N ALA D 18 26.27 -32.03 -1.09
CA ALA D 18 27.19 -30.96 -1.48
C ALA D 18 28.57 -31.53 -1.76
N GLN D 19 29.52 -30.65 -2.06
CA GLN D 19 30.89 -31.04 -2.36
C GLN D 19 31.90 -30.41 -1.42
N SER D 20 31.47 -29.61 -0.45
CA SER D 20 32.41 -28.97 0.47
C SER D 20 32.99 -29.97 1.46
N ASP D 21 32.14 -30.86 1.98
CA ASP D 21 32.56 -31.89 2.94
C ASP D 21 33.17 -31.28 4.20
N VAL D 22 32.68 -30.10 4.60
CA VAL D 22 33.17 -29.42 5.79
C VAL D 22 31.97 -29.02 6.64
N PRO D 23 32.13 -28.85 7.96
CA PRO D 23 31.00 -28.42 8.79
C PRO D 23 30.52 -27.02 8.40
N GLN D 24 29.31 -26.72 8.85
CA GLN D 24 28.69 -25.44 8.49
C GLN D 24 29.35 -24.27 9.22
N GLU D 25 29.73 -24.47 10.48
CA GLU D 25 30.34 -23.39 11.25
C GLU D 25 31.69 -22.97 10.69
N VAL D 26 32.37 -23.85 9.95
CA VAL D 26 33.63 -23.50 9.31
C VAL D 26 33.44 -23.14 7.83
N CYS D 27 32.33 -23.54 7.22
CA CYS D 27 32.08 -23.19 5.82
C CYS D 27 31.48 -21.79 5.70
N ASP D 28 30.65 -21.38 6.66
CA ASP D 28 30.04 -20.07 6.63
C ASP D 28 31.00 -18.95 7.01
N GLN D 29 32.23 -19.28 7.43
CA GLN D 29 33.23 -18.30 7.77
C GLN D 29 34.19 -18.00 6.63
N ILE D 30 34.51 -19.01 5.81
CA ILE D 30 35.39 -18.79 4.66
C ILE D 30 34.68 -17.97 3.60
N LEU D 31 33.39 -18.25 3.38
CA LEU D 31 32.63 -17.50 2.38
C LEU D 31 32.44 -16.04 2.79
N GLU D 32 32.31 -15.77 4.09
CA GLU D 32 32.14 -14.39 4.54
C GLU D 32 33.45 -13.63 4.48
N ALA D 33 34.58 -14.31 4.66
CA ALA D 33 35.90 -13.68 4.62
C ALA D 33 36.49 -13.68 3.21
N ALA D 34 35.70 -13.97 2.20
CA ALA D 34 36.14 -13.98 0.81
C ALA D 34 35.15 -13.22 -0.07
N LYS D 35 34.74 -12.04 0.39
CA LYS D 35 33.77 -11.21 -0.32
C LYS D 35 34.41 -10.40 -1.44
N GLU D 36 35.65 -10.71 -1.83
CA GLU D 36 36.30 -9.97 -2.90
C GLU D 36 35.70 -10.29 -4.27
N SER D 37 35.09 -11.47 -4.43
CA SER D 37 34.49 -11.87 -5.70
C SER D 37 33.02 -12.26 -5.53
N SER D 38 32.44 -12.07 -4.35
CA SER D 38 31.05 -12.41 -4.09
C SER D 38 30.13 -11.20 -4.09
N VAL D 39 30.63 -10.03 -4.51
CA VAL D 39 29.81 -8.84 -4.54
C VAL D 39 28.79 -8.96 -5.67
N GLY D 40 27.51 -8.76 -5.34
CA GLY D 40 26.44 -8.86 -6.31
C GLY D 40 25.62 -7.59 -6.34
N GLU D 41 24.82 -7.47 -7.40
CA GLU D 41 23.95 -6.31 -7.57
C GLU D 41 22.73 -6.45 -6.68
N ASP D 42 22.53 -5.50 -5.77
CA ASP D 42 21.41 -5.52 -4.86
C ASP D 42 20.26 -4.68 -5.41
N GLY D 43 19.06 -4.97 -4.91
CA GLY D 43 17.87 -4.26 -5.33
C GLY D 43 17.28 -4.69 -6.65
N VAL D 44 18.00 -5.47 -7.44
CA VAL D 44 17.52 -5.94 -8.75
C VAL D 44 17.40 -7.45 -8.69
N ARG D 45 16.27 -7.96 -9.16
CA ARG D 45 16.04 -9.41 -9.17
C ARG D 45 16.90 -10.07 -10.24
N SER D 46 17.25 -11.33 -9.99
CA SER D 46 18.07 -12.11 -10.91
C SER D 46 17.21 -13.05 -11.74
N GLN D 47 17.75 -13.46 -12.88
CA GLN D 47 17.07 -14.36 -13.80
C GLN D 47 17.87 -15.63 -14.08
N VAL D 48 19.02 -15.81 -13.44
CA VAL D 48 19.87 -16.97 -13.69
C VAL D 48 19.82 -17.99 -12.56
N LYS D 49 19.66 -17.57 -11.32
CA LYS D 49 19.59 -18.41 -10.12
C LYS D 49 20.84 -19.25 -9.89
N ILE D 50 21.92 -18.99 -10.64
CA ILE D 50 23.19 -19.67 -10.46
C ILE D 50 24.22 -18.64 -10.01
N ARG D 51 23.78 -17.66 -9.21
CA ARG D 51 24.62 -16.57 -8.77
C ARG D 51 25.83 -17.08 -7.97
N LYS D 52 26.73 -16.15 -7.67
CA LYS D 52 27.99 -16.49 -6.99
C LYS D 52 27.83 -17.38 -5.75
N PRO D 53 26.83 -17.20 -4.88
CA PRO D 53 26.65 -18.16 -3.77
C PRO D 53 26.47 -19.60 -4.23
N ASN D 54 26.02 -19.83 -5.46
CA ASN D 54 25.87 -21.18 -5.99
C ASN D 54 27.22 -21.68 -6.48
N GLY D 55 27.20 -22.76 -7.26
CA GLY D 55 28.42 -23.38 -7.72
C GLY D 55 28.18 -24.54 -8.67
N LYS D 56 28.87 -25.66 -8.45
CA LYS D 56 28.69 -26.83 -9.29
C LYS D 56 27.40 -27.56 -8.92
N ASN D 57 26.57 -27.83 -9.93
CA ASN D 57 25.34 -28.57 -9.75
C ASN D 57 25.25 -29.68 -10.80
N ASN D 58 24.26 -30.55 -10.62
CA ASN D 58 24.02 -31.65 -11.55
C ASN D 58 22.96 -31.23 -12.58
N ILE D 59 22.69 -32.13 -13.53
CA ILE D 59 21.70 -31.89 -14.56
C ILE D 59 20.36 -32.53 -14.24
N ARG D 60 20.26 -33.29 -13.15
CA ARG D 60 19.01 -33.93 -12.77
C ARG D 60 18.07 -32.93 -12.14
N TYR D 61 16.78 -33.09 -12.41
CA TYR D 61 15.75 -32.23 -11.85
C TYR D 61 15.20 -32.87 -10.57
N GLU D 62 15.38 -32.17 -9.44
CA GLU D 62 14.93 -32.64 -8.14
C GLU D 62 13.71 -31.85 -7.69
N TYR D 63 12.73 -32.56 -7.14
CA TYR D 63 11.50 -31.95 -6.66
C TYR D 63 11.12 -32.49 -5.28
N ASP D 64 12.12 -32.76 -4.44
CA ASP D 64 11.85 -33.28 -3.11
C ASP D 64 11.25 -32.20 -2.22
N LEU D 65 10.31 -32.60 -1.36
CA LEU D 65 9.65 -31.68 -0.46
C LEU D 65 10.53 -31.37 0.75
N ILE D 75 5.17 -21.37 10.11
CA ILE D 75 6.02 -20.43 9.38
C ILE D 75 5.96 -20.74 7.89
N THR D 76 5.49 -21.95 7.56
CA THR D 76 5.38 -22.36 6.17
C THR D 76 4.12 -21.83 5.50
N PHE D 77 3.12 -21.42 6.27
CA PHE D 77 1.88 -20.90 5.71
C PHE D 77 1.95 -19.39 5.48
N TYR D 78 2.31 -18.63 6.52
CA TYR D 78 2.43 -17.19 6.40
C TYR D 78 3.71 -16.83 5.67
N ARG D 79 3.92 -15.53 5.44
CA ARG D 79 5.07 -15.04 4.69
C ARG D 79 5.71 -13.89 5.47
N HIS D 80 6.96 -14.09 5.88
CA HIS D 80 7.73 -13.02 6.50
C HIS D 80 8.00 -11.93 5.46
N ILE D 81 7.40 -10.75 5.66
CA ILE D 81 7.43 -9.72 4.64
C ILE D 81 8.81 -9.08 4.54
N ASN D 82 9.22 -8.35 5.58
CA ASN D 82 10.56 -7.77 5.59
C ASN D 82 11.26 -7.78 6.94
N TYR D 83 10.61 -8.20 8.02
CA TYR D 83 11.21 -8.10 9.35
C TYR D 83 10.52 -9.09 10.28
N SER D 84 11.18 -9.37 11.40
CA SER D 84 10.65 -10.27 12.41
C SER D 84 11.28 -9.90 13.75
N ASP D 85 10.49 -9.28 14.63
CA ASP D 85 10.99 -8.87 15.94
C ASP D 85 10.38 -9.71 17.05
#